data_6V85
#
_entry.id   6V85
#
_cell.length_a   1.00
_cell.length_b   1.00
_cell.length_c   1.00
_cell.angle_alpha   90.00
_cell.angle_beta   90.00
_cell.angle_gamma   90.00
#
_symmetry.space_group_name_H-M   'P 1'
#
loop_
_entity.id
_entity.type
_entity.pdbx_description
1 polymer 'RNA-directed RNA polymerase L'
2 polymer Phosphoprotein
3 non-polymer 'ZINC ION'
#
loop_
_entity_poly.entity_id
_entity_poly.type
_entity_poly.pdbx_seq_one_letter_code
_entity_poly.pdbx_strand_id
1 'polypeptide(L)'
;MAGSREILLPEVHLNSPIVKHKLYYYILLGNLPNEIDLDDLGPLHNQNWNQIAHEESNLAQRLVNVRNFLITHIPDLRKG
HWQEYVNVILWPRILPLIPDFKINDQLPLLKNWDKLVKESCSVINAGTSQCIQNLSYGLTGRGNLFTRSRELSGDRRDID
LKTVVAAWHDSDWKRISDFWIMIKFQMRQLIVRQTDHNDSDLITYIENREGIIIITPELVALFNTENHTLTYMTFEIVLM
VSDMYEGRHNILSLCTVSTYLNPLKKRITYLLSLVDNLAFQIGDAVYNIIALLESFVYAQLQMSDPIPELRGQFHAFVCS
EILDALRGTNSFTQDELRTVTTNLISPFQDLTPDLTAELLCIMRLWGHPMLTASQAAGKVRESMCAGKVLDFPTIMKTLA
FFHTILINGYRRKHHGVWPPLNLPGNASKGLTELMNDNTEISYEFTLKHWKEVSLIKFKKCFDADAGEELSIFMKDKAIS
APKQDWMSVFRRSLIKQRHQHHQVPLPNPFNRRLLLNFLGDDKFDPNVELQYVTSGEYLHDDTFCASYSLKEKEIKPDGR
IFAKLTKRMRSCQVIAESLLANHAGKLMKENGVVMNQLSLTKSLLTMSQIGIISEKARKSTRDNINQPGFQNIQRNKSHH
SKQVNQRDPSDDFELAASFLTTDLKKYCLQWRYQTIIPFAQSLNRMYGYPHLFEWIHLRLMRSTLYVGDPFNPPADTSQF
DLDKVINGDIFIVSPRGGIEGLCQKAWTMISIAVIILSATESGTRVMSMVQGDNQAIAVTTRVPRSLPTLEKKTIAFRSC
NLFFERLKCNNFGLGHHLKEQETIISSHFFVYSKRIFYQGRILTQALKNASKLCLTADVLGECTQSSCSNLATTVMRLTE
NGVEKDICFYLNIYMTIKQLSYDIIFPQVSIPGDQITLEYINNPHLVSRLALLPSQLGGLNYLSCSRLFNRNIGDPVVSA
VADLKRLIKSGCMDYWILYNLLGRKPGNGSWATLAADPYSINIEYQYPPTTALKRHTQQALMELSTNPMLRGIFSDNAQA
EENNLARFLLDREVIFPRVAHIIIEQTSVGRRKQIQGYLDSTRSIMRKSLEIKPLSNRKLNEILDYNINYLAYNLALLKN
AIEPPTYLKAMTLETCSIDIARNLRKLSWAPLLGGRNLEGLETPDPIEITAGALIVGSGYCEQCAAGDNRFTWFFLPSGI
EIGGDPRDNPPIRVPYIGSRTDERRVASMAYIRGASSSLKAVLRLAGVYIWAFGDTLENWIDALDLSHTRVNITLEQLQS
LTPLPTSANLTHRLDDGTTTLKFTPASSYTFSSFTHISNDEQYLTINDKTADSNIIYQQLMITGLGILETWNNPPINRTF
EESTLHLHTGASCCVRPVDSCILSEALTVKPHITVPYSNKFVFDEDPLSEYETAKLESLSFQAQLGNIDAVDMTGKLTLL
SQFTARQIINAITGLDESVSLTNDAIVASDYVSNWISECMYTKLDELFMYCGWELLLELSYQMYYLRVVGWSNIVDYSYM
ILRRIPGAALNNLASTLSHPKLFRRAINLDIVAPLNAPHFASLDYIKMSVDAILWGCKRVINVLSNGGDLELVVTSEDSL
ILSDRSMNLIARKLTLLSLIHHNGLELPKIKGFSPDEKCFALTEFLRKVVNSGLSSIENLSNFMYNVENPRLAAFASNNY
YLTRKLLNSIRDTESGQVAVTSYYESLEYIDSLKLTPHVPGTSCIEDDSLCTNDYIIWIIESNANLEKYPIPNSPEDDSN
FHNFKLNAPSHHTLRPLGLSSTAWYKGISCCRYLERLKLPQGDHLYIAEGSGASMTIIEYLFPGRKIYYNSLFSSGDNPP
QRNYAPMPTQFIESVPYKLWQAHTDQYPEIFEDFIPLWNGNAAMTDIGMTACVEFIINRVGPRTCSLVHVDLESSASLNQ
QCLSKPIINAIITATTVLCPHGVLILKYSWLPFTRFSTLITFLWCYFERITVLRSTYSDPANHEVYLICILANNFAFQTV
SQATGMAMTLTDQGFTLISPERINQYWDGHLKQERIVAEAIDKVVLGENALFNSSDNELILKCGGTPNARNLIDIEPVAT
FIEFEQLICTMLTTHLKEIIDITRSGTQDYESLLLTPYNLGLLGKISTIVRLLTERILNHTIRNWLILPPSLRMIVKQDL
EFGIFRITSILNSDRFLKLSPNRKYLIAQLTAGYIRKLIEGDCNIDLTRPIQKQIWKALGCVVYCHDPMDQRESTEFIDI
NINEEIDRGIDGEEI
;
A
2 'polypeptide(L)'
;MDPTDLSFSPDEINKLIETGLNTVEYFTSQQVTGTSSLGKNTIPPGVTGLLTNAAEAKIQESTNHQKGSVGGGAKPKKPR
PKIAIVPADDKTVPGKPIPNPLLGLDSTPSTQTVLDLSGKTLPSGSYKGVKLAKFGKENLMTRFIEEPRENPIATSSPID
FKRGAGIPAGSIEGSTQSDGWEMKSRSLSGAIHPVLQSPLQQGDLNALVTSVQSLALNVNEILNTVRNLDSRMNQLETKV
DRILSSQSLIQTIKNDIVGLKAGMATLEGMITTVKIMDPGVPSNVTVEDVRKTLSNHAVVVPESFNDSFLTQSEDVISLD
ELARPTATSVKKIVRKVPPQKDLTGLKITLEQLAKDCISKPKMREEYLLKINQASSEAQLIDLKKAIIRSAI
;
F,B,C,D,E
#
loop_
_chem_comp.id
_chem_comp.type
_chem_comp.name
_chem_comp.formula
ZN non-polymer 'ZINC ION' 'Zn 2'
#
# COMPACT_ATOMS: atom_id res chain seq x y z
N ARG A 5 -45.00 -18.81 10.89
CA ARG A 5 -45.88 -17.77 10.37
C ARG A 5 -45.60 -16.43 11.03
N GLU A 6 -45.45 -16.46 12.36
CA GLU A 6 -45.42 -15.21 13.12
C GLU A 6 -44.18 -14.39 12.78
N ILE A 7 -43.03 -15.03 12.60
CA ILE A 7 -41.79 -14.32 12.33
C ILE A 7 -40.76 -15.31 11.82
N LEU A 8 -39.74 -14.80 11.13
CA LEU A 8 -38.50 -15.53 10.87
C LEU A 8 -38.77 -16.81 10.08
N LEU A 9 -39.16 -16.61 8.83
CA LEU A 9 -39.29 -17.75 7.91
C LEU A 9 -37.97 -18.51 7.84
N PRO A 10 -38.01 -19.82 7.60
CA PRO A 10 -36.76 -20.59 7.48
C PRO A 10 -35.91 -20.17 6.28
N GLU A 11 -34.71 -20.73 6.17
CA GLU A 11 -33.74 -20.26 5.21
C GLU A 11 -34.09 -20.72 3.80
N VAL A 12 -33.28 -20.27 2.84
CA VAL A 12 -33.44 -20.65 1.45
C VAL A 12 -32.16 -21.18 0.82
N HIS A 13 -31.01 -20.97 1.47
CA HIS A 13 -29.76 -21.53 0.95
C HIS A 13 -28.90 -21.95 2.12
N LEU A 14 -28.53 -23.22 2.15
CA LEU A 14 -27.98 -23.82 3.35
C LEU A 14 -26.67 -23.16 3.74
N ASN A 15 -26.48 -22.95 5.03
CA ASN A 15 -25.18 -22.64 5.60
C ASN A 15 -24.87 -23.64 6.70
N SER A 16 -25.42 -24.84 6.58
CA SER A 16 -25.20 -25.95 7.49
C SER A 16 -24.81 -27.17 6.67
N PRO A 17 -23.93 -28.02 7.17
CA PRO A 17 -23.50 -29.19 6.40
C PRO A 17 -24.63 -30.22 6.34
N ILE A 18 -24.42 -31.20 5.47
CA ILE A 18 -25.34 -32.31 5.30
C ILE A 18 -24.66 -33.59 5.80
N VAL A 19 -25.29 -34.25 6.76
CA VAL A 19 -24.71 -35.42 7.40
C VAL A 19 -25.39 -36.67 6.88
N LYS A 20 -24.83 -37.82 7.23
CA LYS A 20 -25.43 -39.11 6.96
C LYS A 20 -26.10 -39.71 8.19
N HIS A 21 -25.95 -39.07 9.34
CA HIS A 21 -26.61 -39.52 10.55
C HIS A 21 -28.10 -39.24 10.51
N LYS A 22 -28.49 -37.97 10.40
CA LYS A 22 -29.87 -37.58 10.62
C LYS A 22 -30.79 -38.12 9.52
N LEU A 23 -30.33 -38.13 8.27
CA LEU A 23 -31.15 -38.69 7.21
C LEU A 23 -31.42 -40.16 7.45
N TYR A 24 -30.41 -40.90 7.91
CA TYR A 24 -30.62 -42.30 8.24
C TYR A 24 -31.56 -42.45 9.43
N TYR A 25 -31.43 -41.56 10.41
CA TYR A 25 -32.32 -41.60 11.56
C TYR A 25 -33.77 -41.49 11.12
N TYR A 26 -34.07 -40.55 10.24
CA TYR A 26 -35.41 -40.47 9.68
C TYR A 26 -35.78 -41.75 8.93
N ILE A 27 -35.03 -42.07 7.88
CA ILE A 27 -35.47 -43.13 6.98
C ILE A 27 -35.48 -44.51 7.65
N LEU A 28 -34.91 -44.63 8.84
CA LEU A 28 -35.04 -45.86 9.60
C LEU A 28 -35.91 -45.72 10.84
N LEU A 29 -36.45 -44.53 11.10
CA LEU A 29 -37.49 -44.44 12.12
C LEU A 29 -38.71 -45.24 11.71
N GLY A 30 -39.10 -45.14 10.45
CA GLY A 30 -40.17 -45.97 9.93
C GLY A 30 -39.60 -47.03 9.02
N ASN A 31 -40.47 -47.83 8.39
CA ASN A 31 -40.01 -48.91 7.53
C ASN A 31 -39.86 -48.37 6.11
N LEU A 32 -38.69 -47.85 5.83
CA LEU A 32 -38.33 -47.45 4.47
C LEU A 32 -37.19 -48.35 4.01
N PRO A 33 -37.39 -49.20 2.99
CA PRO A 33 -36.42 -50.19 2.52
C PRO A 33 -35.09 -49.59 2.14
N GLY A 42 -23.40 -51.42 7.59
CA GLY A 42 -23.86 -50.25 6.86
C GLY A 42 -23.93 -49.01 7.72
N PRO A 43 -24.94 -48.93 8.59
CA PRO A 43 -25.05 -47.78 9.49
C PRO A 43 -23.93 -47.75 10.52
N LEU A 44 -23.90 -46.69 11.32
CA LEU A 44 -22.90 -46.53 12.38
C LEU A 44 -23.48 -46.73 13.77
N HIS A 45 -24.65 -47.36 13.86
CA HIS A 45 -25.27 -47.69 15.14
C HIS A 45 -26.44 -48.64 14.89
N ASN A 46 -26.50 -49.75 15.63
CA ASN A 46 -27.57 -50.73 15.46
C ASN A 46 -28.14 -51.01 16.85
N GLN A 47 -29.09 -50.19 17.28
CA GLN A 47 -29.54 -50.23 18.67
C GLN A 47 -31.01 -50.57 18.84
N ASN A 48 -31.93 -49.79 18.26
CA ASN A 48 -33.33 -49.97 18.58
C ASN A 48 -34.17 -49.07 17.68
N TRP A 49 -35.41 -49.49 17.44
CA TRP A 49 -36.34 -48.67 16.67
C TRP A 49 -37.65 -48.37 17.41
N ASN A 50 -38.30 -49.37 18.00
CA ASN A 50 -39.54 -49.12 18.71
C ASN A 50 -39.31 -48.20 19.91
N GLN A 51 -38.11 -48.26 20.49
CA GLN A 51 -37.71 -47.29 21.49
C GLN A 51 -37.90 -45.86 20.98
N ILE A 52 -37.32 -45.57 19.80
CA ILE A 52 -37.50 -44.25 19.21
C ILE A 52 -38.96 -44.01 18.89
N ALA A 53 -39.65 -45.04 18.39
CA ALA A 53 -41.04 -44.89 17.96
C ALA A 53 -41.90 -44.35 19.09
N HIS A 54 -41.97 -45.08 20.20
CA HIS A 54 -42.70 -44.55 21.33
C HIS A 54 -41.91 -43.49 22.10
N GLU A 55 -40.73 -43.11 21.63
CA GLU A 55 -39.96 -42.11 22.34
C GLU A 55 -40.38 -40.70 21.91
N GLU A 56 -41.68 -40.45 21.93
CA GLU A 56 -42.24 -39.10 21.89
C GLU A 56 -41.67 -38.28 20.74
N SER A 57 -42.01 -38.69 19.53
CA SER A 57 -41.59 -37.97 18.33
C SER A 57 -42.75 -37.45 17.50
N ASN A 58 -43.77 -38.28 17.28
CA ASN A 58 -44.92 -38.01 16.40
C ASN A 58 -44.46 -38.04 14.95
N LEU A 59 -43.14 -38.03 14.75
CA LEU A 59 -42.62 -38.28 13.42
C LEU A 59 -42.75 -39.75 13.09
N ALA A 60 -42.73 -40.60 14.11
CA ALA A 60 -43.10 -41.99 13.90
C ALA A 60 -44.51 -42.09 13.37
N GLN A 61 -45.45 -41.34 13.95
CA GLN A 61 -46.82 -41.36 13.46
C GLN A 61 -46.89 -40.83 12.03
N ARG A 62 -46.22 -39.72 11.77
CA ARG A 62 -46.24 -39.14 10.43
C ARG A 62 -45.67 -40.11 9.41
N LEU A 63 -44.54 -40.74 9.73
CA LEU A 63 -43.94 -41.67 8.80
C LEU A 63 -44.71 -42.98 8.71
N VAL A 64 -45.47 -43.34 9.74
CA VAL A 64 -46.43 -44.43 9.58
C VAL A 64 -47.45 -44.06 8.53
N ASN A 65 -47.94 -42.82 8.57
CA ASN A 65 -48.82 -42.35 7.51
C ASN A 65 -48.15 -42.43 6.16
N VAL A 66 -46.86 -42.06 6.11
CA VAL A 66 -46.12 -42.08 4.85
C VAL A 66 -46.04 -43.51 4.31
N ARG A 67 -45.67 -44.46 5.17
CA ARG A 67 -45.53 -45.83 4.71
C ARG A 67 -46.87 -46.42 4.33
N ASN A 68 -47.92 -46.03 5.04
CA ASN A 68 -49.27 -46.46 4.63
C ASN A 68 -49.57 -45.97 3.23
N PHE A 69 -49.38 -44.66 3.00
CA PHE A 69 -49.51 -44.09 1.66
C PHE A 69 -48.74 -44.93 0.64
N LEU A 70 -47.46 -45.15 0.90
CA LEU A 70 -46.60 -45.74 -0.11
C LEU A 70 -46.98 -47.18 -0.38
N ILE A 71 -47.12 -47.99 0.66
CA ILE A 71 -47.42 -49.41 0.49
C ILE A 71 -48.79 -49.58 -0.15
N THR A 72 -49.82 -48.95 0.43
CA THR A 72 -51.17 -49.16 -0.07
C THR A 72 -51.37 -48.50 -1.44
N HIS A 73 -50.46 -47.63 -1.83
CA HIS A 73 -50.68 -46.85 -3.04
C HIS A 73 -49.94 -47.44 -4.23
N ILE A 74 -48.78 -48.04 -4.01
CA ILE A 74 -48.05 -48.65 -5.12
C ILE A 74 -48.46 -50.10 -5.26
N PRO A 75 -48.25 -50.75 -6.41
CA PRO A 75 -48.61 -52.17 -6.53
C PRO A 75 -47.55 -53.12 -6.00
N ASP A 76 -46.29 -52.73 -5.97
CA ASP A 76 -45.21 -53.64 -5.58
C ASP A 76 -44.97 -53.51 -4.08
N LEU A 77 -45.91 -54.05 -3.32
CA LEU A 77 -45.88 -53.96 -1.86
C LEU A 77 -45.28 -55.20 -1.22
N ARG A 78 -45.52 -56.38 -1.80
CA ARG A 78 -44.97 -57.62 -1.27
C ARG A 78 -44.61 -58.51 -2.45
N LYS A 79 -43.32 -58.59 -2.76
CA LYS A 79 -42.85 -59.43 -3.85
C LYS A 79 -41.56 -60.12 -3.46
N GLY A 80 -40.86 -60.71 -4.43
CA GLY A 80 -39.70 -61.52 -4.14
C GLY A 80 -38.48 -60.77 -3.65
N HIS A 81 -37.84 -59.99 -4.52
CA HIS A 81 -36.55 -59.42 -4.17
C HIS A 81 -36.40 -57.98 -4.65
N TRP A 82 -37.45 -57.18 -4.57
CA TRP A 82 -37.37 -55.75 -4.86
C TRP A 82 -36.95 -55.47 -6.30
N GLN A 83 -36.86 -56.50 -7.13
CA GLN A 83 -36.36 -56.30 -8.48
C GLN A 83 -37.22 -55.35 -9.30
N GLU A 84 -38.44 -55.06 -8.85
CA GLU A 84 -39.25 -54.04 -9.51
C GLU A 84 -39.15 -52.71 -8.77
N TYR A 85 -38.46 -52.71 -7.65
CA TYR A 85 -38.70 -51.70 -6.62
C TYR A 85 -37.37 -51.42 -5.94
N VAL A 86 -36.65 -50.41 -6.41
CA VAL A 86 -35.28 -50.18 -5.95
C VAL A 86 -35.14 -48.73 -5.51
N ASN A 87 -34.55 -48.57 -4.33
CA ASN A 87 -34.31 -47.26 -3.73
C ASN A 87 -32.83 -46.99 -3.70
N VAL A 88 -32.39 -46.00 -4.47
CA VAL A 88 -30.98 -45.69 -4.65
C VAL A 88 -30.77 -44.27 -4.12
N ILE A 89 -30.39 -44.15 -2.85
CA ILE A 89 -30.05 -42.84 -2.30
C ILE A 89 -28.56 -42.63 -2.49
N LEU A 90 -27.90 -43.58 -3.16
CA LEU A 90 -26.45 -43.52 -3.35
C LEU A 90 -26.14 -42.47 -4.40
N TRP A 91 -26.57 -41.25 -4.15
CA TRP A 91 -26.40 -40.11 -5.03
C TRP A 91 -26.80 -40.45 -6.45
N PRO A 92 -28.09 -40.65 -6.70
CA PRO A 92 -28.57 -40.66 -8.08
C PRO A 92 -28.54 -39.25 -8.62
N ARG A 93 -27.89 -39.07 -9.76
CA ARG A 93 -27.89 -37.79 -10.44
C ARG A 93 -28.55 -37.89 -11.80
N ILE A 94 -28.22 -38.94 -12.55
CA ILE A 94 -28.93 -39.18 -13.81
C ILE A 94 -30.41 -39.39 -13.55
N LEU A 95 -30.78 -39.78 -12.33
CA LEU A 95 -32.21 -39.95 -12.04
C LEU A 95 -32.91 -38.63 -11.78
N PRO A 96 -32.40 -37.72 -10.94
CA PRO A 96 -33.00 -36.38 -10.91
C PRO A 96 -33.02 -35.73 -12.26
N LEU A 97 -31.99 -35.94 -13.07
CA LEU A 97 -32.03 -35.47 -14.44
C LEU A 97 -33.14 -36.13 -15.26
N ILE A 98 -33.44 -37.40 -15.00
CA ILE A 98 -34.37 -38.16 -15.83
C ILE A 98 -35.75 -37.60 -15.54
N PRO A 99 -36.76 -37.85 -16.38
CA PRO A 99 -38.10 -37.36 -16.05
C PRO A 99 -38.72 -38.03 -14.84
N ASP A 100 -38.25 -37.60 -13.66
CA ASP A 100 -38.87 -38.06 -12.43
C ASP A 100 -40.31 -37.56 -12.32
N PHE A 101 -40.55 -36.27 -12.60
CA PHE A 101 -41.90 -35.73 -12.69
C PHE A 101 -42.01 -34.82 -13.91
N LYS A 102 -41.50 -35.28 -15.04
CA LYS A 102 -41.68 -34.51 -16.26
C LYS A 102 -42.96 -34.98 -16.96
N ILE A 103 -44.09 -34.44 -16.50
CA ILE A 103 -45.35 -34.54 -17.22
C ILE A 103 -45.75 -33.12 -17.57
N ASN A 104 -46.01 -32.90 -18.85
CA ASN A 104 -45.90 -31.57 -19.45
C ASN A 104 -46.83 -30.56 -18.78
N ASP A 105 -47.94 -31.02 -18.24
CA ASP A 105 -48.91 -30.11 -17.61
C ASP A 105 -48.30 -29.57 -16.32
N GLN A 106 -47.68 -28.40 -16.41
CA GLN A 106 -47.16 -27.76 -15.22
C GLN A 106 -48.31 -27.22 -14.39
N LEU A 107 -48.06 -26.99 -13.11
CA LEU A 107 -49.04 -26.31 -12.30
C LEU A 107 -49.39 -24.97 -12.95
N PRO A 108 -50.66 -24.56 -12.92
CA PRO A 108 -51.04 -23.33 -13.63
C PRO A 108 -50.27 -22.11 -13.15
N LEU A 109 -49.60 -22.20 -12.00
CA LEU A 109 -48.79 -21.09 -11.54
C LEU A 109 -47.62 -20.83 -12.47
N LEU A 110 -46.83 -21.86 -12.77
CA LEU A 110 -45.61 -21.66 -13.52
C LEU A 110 -45.89 -21.18 -14.94
N LYS A 111 -46.98 -21.67 -15.54
CA LYS A 111 -47.36 -21.18 -16.85
C LYS A 111 -47.70 -19.69 -16.79
N ASN A 112 -48.37 -19.26 -15.72
CA ASN A 112 -48.63 -17.85 -15.52
C ASN A 112 -47.34 -17.06 -15.39
N TRP A 113 -46.39 -17.60 -14.63
CA TRP A 113 -45.08 -16.99 -14.51
C TRP A 113 -44.44 -16.76 -15.88
N ASP A 114 -44.42 -17.80 -16.70
CA ASP A 114 -43.83 -17.69 -18.03
C ASP A 114 -44.57 -16.65 -18.86
N LYS A 115 -45.91 -16.70 -18.85
CA LYS A 115 -46.68 -15.73 -19.60
C LYS A 115 -46.33 -14.31 -19.20
N LEU A 116 -46.26 -14.05 -17.90
CA LEU A 116 -46.02 -12.69 -17.42
C LEU A 116 -44.65 -12.20 -17.84
N VAL A 117 -43.62 -13.00 -17.58
CA VAL A 117 -42.27 -12.54 -17.90
C VAL A 117 -42.11 -12.34 -19.40
N LYS A 118 -42.56 -13.31 -20.20
CA LYS A 118 -42.42 -13.22 -21.65
C LYS A 118 -43.16 -12.00 -22.19
N GLU A 119 -44.34 -11.72 -21.65
CA GLU A 119 -45.10 -10.57 -22.13
C GLU A 119 -44.41 -9.26 -21.75
N SER A 120 -43.91 -9.17 -20.53
CA SER A 120 -43.16 -7.98 -20.14
C SER A 120 -41.99 -7.74 -21.09
N CYS A 121 -41.29 -8.81 -21.44
CA CYS A 121 -40.14 -8.66 -22.35
C CYS A 121 -40.60 -8.19 -23.72
N SER A 122 -41.64 -8.82 -24.27
CA SER A 122 -42.13 -8.41 -25.58
C SER A 122 -42.56 -6.95 -25.57
N VAL A 123 -43.00 -6.44 -24.42
CA VAL A 123 -43.39 -5.04 -24.35
C VAL A 123 -42.17 -4.14 -24.33
N ILE A 124 -41.22 -4.41 -23.44
CA ILE A 124 -40.13 -3.48 -23.20
C ILE A 124 -38.94 -3.76 -24.13
N ASN A 125 -39.12 -4.62 -25.13
CA ASN A 125 -38.00 -5.01 -25.99
C ASN A 125 -37.43 -3.82 -26.76
N ALA A 126 -38.26 -3.16 -27.57
CA ALA A 126 -37.73 -2.18 -28.50
C ALA A 126 -37.10 -1.01 -27.79
N GLY A 127 -37.67 -0.59 -26.65
CA GLY A 127 -37.19 0.62 -26.00
C GLY A 127 -35.78 0.51 -25.48
N THR A 128 -35.47 -0.58 -24.78
CA THR A 128 -34.14 -0.72 -24.20
C THR A 128 -33.06 -0.80 -25.27
N SER A 129 -33.37 -1.39 -26.42
CA SER A 129 -32.41 -1.42 -27.51
C SER A 129 -32.06 -0.01 -27.96
N GLN A 130 -33.08 0.84 -28.11
CA GLN A 130 -32.82 2.23 -28.49
C GLN A 130 -32.07 2.95 -27.38
N CYS A 131 -32.36 2.62 -26.12
CA CYS A 131 -31.62 3.19 -25.01
C CYS A 131 -30.13 2.90 -25.14
N ILE A 132 -29.79 1.64 -25.40
CA ILE A 132 -28.38 1.27 -25.50
C ILE A 132 -27.74 1.90 -26.73
N GLN A 133 -28.45 1.92 -27.86
CA GLN A 133 -27.85 2.51 -29.06
C GLN A 133 -27.62 4.01 -28.89
N ASN A 134 -28.53 4.70 -28.21
CA ASN A 134 -28.33 6.12 -27.96
C ASN A 134 -27.26 6.34 -26.90
N LEU A 135 -27.12 5.43 -25.95
CA LEU A 135 -25.99 5.50 -25.03
C LEU A 135 -24.68 5.35 -25.78
N SER A 136 -24.65 4.50 -26.79
CA SER A 136 -23.44 4.31 -27.57
C SER A 136 -23.11 5.57 -28.36
N TYR A 137 -24.07 6.08 -29.14
CA TYR A 137 -23.84 7.34 -29.84
C TYR A 137 -23.36 8.42 -28.88
N GLY A 138 -24.04 8.58 -27.74
CA GLY A 138 -23.69 9.65 -26.82
C GLY A 138 -22.25 9.59 -26.37
N LEU A 139 -21.72 8.38 -26.14
CA LEU A 139 -20.33 8.26 -25.74
C LEU A 139 -19.41 8.30 -26.96
N THR A 140 -19.53 7.32 -27.84
CA THR A 140 -18.67 7.36 -29.03
C THR A 140 -19.42 7.10 -30.32
N GLY A 141 -20.38 6.19 -30.32
CA GLY A 141 -21.07 5.82 -31.56
C GLY A 141 -20.88 4.38 -31.97
N ARG A 142 -21.92 3.56 -31.76
CA ARG A 142 -21.97 2.16 -32.22
C ARG A 142 -20.88 1.30 -31.59
N GLY A 143 -20.92 1.20 -30.26
CA GLY A 143 -20.04 0.30 -29.55
C GLY A 143 -20.60 -1.12 -29.57
N ASN A 144 -20.00 -1.95 -28.71
CA ASN A 144 -20.48 -3.32 -28.47
C ASN A 144 -20.47 -4.15 -29.77
N LEU A 145 -19.25 -4.40 -30.26
CA LEU A 145 -19.06 -5.06 -31.55
C LEU A 145 -18.40 -6.43 -31.39
N PHE A 146 -18.66 -7.30 -32.36
CA PHE A 146 -18.02 -8.60 -32.47
C PHE A 146 -17.39 -8.72 -33.85
N THR A 147 -16.30 -9.47 -33.93
CA THR A 147 -15.60 -9.69 -35.19
C THR A 147 -15.65 -11.15 -35.60
N ARG A 157 -25.40 -12.67 -36.35
CA ARG A 157 -24.88 -11.96 -35.19
C ARG A 157 -25.76 -10.79 -34.81
N ASP A 158 -26.55 -10.96 -33.74
CA ASP A 158 -27.38 -9.89 -33.22
C ASP A 158 -27.81 -10.25 -31.81
N ILE A 159 -28.06 -9.21 -31.00
CA ILE A 159 -28.49 -9.38 -29.62
C ILE A 159 -29.74 -8.54 -29.41
N ASP A 160 -30.57 -8.97 -28.46
CA ASP A 160 -31.75 -8.21 -28.07
C ASP A 160 -32.29 -8.80 -26.78
N LEU A 161 -33.02 -7.98 -26.03
CA LEU A 161 -33.63 -8.45 -24.80
C LEU A 161 -34.54 -9.64 -25.06
N LYS A 162 -35.37 -9.54 -26.10
CA LYS A 162 -36.22 -10.65 -26.48
C LYS A 162 -35.40 -11.88 -26.80
N THR A 163 -34.29 -11.70 -27.53
CA THR A 163 -33.39 -12.80 -27.79
C THR A 163 -32.81 -13.35 -26.48
N VAL A 164 -32.55 -12.47 -25.52
CA VAL A 164 -32.06 -12.92 -24.22
C VAL A 164 -33.05 -13.89 -23.59
N VAL A 165 -34.30 -13.45 -23.43
CA VAL A 165 -35.25 -14.31 -22.73
C VAL A 165 -35.52 -15.57 -23.55
N ALA A 166 -35.51 -15.46 -24.87
CA ALA A 166 -35.86 -16.62 -25.70
C ALA A 166 -34.75 -17.67 -25.70
N ALA A 167 -33.50 -17.23 -25.55
CA ALA A 167 -32.41 -18.20 -25.50
C ALA A 167 -31.99 -18.51 -24.07
N TRP A 168 -32.59 -17.85 -23.09
CA TRP A 168 -32.22 -18.05 -21.70
C TRP A 168 -33.26 -18.83 -20.92
N HIS A 169 -34.52 -18.72 -21.32
CA HIS A 169 -35.64 -19.24 -20.52
C HIS A 169 -36.61 -20.07 -21.33
N ASP A 170 -36.69 -19.91 -22.64
CA ASP A 170 -37.50 -20.81 -23.44
C ASP A 170 -36.59 -21.76 -24.20
N SER A 171 -35.47 -22.11 -23.57
CA SER A 171 -34.58 -23.13 -24.07
C SER A 171 -34.54 -24.25 -23.04
N ASP A 172 -33.98 -25.39 -23.45
CA ASP A 172 -34.02 -26.58 -22.61
C ASP A 172 -33.23 -26.36 -21.32
N TRP A 173 -33.33 -27.35 -20.44
CA TRP A 173 -32.63 -27.37 -19.16
C TRP A 173 -33.14 -26.28 -18.22
N LYS A 174 -34.46 -26.09 -18.18
CA LYS A 174 -35.04 -25.16 -17.24
C LYS A 174 -36.17 -25.78 -16.43
N ARG A 175 -36.97 -26.62 -17.10
CA ARG A 175 -38.11 -27.24 -16.44
C ARG A 175 -37.71 -27.95 -15.16
N ILE A 176 -36.50 -28.52 -15.11
CA ILE A 176 -36.02 -29.20 -13.91
C ILE A 176 -35.87 -28.20 -12.78
N SER A 177 -35.21 -27.08 -13.06
CA SER A 177 -35.04 -26.03 -12.06
C SER A 177 -36.40 -25.54 -11.56
N ASP A 178 -37.35 -25.36 -12.48
CA ASP A 178 -38.68 -24.91 -12.08
C ASP A 178 -39.33 -25.90 -11.14
N PHE A 179 -39.30 -27.18 -11.53
CA PHE A 179 -39.85 -28.24 -10.69
C PHE A 179 -39.27 -28.18 -9.28
N TRP A 180 -37.95 -28.07 -9.17
CA TRP A 180 -37.36 -28.12 -7.84
C TRP A 180 -37.62 -26.83 -7.07
N ILE A 181 -37.79 -25.70 -7.75
CA ILE A 181 -38.18 -24.49 -7.06
C ILE A 181 -39.55 -24.67 -6.42
N MET A 182 -40.49 -25.24 -7.18
CA MET A 182 -41.81 -25.52 -6.64
C MET A 182 -41.73 -26.43 -5.44
N ILE A 183 -40.93 -27.49 -5.54
CA ILE A 183 -40.79 -28.41 -4.41
C ILE A 183 -40.22 -27.68 -3.20
N LYS A 184 -39.23 -26.81 -3.43
CA LYS A 184 -38.63 -26.08 -2.34
C LYS A 184 -39.67 -25.21 -1.63
N PHE A 185 -40.48 -24.50 -2.40
CA PHE A 185 -41.48 -23.64 -1.79
C PHE A 185 -42.50 -24.44 -1.01
N GLN A 186 -42.94 -25.57 -1.57
CA GLN A 186 -43.91 -26.39 -0.86
C GLN A 186 -43.35 -26.87 0.46
N MET A 187 -42.09 -27.28 0.47
CA MET A 187 -41.48 -27.75 1.71
C MET A 187 -41.31 -26.60 2.70
N ARG A 188 -40.97 -25.42 2.20
CA ARG A 188 -40.83 -24.26 3.09
C ARG A 188 -42.15 -23.96 3.78
N GLN A 189 -43.22 -23.88 3.00
CA GLN A 189 -44.52 -23.55 3.58
C GLN A 189 -44.97 -24.66 4.53
N LEU A 190 -44.65 -25.91 4.21
CA LEU A 190 -44.98 -27.00 5.11
C LEU A 190 -44.24 -26.87 6.43
N ILE A 191 -42.95 -26.52 6.37
CA ILE A 191 -42.18 -26.32 7.60
C ILE A 191 -42.79 -25.20 8.41
N VAL A 192 -43.22 -24.13 7.74
CA VAL A 192 -43.86 -23.02 8.44
C VAL A 192 -45.09 -23.49 9.18
N ARG A 193 -45.99 -24.18 8.46
CA ARG A 193 -47.19 -24.69 9.10
C ARG A 193 -46.84 -25.60 10.27
N GLN A 194 -45.80 -26.41 10.13
CA GLN A 194 -45.37 -27.27 11.22
C GLN A 194 -44.97 -26.45 12.43
N THR A 195 -44.17 -25.41 12.21
CA THR A 195 -43.81 -24.51 13.32
C THR A 195 -45.03 -23.94 13.99
N ASP A 196 -46.08 -23.64 13.21
CA ASP A 196 -47.31 -23.17 13.82
C ASP A 196 -48.13 -24.31 14.39
N HIS A 197 -47.86 -25.55 13.97
CA HIS A 197 -48.54 -26.77 14.44
C HIS A 197 -50.06 -26.71 14.37
N LEU A 202 -49.17 -30.65 8.71
CA LEU A 202 -49.25 -32.05 8.30
C LEU A 202 -48.28 -32.35 7.17
N ILE A 203 -48.72 -33.17 6.23
CA ILE A 203 -47.94 -33.52 5.05
C ILE A 203 -48.82 -33.31 3.83
N THR A 204 -48.21 -33.33 2.65
CA THR A 204 -48.95 -33.22 1.40
C THR A 204 -48.66 -34.45 0.54
N TYR A 205 -49.72 -35.00 -0.05
CA TYR A 205 -49.70 -36.25 -0.79
C TYR A 205 -50.18 -35.95 -2.21
N ILE A 206 -49.31 -36.11 -3.18
CA ILE A 206 -49.60 -35.79 -4.57
C ILE A 206 -49.58 -37.10 -5.35
N GLU A 207 -50.76 -37.69 -5.54
CA GLU A 207 -50.93 -38.87 -6.37
C GLU A 207 -51.16 -38.44 -7.81
N ASN A 208 -50.55 -39.17 -8.74
CA ASN A 208 -50.56 -38.71 -10.12
C ASN A 208 -50.00 -39.80 -11.01
N ARG A 209 -50.34 -39.71 -12.29
CA ARG A 209 -49.78 -40.61 -13.28
C ARG A 209 -48.28 -40.37 -13.41
N GLU A 210 -47.52 -41.46 -13.49
CA GLU A 210 -46.07 -41.43 -13.63
C GLU A 210 -45.43 -40.66 -12.48
N GLY A 211 -45.57 -41.21 -11.29
CA GLY A 211 -44.92 -40.68 -10.10
C GLY A 211 -45.83 -40.66 -8.90
N ILE A 212 -45.23 -40.37 -7.75
CA ILE A 212 -45.94 -40.17 -6.50
C ILE A 212 -45.10 -39.27 -5.61
N ILE A 213 -45.71 -38.23 -5.07
CA ILE A 213 -45.01 -37.21 -4.31
C ILE A 213 -45.51 -37.24 -2.88
N ILE A 214 -44.58 -37.30 -1.93
CA ILE A 214 -44.90 -37.22 -0.51
C ILE A 214 -43.98 -36.16 0.08
N ILE A 215 -44.56 -35.13 0.68
CA ILE A 215 -43.76 -34.07 1.28
C ILE A 215 -44.16 -33.94 2.75
N THR A 216 -43.18 -34.14 3.62
CA THR A 216 -43.19 -33.96 5.06
C THR A 216 -42.42 -32.71 5.42
N PRO A 217 -42.66 -32.13 6.61
CA PRO A 217 -41.84 -30.99 7.03
C PRO A 217 -40.38 -31.33 7.22
N GLU A 218 -39.97 -32.59 7.03
CA GLU A 218 -38.56 -32.94 7.21
C GLU A 218 -38.06 -33.95 6.17
N LEU A 219 -38.87 -34.35 5.21
CA LEU A 219 -38.44 -35.37 4.25
C LEU A 219 -39.42 -35.38 3.08
N VAL A 220 -38.89 -35.70 1.90
CA VAL A 220 -39.67 -35.74 0.67
C VAL A 220 -39.30 -36.99 -0.11
N ALA A 221 -40.27 -37.51 -0.86
CA ALA A 221 -40.09 -38.78 -1.56
C ALA A 221 -40.20 -38.57 -3.06
N LEU A 222 -39.49 -39.41 -3.81
CA LEU A 222 -39.53 -39.35 -5.27
C LEU A 222 -39.60 -40.76 -5.82
N PHE A 223 -40.38 -40.93 -6.88
CA PHE A 223 -40.54 -42.22 -7.54
C PHE A 223 -41.31 -42.02 -8.84
N ASN A 224 -41.13 -42.96 -9.76
CA ASN A 224 -41.85 -42.95 -11.03
C ASN A 224 -42.32 -44.35 -11.41
N THR A 229 -35.64 -46.80 -8.77
CA THR A 229 -36.43 -45.71 -9.34
C THR A 229 -37.18 -44.95 -8.24
N LEU A 230 -36.80 -45.17 -6.99
CA LEU A 230 -37.36 -44.44 -5.86
C LEU A 230 -36.21 -43.88 -5.02
N THR A 231 -36.50 -42.79 -4.30
CA THR A 231 -35.49 -42.18 -3.44
C THR A 231 -36.13 -41.25 -2.43
N TYR A 232 -35.33 -40.86 -1.45
CA TYR A 232 -35.74 -39.98 -0.36
C TYR A 232 -34.77 -38.82 -0.24
N MET A 233 -35.27 -37.68 0.23
CA MET A 233 -34.43 -36.50 0.38
C MET A 233 -34.83 -35.75 1.64
N THR A 234 -33.86 -35.48 2.50
CA THR A 234 -34.12 -34.66 3.67
C THR A 234 -34.15 -33.18 3.27
N PHE A 235 -34.47 -32.34 4.26
CA PHE A 235 -34.71 -30.93 3.97
C PHE A 235 -33.50 -30.26 3.35
N GLU A 236 -32.35 -30.35 4.01
CA GLU A 236 -31.16 -29.72 3.46
C GLU A 236 -30.79 -30.30 2.11
N ILE A 237 -31.10 -31.59 1.89
CA ILE A 237 -30.71 -32.22 0.65
C ILE A 237 -31.49 -31.63 -0.52
N VAL A 238 -32.81 -31.48 -0.36
CA VAL A 238 -33.58 -30.92 -1.47
C VAL A 238 -33.17 -29.48 -1.73
N LEU A 239 -32.79 -28.77 -0.67
CA LEU A 239 -32.29 -27.42 -0.84
C LEU A 239 -31.02 -27.44 -1.68
N MET A 240 -30.08 -28.31 -1.32
CA MET A 240 -28.82 -28.39 -2.04
C MET A 240 -29.05 -28.72 -3.50
N VAL A 241 -29.96 -29.66 -3.78
CA VAL A 241 -30.13 -30.07 -5.16
C VAL A 241 -30.86 -29.00 -5.95
N SER A 242 -31.80 -28.29 -5.32
CA SER A 242 -32.47 -27.20 -6.01
C SER A 242 -31.49 -26.11 -6.37
N ASP A 243 -30.64 -25.73 -5.41
CA ASP A 243 -29.61 -24.73 -5.68
C ASP A 243 -28.69 -25.20 -6.79
N MET A 244 -28.23 -26.44 -6.70
CA MET A 244 -27.37 -26.99 -7.73
C MET A 244 -28.00 -26.85 -9.10
N TYR A 245 -29.26 -27.25 -9.22
CA TYR A 245 -29.91 -27.24 -10.53
C TYR A 245 -30.12 -25.82 -11.04
N GLU A 246 -30.61 -24.92 -10.20
CA GLU A 246 -30.83 -23.56 -10.69
C GLU A 246 -29.50 -22.93 -11.11
N GLY A 247 -28.44 -23.18 -10.35
CA GLY A 247 -27.15 -22.63 -10.73
C GLY A 247 -26.66 -23.19 -12.05
N ARG A 248 -26.81 -24.50 -12.23
CA ARG A 248 -26.32 -25.13 -13.46
C ARG A 248 -27.09 -24.62 -14.66
N HIS A 249 -28.41 -24.48 -14.49
CA HIS A 249 -29.23 -23.88 -15.54
C HIS A 249 -28.77 -22.46 -15.86
N ASN A 250 -28.55 -21.65 -14.83
CA ASN A 250 -28.04 -20.30 -15.03
C ASN A 250 -26.77 -20.31 -15.85
N ILE A 251 -25.83 -21.19 -15.49
CA ILE A 251 -24.52 -21.16 -16.13
C ILE A 251 -24.65 -21.53 -17.61
N LEU A 252 -25.23 -22.70 -17.89
CA LEU A 252 -25.31 -23.10 -19.29
C LEU A 252 -26.14 -22.12 -20.10
N SER A 253 -27.20 -21.57 -19.50
CA SER A 253 -28.06 -20.65 -20.23
C SER A 253 -27.32 -19.37 -20.55
N LEU A 254 -26.67 -18.77 -19.56
CA LEU A 254 -25.86 -17.58 -19.84
C LEU A 254 -24.81 -17.88 -20.88
N CYS A 255 -24.22 -19.07 -20.85
CA CYS A 255 -23.24 -19.41 -21.87
C CYS A 255 -23.88 -19.52 -23.24
N THR A 256 -25.19 -19.73 -23.32
CA THR A 256 -25.84 -19.68 -24.62
C THR A 256 -25.79 -18.28 -25.25
N VAL A 257 -25.71 -17.23 -24.43
CA VAL A 257 -25.50 -15.88 -24.96
C VAL A 257 -24.18 -15.84 -25.72
N SER A 258 -24.13 -15.04 -26.80
CA SER A 258 -23.01 -15.09 -27.72
C SER A 258 -21.68 -14.65 -27.11
N THR A 259 -21.67 -14.24 -25.84
CA THR A 259 -20.47 -13.66 -25.25
C THR A 259 -19.28 -14.63 -25.20
N TYR A 260 -19.37 -15.65 -24.35
CA TYR A 260 -18.34 -16.68 -24.23
C TYR A 260 -19.02 -17.97 -24.66
N LEU A 261 -18.99 -18.18 -25.96
CA LEU A 261 -19.95 -19.01 -26.66
C LEU A 261 -19.50 -20.48 -26.63
N ASN A 262 -19.98 -21.24 -27.61
CA ASN A 262 -20.08 -22.69 -27.78
C ASN A 262 -18.96 -23.48 -27.11
N PRO A 263 -17.68 -23.06 -27.17
CA PRO A 263 -16.66 -23.79 -26.42
C PRO A 263 -17.09 -24.18 -25.01
N LEU A 264 -17.42 -23.18 -24.19
CA LEU A 264 -17.74 -23.48 -22.81
C LEU A 264 -19.06 -24.23 -22.69
N LYS A 265 -20.03 -23.95 -23.56
CA LYS A 265 -21.32 -24.64 -23.49
C LYS A 265 -21.13 -26.14 -23.72
N LYS A 266 -20.50 -26.50 -24.83
CA LYS A 266 -20.24 -27.90 -25.12
C LYS A 266 -19.45 -28.55 -23.99
N ARG A 267 -18.41 -27.86 -23.51
CA ARG A 267 -17.57 -28.48 -22.50
C ARG A 267 -18.32 -28.71 -21.20
N ILE A 268 -19.07 -27.71 -20.75
CA ILE A 268 -19.75 -27.86 -19.47
C ILE A 268 -20.82 -28.94 -19.57
N THR A 269 -21.51 -29.06 -20.71
CA THR A 269 -22.55 -30.07 -20.77
C THR A 269 -21.96 -31.49 -20.84
N TYR A 270 -20.91 -31.67 -21.64
CA TYR A 270 -20.22 -32.95 -21.66
C TYR A 270 -19.75 -33.35 -20.28
N LEU A 271 -19.06 -32.42 -19.60
CA LEU A 271 -18.51 -32.70 -18.28
C LEU A 271 -19.61 -33.02 -17.28
N LEU A 272 -20.70 -32.27 -17.33
CA LEU A 272 -21.80 -32.52 -16.40
C LEU A 272 -22.34 -33.92 -16.58
N SER A 273 -22.71 -34.28 -17.81
CA SER A 273 -23.23 -35.62 -18.05
C SER A 273 -22.26 -36.67 -17.54
N LEU A 274 -20.99 -36.55 -17.91
CA LEU A 274 -20.03 -37.61 -17.58
C LEU A 274 -19.83 -37.73 -16.08
N VAL A 275 -19.61 -36.61 -15.40
CA VAL A 275 -19.31 -36.70 -13.97
C VAL A 275 -20.53 -37.14 -13.19
N ASP A 276 -21.74 -36.77 -13.63
CA ASP A 276 -22.92 -37.27 -12.93
C ASP A 276 -23.05 -38.78 -13.11
N ASN A 277 -22.86 -39.26 -14.34
CA ASN A 277 -22.83 -40.70 -14.57
C ASN A 277 -21.84 -41.37 -13.64
N LEU A 278 -20.64 -40.80 -13.51
CA LEU A 278 -19.61 -41.43 -12.68
C LEU A 278 -19.99 -41.40 -11.21
N ALA A 279 -20.59 -40.30 -10.77
CA ALA A 279 -21.00 -40.20 -9.38
C ALA A 279 -21.99 -41.31 -9.04
N PHE A 280 -22.93 -41.58 -9.95
CA PHE A 280 -23.78 -42.76 -9.74
C PHE A 280 -22.95 -44.03 -9.76
N GLN A 281 -21.96 -44.08 -10.66
CA GLN A 281 -21.21 -45.31 -10.86
C GLN A 281 -20.41 -45.71 -9.63
N ILE A 282 -19.99 -44.75 -8.81
CA ILE A 282 -19.07 -45.07 -7.73
C ILE A 282 -19.68 -44.80 -6.36
N GLY A 283 -19.96 -43.54 -6.06
CA GLY A 283 -20.31 -43.11 -4.73
C GLY A 283 -19.47 -41.93 -4.32
N ASP A 284 -19.43 -41.68 -3.02
CA ASP A 284 -18.80 -40.47 -2.46
C ASP A 284 -17.44 -40.18 -3.05
N ALA A 285 -16.73 -41.23 -3.49
CA ALA A 285 -15.40 -41.06 -4.05
C ALA A 285 -15.38 -40.06 -5.19
N VAL A 286 -16.49 -39.92 -5.92
CA VAL A 286 -16.54 -38.97 -7.02
C VAL A 286 -16.08 -37.60 -6.55
N TYR A 287 -16.54 -37.18 -5.37
CA TYR A 287 -16.19 -35.85 -4.87
C TYR A 287 -14.68 -35.66 -4.84
N ASN A 288 -13.96 -36.68 -4.38
CA ASN A 288 -12.50 -36.57 -4.33
C ASN A 288 -11.92 -36.18 -5.68
N ILE A 289 -12.34 -36.87 -6.76
CA ILE A 289 -11.76 -36.51 -8.04
C ILE A 289 -12.19 -35.11 -8.42
N ILE A 290 -13.42 -34.74 -8.10
CA ILE A 290 -13.85 -33.35 -8.30
C ILE A 290 -12.96 -32.41 -7.52
N ALA A 291 -12.65 -32.76 -6.28
CA ALA A 291 -11.64 -32.00 -5.54
C ALA A 291 -10.36 -31.90 -6.34
N LEU A 292 -9.84 -33.04 -6.82
CA LEU A 292 -8.65 -33.00 -7.65
C LEU A 292 -8.91 -32.24 -8.93
N LEU A 293 -10.14 -32.29 -9.44
CA LEU A 293 -10.42 -31.55 -10.66
C LEU A 293 -10.31 -30.06 -10.44
N GLU A 294 -10.52 -29.60 -9.20
CA GLU A 294 -10.30 -28.19 -8.89
C GLU A 294 -8.90 -27.77 -9.25
N SER A 295 -7.91 -28.33 -8.55
CA SER A 295 -6.52 -28.00 -8.82
C SER A 295 -6.10 -28.42 -10.22
N PHE A 296 -6.86 -29.31 -10.86
CA PHE A 296 -6.45 -29.80 -12.16
C PHE A 296 -6.29 -28.67 -13.16
N VAL A 297 -7.20 -27.70 -13.12
CA VAL A 297 -7.19 -26.64 -14.13
C VAL A 297 -5.83 -25.99 -14.22
N TYR A 298 -5.26 -25.59 -13.08
CA TYR A 298 -3.97 -24.93 -13.09
C TYR A 298 -2.97 -25.72 -13.92
N ALA A 299 -2.94 -27.03 -13.75
CA ALA A 299 -2.08 -27.88 -14.57
C ALA A 299 -2.37 -27.67 -16.04
N GLN A 300 -3.59 -27.97 -16.47
CA GLN A 300 -3.98 -27.69 -17.85
C GLN A 300 -3.68 -26.25 -18.22
N LEU A 301 -3.73 -25.35 -17.24
CA LEU A 301 -3.54 -23.94 -17.48
C LEU A 301 -2.08 -23.55 -17.59
N GLN A 302 -1.18 -24.35 -17.00
CA GLN A 302 0.23 -23.99 -16.97
C GLN A 302 1.03 -24.63 -18.09
N MET A 303 0.39 -25.25 -19.07
CA MET A 303 1.12 -25.83 -20.19
C MET A 303 1.64 -24.72 -21.08
N SER A 304 2.57 -23.94 -20.52
CA SER A 304 3.17 -22.80 -21.20
C SER A 304 4.41 -23.27 -21.94
N ASP A 305 4.28 -23.37 -23.27
CA ASP A 305 5.36 -23.91 -24.10
C ASP A 305 6.73 -23.25 -23.87
N PRO A 306 6.85 -21.95 -23.56
CA PRO A 306 8.19 -21.39 -23.32
C PRO A 306 9.00 -22.12 -22.27
N ILE A 307 8.52 -22.22 -21.04
CA ILE A 307 9.28 -22.82 -19.94
C ILE A 307 8.82 -24.25 -19.76
N PRO A 308 9.72 -25.23 -19.88
CA PRO A 308 9.27 -26.63 -19.76
C PRO A 308 9.27 -27.17 -18.34
N GLU A 309 8.91 -28.45 -18.24
CA GLU A 309 9.00 -29.30 -17.06
C GLU A 309 7.96 -28.97 -16.00
N LEU A 310 7.31 -27.83 -16.12
CA LEU A 310 6.26 -27.51 -15.16
C LEU A 310 4.95 -28.15 -15.60
N ARG A 311 4.71 -28.18 -16.91
CA ARG A 311 3.57 -28.91 -17.44
C ARG A 311 3.63 -30.38 -17.04
N GLY A 312 4.69 -31.06 -17.43
CA GLY A 312 4.84 -32.45 -17.06
C GLY A 312 4.98 -32.63 -15.57
N GLN A 313 5.20 -31.55 -14.81
CA GLN A 313 5.14 -31.74 -13.37
C GLN A 313 3.70 -31.83 -12.91
N PHE A 314 2.95 -30.73 -13.03
CA PHE A 314 1.68 -30.69 -12.32
C PHE A 314 0.59 -31.47 -13.05
N HIS A 315 0.57 -31.40 -14.38
CA HIS A 315 -0.40 -32.17 -15.13
C HIS A 315 -0.29 -33.66 -14.80
N ALA A 316 0.93 -34.20 -14.89
CA ALA A 316 1.13 -35.61 -14.61
C ALA A 316 0.78 -35.95 -13.16
N PHE A 317 1.23 -35.10 -12.22
CA PHE A 317 0.94 -35.38 -10.82
C PHE A 317 -0.55 -35.48 -10.58
N VAL A 318 -1.31 -34.51 -11.08
CA VAL A 318 -2.74 -34.50 -10.79
C VAL A 318 -3.44 -35.64 -11.52
N CYS A 319 -2.98 -36.00 -12.74
CA CYS A 319 -3.64 -37.09 -13.44
C CYS A 319 -3.41 -38.41 -12.72
N SER A 320 -2.18 -38.64 -12.26
CA SER A 320 -1.90 -39.86 -11.50
C SER A 320 -2.69 -39.88 -10.19
N GLU A 321 -2.84 -38.73 -9.54
CA GLU A 321 -3.59 -38.70 -8.29
C GLU A 321 -5.06 -39.01 -8.55
N ILE A 322 -5.59 -38.53 -9.67
CA ILE A 322 -6.96 -38.87 -10.03
C ILE A 322 -7.07 -40.38 -10.26
N LEU A 323 -6.08 -40.94 -10.95
CA LEU A 323 -6.07 -42.38 -11.20
C LEU A 323 -6.13 -43.17 -9.89
N ASP A 324 -5.32 -42.75 -8.92
CA ASP A 324 -5.32 -43.43 -7.62
C ASP A 324 -6.66 -43.28 -6.92
N ALA A 325 -7.10 -42.04 -6.71
CA ALA A 325 -8.34 -41.81 -5.98
C ALA A 325 -9.54 -42.39 -6.70
N LEU A 326 -9.38 -42.78 -7.96
CA LEU A 326 -10.45 -43.47 -8.66
C LEU A 326 -10.36 -44.97 -8.44
N ARG A 327 -9.20 -45.55 -8.71
CA ARG A 327 -9.05 -47.00 -8.59
C ARG A 327 -9.23 -47.47 -7.15
N GLY A 328 -8.98 -46.62 -6.18
CA GLY A 328 -9.08 -47.02 -4.79
C GLY A 328 -10.43 -47.55 -4.37
N THR A 329 -11.44 -47.41 -5.23
CA THR A 329 -12.79 -47.87 -4.90
C THR A 329 -13.33 -48.81 -5.97
N ASN A 330 -12.45 -49.59 -6.59
CA ASN A 330 -12.81 -50.81 -7.31
C ASN A 330 -13.80 -50.53 -8.46
N SER A 331 -13.32 -49.79 -9.45
CA SER A 331 -14.10 -49.59 -10.66
C SER A 331 -13.72 -50.58 -11.75
N PHE A 332 -12.46 -50.55 -12.19
CA PHE A 332 -11.95 -51.45 -13.21
C PHE A 332 -10.43 -51.27 -13.31
N THR A 333 -9.78 -52.19 -14.01
CA THR A 333 -8.32 -52.25 -13.96
C THR A 333 -7.65 -51.27 -14.93
N GLN A 334 -7.79 -51.48 -16.23
CA GLN A 334 -7.01 -50.70 -17.19
C GLN A 334 -7.87 -49.99 -18.23
N ASP A 335 -8.78 -50.69 -18.90
CA ASP A 335 -9.53 -50.07 -19.99
C ASP A 335 -10.40 -48.94 -19.48
N GLU A 336 -11.25 -49.23 -18.50
CA GLU A 336 -12.14 -48.22 -17.95
C GLU A 336 -11.36 -47.05 -17.35
N LEU A 337 -10.30 -47.36 -16.59
CA LEU A 337 -9.51 -46.28 -15.99
C LEU A 337 -8.91 -45.37 -17.05
N ARG A 338 -8.20 -45.97 -18.01
CA ARG A 338 -7.58 -45.22 -19.09
C ARG A 338 -8.61 -44.33 -19.79
N THR A 339 -9.71 -44.93 -20.22
CA THR A 339 -10.67 -44.19 -21.03
C THR A 339 -11.39 -43.12 -20.21
N VAL A 340 -11.71 -43.39 -18.94
CA VAL A 340 -12.45 -42.41 -18.14
C VAL A 340 -11.55 -41.24 -17.80
N THR A 341 -10.26 -41.51 -17.56
CA THR A 341 -9.34 -40.39 -17.36
C THR A 341 -9.20 -39.58 -18.63
N THR A 342 -9.07 -40.26 -19.78
CA THR A 342 -8.97 -39.54 -21.05
C THR A 342 -10.18 -38.64 -21.25
N ASN A 343 -11.37 -39.15 -20.92
CA ASN A 343 -12.57 -38.37 -21.15
C ASN A 343 -12.70 -37.23 -20.15
N LEU A 344 -12.24 -37.43 -18.91
CA LEU A 344 -12.23 -36.33 -17.95
C LEU A 344 -11.19 -35.28 -18.30
N ILE A 345 -10.19 -35.63 -19.12
CA ILE A 345 -9.24 -34.62 -19.56
C ILE A 345 -9.68 -33.96 -20.87
N SER A 346 -10.50 -34.65 -21.65
CA SER A 346 -10.90 -34.14 -22.97
C SER A 346 -11.47 -32.73 -22.98
N PRO A 347 -12.25 -32.28 -22.00
CA PRO A 347 -12.86 -30.95 -22.13
C PRO A 347 -11.89 -29.79 -21.94
N PHE A 348 -10.58 -30.03 -22.01
CA PHE A 348 -9.60 -28.95 -21.93
C PHE A 348 -8.57 -29.07 -23.04
N GLN A 349 -8.92 -28.56 -24.22
CA GLN A 349 -7.99 -28.50 -25.35
C GLN A 349 -8.32 -27.30 -26.20
N ASP A 350 -7.28 -26.63 -26.69
CA ASP A 350 -7.44 -25.52 -27.63
C ASP A 350 -8.35 -24.44 -27.05
N LEU A 351 -8.00 -23.97 -25.86
CA LEU A 351 -8.69 -22.87 -25.23
C LEU A 351 -7.69 -21.79 -24.87
N THR A 352 -8.21 -20.67 -24.41
CA THR A 352 -7.38 -19.61 -23.87
C THR A 352 -7.53 -19.59 -22.35
N PRO A 353 -6.56 -19.03 -21.62
CA PRO A 353 -6.57 -19.13 -20.16
C PRO A 353 -7.87 -18.72 -19.48
N ASP A 354 -8.41 -17.55 -19.80
CA ASP A 354 -9.62 -17.07 -19.13
C ASP A 354 -10.74 -18.09 -19.21
N LEU A 355 -10.96 -18.66 -20.40
CA LEU A 355 -12.01 -19.66 -20.55
C LEU A 355 -11.79 -20.82 -19.60
N THR A 356 -10.54 -21.26 -19.46
CA THR A 356 -10.25 -22.35 -18.54
C THR A 356 -10.57 -21.96 -17.11
N ALA A 357 -10.27 -20.72 -16.73
CA ALA A 357 -10.58 -20.29 -15.37
C ALA A 357 -12.08 -20.33 -15.12
N GLU A 358 -12.85 -19.81 -16.07
CA GLU A 358 -14.30 -19.90 -15.95
C GLU A 358 -14.75 -21.35 -15.83
N LEU A 359 -14.15 -22.21 -16.65
CA LEU A 359 -14.57 -23.61 -16.64
C LEU A 359 -14.30 -24.24 -15.29
N LEU A 360 -13.19 -23.86 -14.65
CA LEU A 360 -12.93 -24.23 -13.26
C LEU A 360 -14.09 -23.82 -12.36
N CYS A 361 -14.30 -22.50 -12.30
CA CYS A 361 -15.23 -21.95 -11.34
C CYS A 361 -16.61 -22.53 -11.50
N ILE A 362 -16.91 -23.08 -12.67
CA ILE A 362 -18.19 -23.78 -12.80
C ILE A 362 -18.02 -25.28 -12.62
N MET A 363 -16.82 -25.79 -12.85
CA MET A 363 -16.56 -27.20 -12.63
C MET A 363 -16.89 -27.58 -11.20
N ARG A 364 -16.83 -26.63 -10.28
CA ARG A 364 -17.42 -26.91 -8.96
C ARG A 364 -18.94 -26.72 -9.04
N LEU A 365 -19.67 -27.78 -9.41
CA LEU A 365 -21.12 -27.64 -9.49
C LEU A 365 -21.93 -28.90 -9.13
N TRP A 366 -21.58 -29.64 -8.09
CA TRP A 366 -22.26 -30.92 -7.89
C TRP A 366 -22.80 -31.13 -6.47
N GLY A 367 -23.02 -30.05 -5.74
CA GLY A 367 -23.63 -30.19 -4.42
C GLY A 367 -22.62 -30.62 -3.38
N HIS A 368 -22.65 -30.00 -2.22
CA HIS A 368 -21.66 -30.28 -1.18
C HIS A 368 -21.94 -31.68 -0.64
N PRO A 369 -20.97 -32.60 -0.65
CA PRO A 369 -21.28 -34.01 -0.36
C PRO A 369 -21.79 -34.21 1.06
N MET A 370 -22.40 -35.37 1.29
CA MET A 370 -22.88 -35.69 2.62
C MET A 370 -21.72 -36.14 3.50
N LEU A 371 -21.79 -35.79 4.77
CA LEU A 371 -20.72 -36.04 5.71
C LEU A 371 -21.00 -37.31 6.51
N THR A 372 -19.98 -37.76 7.25
CA THR A 372 -20.06 -38.85 8.22
C THR A 372 -19.02 -38.58 9.29
N ALA A 373 -19.42 -38.62 10.56
CA ALA A 373 -18.53 -38.20 11.64
C ALA A 373 -17.21 -38.98 11.63
N SER A 374 -17.29 -40.28 11.35
CA SER A 374 -16.14 -41.15 11.54
C SER A 374 -14.96 -40.72 10.67
N GLN A 375 -15.21 -40.41 9.40
CA GLN A 375 -14.10 -40.14 8.49
C GLN A 375 -13.36 -38.86 8.87
N ALA A 376 -14.10 -37.80 9.19
CA ALA A 376 -13.46 -36.55 9.56
C ALA A 376 -12.66 -36.72 10.84
N ALA A 377 -13.26 -37.34 11.85
CA ALA A 377 -12.52 -37.59 13.07
C ALA A 377 -11.28 -38.42 12.80
N GLY A 378 -11.37 -39.37 11.85
CA GLY A 378 -10.22 -40.22 11.56
C GLY A 378 -9.08 -39.48 10.90
N LYS A 379 -9.40 -38.59 9.96
CA LYS A 379 -8.34 -37.80 9.33
C LYS A 379 -7.67 -36.88 10.35
N VAL A 380 -8.48 -36.17 11.13
CA VAL A 380 -7.86 -35.27 12.10
C VAL A 380 -7.10 -36.04 13.18
N ARG A 381 -7.46 -37.32 13.39
CA ARG A 381 -6.62 -38.19 14.21
C ARG A 381 -5.31 -38.50 13.51
N GLU A 382 -5.36 -38.76 12.20
CA GLU A 382 -4.13 -38.92 11.45
C GLU A 382 -3.24 -37.70 11.59
N SER A 383 -3.82 -36.57 12.02
CA SER A 383 -3.02 -35.43 12.45
C SER A 383 -2.71 -35.40 13.95
N MET A 384 -2.99 -36.49 14.68
CA MET A 384 -2.62 -36.56 16.08
C MET A 384 -1.16 -36.96 16.15
N CYS A 385 -0.67 -37.41 17.30
CA CYS A 385 0.74 -37.73 17.49
C CYS A 385 1.33 -38.47 16.29
N ALA A 386 2.37 -37.90 15.70
CA ALA A 386 3.03 -38.53 14.57
C ALA A 386 4.55 -38.37 14.63
N GLY A 387 5.09 -37.77 15.69
CA GLY A 387 6.55 -37.73 15.75
C GLY A 387 7.09 -36.37 16.13
N LYS A 388 7.90 -36.36 17.19
CA LYS A 388 8.60 -35.16 17.66
C LYS A 388 9.93 -35.08 16.90
N VAL A 389 9.82 -34.77 15.61
CA VAL A 389 10.97 -34.64 14.72
C VAL A 389 11.08 -33.16 14.39
N LEU A 390 11.93 -32.44 15.12
CA LEU A 390 12.15 -31.01 14.89
C LEU A 390 13.63 -30.75 14.77
N ASP A 391 14.00 -29.75 13.97
CA ASP A 391 15.39 -29.41 13.76
C ASP A 391 15.70 -28.13 14.53
N PHE A 392 16.31 -28.28 15.70
CA PHE A 392 16.63 -27.15 16.55
C PHE A 392 17.38 -26.04 15.83
N PRO A 393 18.37 -26.31 14.96
CA PRO A 393 18.99 -25.19 14.23
C PRO A 393 17.99 -24.41 13.39
N THR A 394 17.08 -25.11 12.70
CA THR A 394 16.13 -24.40 11.84
C THR A 394 15.17 -23.57 12.66
N ILE A 395 14.62 -24.15 13.73
CA ILE A 395 13.68 -23.39 14.55
C ILE A 395 14.38 -22.21 15.22
N MET A 396 15.65 -22.38 15.57
CA MET A 396 16.38 -21.27 16.18
C MET A 396 16.63 -20.17 15.16
N LYS A 397 16.97 -20.53 13.93
CA LYS A 397 17.19 -19.52 12.89
C LYS A 397 15.92 -18.73 12.63
N THR A 398 14.80 -19.44 12.45
CA THR A 398 13.56 -18.70 12.22
C THR A 398 13.16 -17.90 13.45
N LEU A 399 13.54 -18.35 14.64
CA LEU A 399 13.33 -17.52 15.83
C LEU A 399 14.11 -16.23 15.73
N ALA A 400 15.37 -16.33 15.34
CA ALA A 400 16.19 -15.13 15.19
C ALA A 400 15.57 -14.18 14.18
N PHE A 401 14.98 -14.71 13.13
CA PHE A 401 14.41 -13.82 12.13
C PHE A 401 13.11 -13.21 12.61
N PHE A 402 12.30 -13.94 13.38
CA PHE A 402 11.18 -13.31 14.03
C PHE A 402 11.65 -12.14 14.88
N HIS A 403 12.76 -12.34 15.59
CA HIS A 403 13.31 -11.27 16.42
C HIS A 403 13.70 -10.06 15.60
N THR A 404 14.44 -10.27 14.50
CA THR A 404 14.90 -9.13 13.72
C THR A 404 13.73 -8.42 13.05
N ILE A 405 12.73 -9.17 12.58
CA ILE A 405 11.56 -8.53 12.00
C ILE A 405 10.87 -7.64 13.02
N LEU A 406 10.64 -8.18 14.22
CA LEU A 406 9.98 -7.41 15.27
C LEU A 406 10.78 -6.16 15.62
N ILE A 407 12.10 -6.30 15.77
CA ILE A 407 12.92 -5.17 16.17
C ILE A 407 12.94 -4.10 15.08
N ASN A 408 13.21 -4.51 13.85
CA ASN A 408 13.21 -3.57 12.73
C ASN A 408 11.88 -2.84 12.63
N GLY A 409 10.77 -3.56 12.75
CA GLY A 409 9.48 -2.92 12.65
C GLY A 409 9.24 -1.91 13.76
N TYR A 410 9.49 -2.31 15.01
CA TYR A 410 9.22 -1.40 16.11
C TYR A 410 10.11 -0.16 16.03
N ARG A 411 11.35 -0.32 15.58
CA ARG A 411 12.20 0.85 15.42
C ARG A 411 11.64 1.75 14.32
N ARG A 412 11.15 1.14 13.24
CA ARG A 412 10.58 1.88 12.07
C ARG A 412 9.52 2.90 12.52
N LYS A 413 8.36 2.39 12.96
CA LYS A 413 7.17 3.19 13.34
C LYS A 413 7.46 4.05 14.58
N HIS A 414 8.19 3.50 15.56
CA HIS A 414 8.52 4.25 16.80
C HIS A 414 9.37 5.47 16.45
N HIS A 415 10.30 5.32 15.48
CA HIS A 415 11.21 6.40 15.00
C HIS A 415 12.02 7.01 16.15
N GLY A 416 12.49 6.16 17.06
CA GLY A 416 13.31 6.52 18.22
C GLY A 416 14.31 5.40 18.48
N VAL A 417 14.28 4.80 19.67
CA VAL A 417 15.20 3.63 19.89
C VAL A 417 14.42 2.32 19.72
N TRP A 418 15.04 1.17 20.00
CA TRP A 418 14.33 -0.13 19.89
C TRP A 418 13.73 -0.53 21.24
N PRO A 419 13.78 -1.82 21.63
CA PRO A 419 13.25 -2.27 22.92
C PRO A 419 14.22 -1.86 24.06
N PRO A 420 13.77 -1.82 25.33
CA PRO A 420 14.66 -1.41 26.44
C PRO A 420 15.88 -2.33 26.55
N LEU A 421 15.68 -3.64 26.44
CA LEU A 421 16.84 -4.58 26.48
C LEU A 421 16.83 -5.41 25.19
N ASN A 422 17.84 -5.25 24.33
CA ASN A 422 17.87 -6.02 23.06
C ASN A 422 19.23 -6.72 22.85
N LEU A 423 20.17 -6.58 23.79
CA LEU A 423 21.51 -7.18 23.53
C LEU A 423 21.99 -8.04 24.72
N PRO A 424 21.40 -9.24 24.95
CA PRO A 424 21.88 -10.14 26.00
C PRO A 424 22.63 -11.25 25.26
N GLY A 425 23.93 -11.40 25.51
CA GLY A 425 24.71 -12.44 24.80
C GLY A 425 26.09 -11.96 24.39
N ASN A 426 26.71 -12.67 23.46
CA ASN A 426 28.09 -12.35 22.97
C ASN A 426 28.04 -11.38 21.78
N ALA A 427 29.22 -11.09 21.23
CA ALA A 427 29.50 -10.19 20.07
C ALA A 427 29.21 -8.71 20.36
N SER A 428 30.26 -7.91 20.56
CA SER A 428 30.07 -6.48 20.75
C SER A 428 29.51 -5.79 19.53
N LYS A 429 29.31 -6.53 18.42
CA LYS A 429 28.78 -5.91 17.21
C LYS A 429 27.28 -5.69 17.33
N GLY A 430 26.55 -6.68 17.82
CA GLY A 430 25.17 -6.46 18.18
C GLY A 430 25.04 -5.39 19.25
N LEU A 431 25.98 -5.36 20.19
CA LEU A 431 26.00 -4.31 21.20
C LEU A 431 26.21 -2.95 20.56
N THR A 432 27.01 -2.89 19.50
CA THR A 432 27.18 -1.65 18.75
C THR A 432 25.87 -1.24 18.11
N GLU A 433 25.22 -2.18 17.42
CA GLU A 433 23.91 -1.92 16.84
C GLU A 433 22.95 -1.36 17.89
N LEU A 434 23.02 -1.89 19.11
CA LEU A 434 22.11 -1.45 20.16
C LEU A 434 22.45 -0.03 20.62
N MET A 435 23.65 0.14 21.17
CA MET A 435 24.01 1.44 21.75
C MET A 435 23.99 2.55 20.71
N ASN A 436 24.14 2.21 19.43
CA ASN A 436 24.14 3.20 18.38
C ASN A 436 22.75 3.47 17.82
N ASP A 437 21.79 2.58 18.09
CA ASP A 437 20.41 2.71 17.61
C ASP A 437 20.37 2.78 16.08
N ASN A 438 20.89 1.75 15.44
CA ASN A 438 20.76 1.63 14.00
C ASN A 438 19.36 1.16 13.66
N THR A 439 18.67 1.93 12.82
CA THR A 439 17.29 1.61 12.48
C THR A 439 17.15 0.32 11.71
N GLU A 440 18.25 -0.31 11.30
CA GLU A 440 18.20 -1.46 10.44
C GLU A 440 19.05 -2.58 11.02
N ILE A 441 18.60 -3.81 10.83
CA ILE A 441 19.39 -5.00 11.12
C ILE A 441 19.25 -5.90 9.90
N SER A 442 20.27 -5.91 9.05
CA SER A 442 20.17 -6.62 7.78
C SER A 442 19.95 -8.11 8.01
N TYR A 443 19.07 -8.70 7.20
CA TYR A 443 18.90 -10.15 7.22
C TYR A 443 20.23 -10.86 7.00
N GLU A 444 21.01 -10.38 6.04
CA GLU A 444 22.33 -10.95 5.82
C GLU A 444 23.15 -10.94 7.09
N PHE A 445 23.07 -9.86 7.86
CA PHE A 445 23.79 -9.81 9.12
C PHE A 445 23.23 -10.81 10.12
N THR A 446 21.96 -10.63 10.50
CA THR A 446 21.40 -11.43 11.58
C THR A 446 21.39 -12.92 11.27
N LEU A 447 21.56 -13.30 10.00
CA LEU A 447 21.79 -14.71 9.71
C LEU A 447 23.08 -15.20 10.36
N LYS A 448 24.06 -14.33 10.52
CA LYS A 448 25.38 -14.72 11.00
C LYS A 448 25.47 -14.77 12.51
N HIS A 449 24.37 -14.89 13.24
CA HIS A 449 24.43 -14.90 14.69
C HIS A 449 23.31 -15.74 15.27
N TRP A 450 23.36 -15.95 16.58
CA TRP A 450 22.31 -16.63 17.32
C TRP A 450 21.82 -15.72 18.44
N LYS A 451 20.56 -15.93 18.83
CA LYS A 451 19.91 -15.20 19.90
C LYS A 451 20.15 -13.71 19.77
N GLU A 452 19.69 -13.17 18.65
CA GLU A 452 19.89 -11.75 18.35
C GLU A 452 19.37 -10.87 19.46
N VAL A 453 18.43 -11.38 20.26
CA VAL A 453 18.01 -10.73 21.49
C VAL A 453 17.29 -11.79 22.32
N SER A 454 17.18 -11.55 23.61
CA SER A 454 16.42 -12.46 24.46
C SER A 454 15.46 -11.61 25.30
N LEU A 455 14.34 -11.24 24.71
CA LEU A 455 13.36 -10.44 25.43
C LEU A 455 12.55 -11.35 26.36
N ILE A 456 13.23 -12.06 27.25
CA ILE A 456 12.59 -13.03 28.11
C ILE A 456 12.98 -12.77 29.56
N LYS A 457 11.97 -12.59 30.41
CA LYS A 457 12.16 -12.37 31.84
C LYS A 457 10.92 -12.92 32.56
N PHE A 458 10.75 -12.52 33.82
CA PHE A 458 9.51 -12.75 34.56
C PHE A 458 9.10 -11.54 35.41
N LYS A 459 9.37 -10.32 34.96
CA LYS A 459 9.17 -9.16 35.82
C LYS A 459 8.03 -8.26 35.36
N LYS A 460 8.10 -7.71 34.15
CA LYS A 460 7.29 -6.56 33.79
C LYS A 460 6.80 -6.68 32.35
N CYS A 461 6.16 -5.63 31.87
CA CYS A 461 5.59 -5.58 30.52
C CYS A 461 6.26 -4.47 29.71
N PHE A 462 6.38 -4.71 28.41
CA PHE A 462 6.99 -3.75 27.51
C PHE A 462 5.98 -3.27 26.48
N ASP A 463 6.14 -1.99 26.09
CA ASP A 463 5.63 -1.41 24.85
C ASP A 463 4.17 -1.76 24.54
N ALA A 464 3.34 -2.00 25.55
CA ALA A 464 1.95 -2.30 25.26
C ALA A 464 1.13 -2.23 26.55
N ASP A 465 -0.19 -2.33 26.38
CA ASP A 465 -1.13 -2.45 27.48
C ASP A 465 -2.40 -3.09 26.94
N ALA A 466 -3.28 -3.51 27.85
CA ALA A 466 -4.47 -4.26 27.47
C ALA A 466 -5.72 -3.62 28.06
N GLY A 467 -6.87 -4.13 27.64
CA GLY A 467 -8.15 -3.66 28.14
C GLY A 467 -8.83 -2.60 27.29
N GLU A 468 -8.97 -2.86 25.99
CA GLU A 468 -9.47 -1.87 25.06
C GLU A 468 -10.34 -2.56 24.02
N GLU A 469 -10.71 -1.80 22.98
CA GLU A 469 -11.44 -2.30 21.82
C GLU A 469 -12.72 -3.03 22.22
N LEU A 470 -13.69 -2.28 22.75
CA LEU A 470 -14.91 -2.89 23.28
C LEU A 470 -15.71 -3.63 22.20
N SER A 471 -15.20 -3.68 20.97
CA SER A 471 -15.94 -4.36 19.91
C SER A 471 -16.03 -5.87 20.16
N ILE A 472 -14.89 -6.52 20.36
CA ILE A 472 -14.81 -7.98 20.19
C ILE A 472 -15.81 -8.69 21.10
N PHE A 473 -15.84 -8.37 22.39
CA PHE A 473 -16.73 -9.09 23.28
C PHE A 473 -18.18 -8.90 22.89
N MET A 474 -18.48 -7.86 22.11
CA MET A 474 -19.84 -7.64 21.65
C MET A 474 -20.15 -8.53 20.46
N LYS A 475 -19.17 -9.30 20.02
CA LYS A 475 -19.38 -10.27 18.96
C LYS A 475 -19.29 -11.68 19.54
N ASP A 476 -20.18 -12.55 19.10
CA ASP A 476 -20.25 -13.90 19.63
C ASP A 476 -19.79 -14.91 18.59
N LYS A 477 -19.10 -15.94 19.08
CA LYS A 477 -18.64 -17.04 18.25
C LYS A 477 -19.15 -18.34 18.87
N ALA A 478 -18.80 -19.46 18.25
CA ALA A 478 -19.27 -20.75 18.75
C ALA A 478 -18.75 -21.01 20.15
N ILE A 479 -19.54 -21.75 20.93
CA ILE A 479 -19.22 -22.04 22.32
C ILE A 479 -19.80 -23.40 22.68
N SER A 480 -19.00 -24.21 23.37
CA SER A 480 -19.38 -25.57 23.69
C SER A 480 -19.90 -25.69 25.12
N ALA A 481 -20.24 -26.90 25.49
CA ALA A 481 -20.86 -27.23 26.76
C ALA A 481 -19.80 -27.52 27.80
N PRO A 482 -20.18 -27.59 29.08
CA PRO A 482 -19.21 -27.97 30.12
C PRO A 482 -18.86 -29.45 30.09
N LYS A 483 -18.12 -29.88 31.12
CA LYS A 483 -17.59 -31.24 31.19
C LYS A 483 -18.59 -32.31 30.76
N GLN A 484 -19.78 -32.31 31.37
CA GLN A 484 -20.79 -33.32 31.07
C GLN A 484 -21.42 -32.95 29.74
N ASP A 485 -20.85 -33.50 28.66
CA ASP A 485 -21.18 -33.02 27.33
C ASP A 485 -22.23 -33.86 26.62
N TRP A 486 -21.96 -35.15 26.44
CA TRP A 486 -22.76 -35.98 25.53
C TRP A 486 -24.25 -35.81 25.77
N MET A 487 -24.65 -35.89 27.04
CA MET A 487 -26.06 -35.73 27.40
C MET A 487 -26.57 -34.34 27.04
N SER A 488 -25.67 -33.39 26.82
CA SER A 488 -26.10 -32.07 26.38
C SER A 488 -26.03 -31.94 24.87
N VAL A 489 -25.20 -32.74 24.22
CA VAL A 489 -24.97 -32.53 22.80
C VAL A 489 -25.96 -33.34 21.97
N PHE A 490 -26.49 -34.45 22.47
CA PHE A 490 -27.44 -35.18 21.65
C PHE A 490 -28.30 -36.09 22.50
N ARG A 491 -29.32 -36.67 21.86
CA ARG A 491 -30.30 -37.58 22.43
C ARG A 491 -29.82 -39.03 22.32
N ARG A 492 -30.73 -39.98 22.52
CA ARG A 492 -30.44 -41.41 22.45
C ARG A 492 -29.43 -41.83 23.51
N SER A 493 -29.86 -41.71 24.76
CA SER A 493 -29.03 -42.03 25.91
C SER A 493 -29.44 -43.36 26.52
N LEU A 494 -28.59 -43.86 27.43
CA LEU A 494 -28.77 -45.14 28.09
C LEU A 494 -28.94 -46.25 27.06
N PRO A 507 -27.96 -36.85 32.61
CA PRO A 507 -28.60 -36.28 31.41
C PRO A 507 -29.13 -34.87 31.62
N ASN A 508 -28.45 -33.86 31.10
CA ASN A 508 -28.94 -32.50 31.24
C ASN A 508 -28.51 -31.61 30.07
N PRO A 509 -29.38 -30.74 29.60
CA PRO A 509 -29.02 -29.81 28.54
C PRO A 509 -28.51 -28.47 29.08
N PHE A 510 -27.79 -27.76 28.22
CA PHE A 510 -27.31 -26.43 28.55
C PHE A 510 -27.89 -25.35 27.65
N ASN A 511 -27.72 -25.46 26.33
CA ASN A 511 -28.16 -24.47 25.34
C ASN A 511 -27.86 -23.05 25.83
N ARG A 512 -26.58 -22.77 26.03
CA ARG A 512 -26.14 -21.46 26.48
C ARG A 512 -25.61 -20.67 25.30
N ARG A 513 -25.19 -19.43 25.57
CA ARG A 513 -24.63 -18.57 24.55
C ARG A 513 -23.63 -17.62 25.17
N LEU A 514 -22.44 -17.53 24.57
CA LEU A 514 -21.41 -16.62 25.07
C LEU A 514 -21.90 -15.20 25.09
N LEU A 515 -22.64 -14.79 24.07
CA LEU A 515 -23.08 -13.40 23.98
C LEU A 515 -24.07 -13.07 25.09
N LEU A 516 -25.08 -13.91 25.28
CA LEU A 516 -26.02 -13.72 26.38
C LEU A 516 -25.29 -13.75 27.71
N ASN A 517 -24.36 -14.67 27.88
CA ASN A 517 -23.64 -14.79 29.15
C ASN A 517 -22.85 -13.52 29.45
N PHE A 518 -22.11 -13.04 28.46
CA PHE A 518 -21.27 -11.86 28.67
C PHE A 518 -22.11 -10.61 28.89
N LEU A 519 -23.17 -10.44 28.09
CA LEU A 519 -24.05 -9.31 28.32
C LEU A 519 -24.76 -9.40 29.66
N GLY A 520 -24.91 -10.61 30.19
CA GLY A 520 -25.53 -10.80 31.48
C GLY A 520 -24.53 -11.16 32.54
N ASP A 521 -23.28 -10.75 32.33
CA ASP A 521 -22.22 -10.96 33.30
C ASP A 521 -22.02 -9.69 34.12
N ASP A 522 -21.59 -9.87 35.36
CA ASP A 522 -21.33 -8.75 36.26
C ASP A 522 -19.87 -8.82 36.70
N LYS A 523 -19.28 -7.65 36.97
CA LYS A 523 -17.91 -7.56 37.47
C LYS A 523 -16.92 -8.14 36.45
N PHE A 524 -17.29 -8.11 35.18
CA PHE A 524 -16.38 -8.56 34.15
C PHE A 524 -15.22 -7.57 34.05
N ASP A 525 -14.01 -8.09 34.00
CA ASP A 525 -12.82 -7.30 33.79
C ASP A 525 -11.97 -7.95 32.71
N PRO A 526 -11.80 -7.31 31.56
CA PRO A 526 -10.92 -7.88 30.53
C PRO A 526 -9.52 -8.20 31.04
N ASN A 527 -9.13 -7.67 32.19
CA ASN A 527 -7.78 -7.93 32.70
C ASN A 527 -7.77 -9.12 33.66
N VAL A 528 -8.59 -9.09 34.71
CA VAL A 528 -8.47 -10.10 35.75
C VAL A 528 -8.78 -11.49 35.20
N GLU A 529 -9.59 -11.55 34.15
CA GLU A 529 -9.84 -12.84 33.51
C GLU A 529 -8.54 -13.45 33.02
N LEU A 530 -7.62 -12.61 32.55
CA LEU A 530 -6.38 -13.12 31.99
C LEU A 530 -5.49 -13.73 33.07
N GLN A 531 -5.40 -13.10 34.23
CA GLN A 531 -4.59 -13.68 35.30
C GLN A 531 -5.28 -14.89 35.91
N TYR A 532 -6.61 -14.87 35.95
CA TYR A 532 -7.34 -16.07 36.34
C TYR A 532 -7.08 -17.22 35.38
N VAL A 533 -6.85 -16.91 34.11
CA VAL A 533 -6.52 -17.96 33.14
C VAL A 533 -5.08 -18.41 33.32
N THR A 534 -4.14 -17.48 33.34
CA THR A 534 -2.74 -17.79 33.50
C THR A 534 -2.39 -18.27 34.91
N SER A 535 -3.39 -18.44 35.77
CA SER A 535 -3.15 -18.95 37.12
C SER A 535 -3.81 -20.30 37.30
N GLY A 536 -3.81 -20.81 38.53
CA GLY A 536 -4.39 -22.11 38.82
C GLY A 536 -5.88 -22.17 38.56
N HIS A 540 -6.75 -24.87 33.97
CA HIS A 540 -6.33 -25.69 35.10
C HIS A 540 -7.37 -26.74 35.48
N ASP A 541 -8.50 -26.28 35.98
CA ASP A 541 -9.51 -27.17 36.54
C ASP A 541 -10.17 -28.00 35.45
N ASP A 542 -10.74 -29.14 35.86
CA ASP A 542 -11.32 -30.11 34.94
C ASP A 542 -12.73 -29.74 34.48
N THR A 543 -12.93 -28.52 34.00
CA THR A 543 -14.26 -28.09 33.53
C THR A 543 -14.19 -27.63 32.09
N PHE A 544 -13.32 -28.26 31.31
CA PHE A 544 -13.04 -27.78 29.95
C PHE A 544 -13.04 -29.00 29.02
N CYS A 545 -14.01 -29.05 28.12
CA CYS A 545 -14.09 -30.09 27.10
C CYS A 545 -14.54 -29.47 25.79
N ALA A 546 -13.60 -29.27 24.89
CA ALA A 546 -13.86 -28.62 23.62
C ALA A 546 -14.47 -29.64 22.65
N SER A 547 -15.40 -29.18 21.83
CA SER A 547 -16.07 -30.04 20.86
C SER A 547 -15.69 -29.59 19.45
N TYR A 548 -15.86 -30.51 18.50
CA TYR A 548 -15.44 -30.31 17.11
C TYR A 548 -16.69 -30.37 16.23
N SER A 549 -16.77 -29.53 15.22
CA SER A 549 -17.98 -29.43 14.40
C SER A 549 -18.29 -30.68 13.59
N PHE A 562 -15.23 -25.68 12.06
CA PHE A 562 -15.58 -24.97 13.28
C PHE A 562 -15.07 -25.70 14.51
N ALA A 563 -14.84 -24.96 15.58
CA ALA A 563 -14.48 -25.52 16.87
C ALA A 563 -15.02 -24.62 17.98
N LYS A 564 -15.29 -25.23 19.14
CA LYS A 564 -15.84 -24.47 20.25
C LYS A 564 -15.43 -25.12 21.56
N LEU A 565 -15.57 -24.35 22.63
CA LEU A 565 -15.13 -24.76 23.97
C LEU A 565 -15.84 -23.89 24.99
N THR A 566 -15.39 -23.95 26.24
CA THR A 566 -16.11 -23.32 27.32
C THR A 566 -16.07 -21.80 27.20
N LYS A 567 -16.71 -21.12 28.15
CA LYS A 567 -16.85 -19.68 28.03
C LYS A 567 -15.54 -18.97 28.37
N ARG A 568 -14.88 -19.37 29.45
CA ARG A 568 -13.76 -18.58 29.95
C ARG A 568 -12.55 -18.72 29.02
N MET A 569 -12.29 -19.93 28.54
CA MET A 569 -11.16 -20.11 27.65
C MET A 569 -11.41 -19.44 26.30
N ARG A 570 -12.65 -19.47 25.79
CA ARG A 570 -12.92 -18.77 24.54
C ARG A 570 -12.79 -17.27 24.72
N SER A 571 -13.22 -16.76 25.86
CA SER A 571 -13.08 -15.33 26.15
C SER A 571 -11.61 -14.94 26.17
N CYS A 572 -10.79 -15.65 26.95
CA CYS A 572 -9.38 -15.29 26.99
C CYS A 572 -8.74 -15.49 25.63
N GLN A 573 -9.23 -16.45 24.84
CA GLN A 573 -8.73 -16.64 23.49
C GLN A 573 -8.94 -15.39 22.66
N VAL A 574 -10.18 -14.91 22.59
CA VAL A 574 -10.46 -13.75 21.75
C VAL A 574 -9.72 -12.53 22.28
N ILE A 575 -9.56 -12.44 23.60
CA ILE A 575 -8.80 -11.33 24.16
C ILE A 575 -7.35 -11.36 23.68
N ALA A 576 -6.71 -12.52 23.76
CA ALA A 576 -5.32 -12.62 23.35
C ALA A 576 -5.16 -12.33 21.87
N GLU A 577 -6.08 -12.83 21.05
CA GLU A 577 -5.96 -12.55 19.63
C GLU A 577 -6.14 -11.07 19.35
N SER A 578 -7.05 -10.42 20.07
CA SER A 578 -7.21 -8.97 19.92
C SER A 578 -5.91 -8.26 20.27
N LEU A 579 -5.29 -8.65 21.38
CA LEU A 579 -4.04 -8.01 21.78
C LEU A 579 -2.97 -8.16 20.70
N LEU A 580 -2.78 -9.39 20.21
CA LEU A 580 -1.77 -9.63 19.20
C LEU A 580 -2.04 -8.80 17.96
N ALA A 581 -3.21 -9.00 17.34
CA ALA A 581 -3.54 -8.30 16.10
C ALA A 581 -3.69 -6.81 16.27
N ASN A 582 -3.78 -6.31 17.50
CA ASN A 582 -3.90 -4.88 17.74
C ASN A 582 -2.53 -4.22 17.85
N HIS A 583 -1.62 -4.82 18.63
CA HIS A 583 -0.33 -4.20 18.82
C HIS A 583 0.74 -4.83 17.92
N ALA A 584 0.99 -6.13 18.08
CA ALA A 584 2.06 -6.75 17.32
C ALA A 584 1.68 -6.98 15.87
N GLY A 585 0.39 -7.19 15.61
CA GLY A 585 -0.06 -7.47 14.25
C GLY A 585 0.28 -6.37 13.27
N LYS A 586 0.46 -5.14 13.75
CA LYS A 586 0.70 -4.02 12.85
C LYS A 586 2.06 -4.14 12.17
N LEU A 587 3.05 -4.67 12.87
CA LEU A 587 4.42 -4.69 12.38
C LEU A 587 4.52 -5.71 11.26
N MET A 588 4.47 -5.23 10.02
CA MET A 588 4.43 -6.09 8.84
C MET A 588 5.55 -5.71 7.88
N LYS A 589 6.22 -6.72 7.32
CA LYS A 589 7.22 -6.52 6.29
C LYS A 589 7.08 -7.60 5.22
N GLU A 590 7.65 -7.32 4.06
CA GLU A 590 7.66 -8.23 2.91
C GLU A 590 6.26 -8.51 2.36
N ASN A 591 5.26 -7.75 2.79
CA ASN A 591 3.89 -7.99 2.35
C ASN A 591 3.14 -6.67 2.29
N GLY A 592 2.50 -6.42 1.14
CA GLY A 592 1.73 -5.21 0.94
C GLY A 592 0.26 -5.33 1.30
N VAL A 593 -0.06 -5.38 2.59
CA VAL A 593 -1.44 -5.56 3.04
C VAL A 593 -1.85 -4.49 4.06
N VAL A 594 -1.15 -3.36 4.08
CA VAL A 594 -1.46 -2.31 5.07
C VAL A 594 -2.86 -1.75 4.83
N MET A 595 -3.12 -1.22 3.64
CA MET A 595 -4.39 -0.56 3.37
C MET A 595 -5.41 -1.57 2.84
N ASN A 596 -6.66 -1.12 2.76
CA ASN A 596 -7.78 -2.04 2.60
C ASN A 596 -7.83 -2.63 1.19
N GLN A 597 -8.01 -1.79 0.18
CA GLN A 597 -8.26 -2.27 -1.17
C GLN A 597 -7.21 -1.80 -2.18
N LEU A 598 -6.99 -0.48 -2.25
CA LEU A 598 -6.07 0.06 -3.25
C LEU A 598 -4.70 -0.57 -3.13
N SER A 599 -4.14 -0.59 -1.93
CA SER A 599 -2.83 -1.20 -1.73
C SER A 599 -2.83 -2.64 -2.20
N LEU A 600 -3.88 -3.38 -1.85
CA LEU A 600 -3.95 -4.79 -2.23
C LEU A 600 -3.87 -4.96 -3.74
N THR A 601 -4.81 -4.37 -4.47
CA THR A 601 -4.85 -4.55 -5.91
C THR A 601 -3.58 -4.04 -6.56
N LYS A 602 -3.10 -2.87 -6.12
CA LYS A 602 -1.94 -2.24 -6.72
C LYS A 602 -0.71 -3.10 -6.52
N SER A 603 -0.44 -3.50 -5.27
CA SER A 603 0.71 -4.35 -4.99
C SER A 603 0.64 -5.63 -5.81
N LEU A 604 -0.53 -6.26 -5.85
CA LEU A 604 -0.65 -7.52 -6.59
C LEU A 604 -0.29 -7.32 -8.06
N LEU A 605 -0.96 -6.39 -8.72
CA LEU A 605 -0.71 -6.22 -10.13
C LEU A 605 0.73 -5.77 -10.38
N THR A 606 1.32 -5.02 -9.45
CA THR A 606 2.69 -4.59 -9.65
C THR A 606 3.64 -5.76 -9.54
N MET A 607 3.37 -6.70 -8.64
CA MET A 607 4.17 -7.92 -8.61
C MET A 607 4.07 -8.65 -9.94
N SER A 608 2.84 -8.93 -10.37
CA SER A 608 2.65 -9.69 -11.59
C SER A 608 3.26 -8.98 -12.79
N GLN A 609 3.42 -7.66 -12.71
CA GLN A 609 4.07 -6.92 -13.78
C GLN A 609 5.59 -6.98 -13.67
N ILE A 610 6.12 -6.61 -12.50
CA ILE A 610 7.56 -6.55 -12.22
C ILE A 610 8.18 -7.90 -12.51
N GLY A 611 7.35 -8.93 -12.61
CA GLY A 611 7.80 -10.14 -13.27
C GLY A 611 8.42 -9.86 -14.62
N ILE A 612 7.89 -8.87 -15.35
CA ILE A 612 8.26 -8.69 -16.74
C ILE A 612 8.60 -7.23 -17.03
N ILE A 613 9.36 -7.02 -18.10
CA ILE A 613 9.66 -5.71 -18.66
C ILE A 613 9.22 -5.73 -20.13
N SER A 614 9.49 -4.64 -20.84
CA SER A 614 9.21 -4.59 -22.27
C SER A 614 9.90 -5.70 -23.04
N ALA A 656 12.68 -12.33 -15.92
CA ALA A 656 12.90 -12.20 -14.50
C ALA A 656 11.65 -12.58 -13.71
N ALA A 657 10.73 -13.29 -14.36
CA ALA A 657 9.46 -13.65 -13.77
C ALA A 657 9.47 -15.12 -13.40
N SER A 658 9.27 -15.39 -12.11
CA SER A 658 9.08 -16.77 -11.66
C SER A 658 8.41 -16.70 -10.28
N PHE A 659 7.18 -17.22 -10.21
CA PHE A 659 6.39 -17.24 -8.99
C PHE A 659 6.17 -18.69 -8.58
N LEU A 660 5.83 -18.89 -7.32
CA LEU A 660 5.32 -20.15 -6.85
C LEU A 660 4.41 -19.88 -5.65
N THR A 661 3.44 -20.77 -5.45
CA THR A 661 2.47 -20.52 -4.39
C THR A 661 2.17 -21.79 -3.64
N THR A 662 1.92 -21.61 -2.35
CA THR A 662 1.67 -22.70 -1.41
C THR A 662 0.29 -22.49 -0.80
N ASP A 663 -0.57 -23.49 -0.94
CA ASP A 663 -1.97 -23.36 -0.61
C ASP A 663 -2.49 -24.66 -0.04
N LEU A 664 -2.91 -24.64 1.23
CA LEU A 664 -3.84 -25.62 1.78
C LEU A 664 -4.12 -25.25 3.24
N LYS A 665 -5.08 -25.95 3.83
CA LYS A 665 -5.53 -25.68 5.19
C LYS A 665 -4.97 -26.63 6.24
N LYS A 666 -4.71 -27.88 5.87
CA LYS A 666 -4.14 -28.83 6.83
C LYS A 666 -2.84 -28.32 7.42
N TYR A 667 -2.13 -27.47 6.68
CA TYR A 667 -0.93 -26.77 7.12
C TYR A 667 -1.11 -26.23 8.54
N CYS A 668 -2.30 -25.75 8.86
CA CYS A 668 -2.51 -25.11 10.15
C CYS A 668 -2.54 -26.10 11.29
N LEU A 669 -3.07 -27.29 11.06
CA LEU A 669 -3.27 -28.27 12.13
C LEU A 669 -2.09 -29.22 12.28
N GLN A 670 -0.89 -28.78 11.89
CA GLN A 670 0.27 -29.66 11.92
C GLN A 670 1.26 -29.29 13.02
N TRP A 671 1.21 -28.07 13.54
CA TRP A 671 2.21 -27.64 14.51
C TRP A 671 2.06 -28.40 15.81
N ARG A 672 3.07 -28.26 16.67
CA ARG A 672 3.05 -28.86 17.99
C ARG A 672 3.75 -27.95 18.97
N TYR A 673 3.55 -28.22 20.26
CA TYR A 673 3.97 -27.30 21.31
C TYR A 673 5.48 -27.04 21.26
N GLN A 674 6.27 -28.10 21.22
CA GLN A 674 7.71 -27.92 21.33
C GLN A 674 8.33 -27.33 20.09
N THR A 675 7.54 -26.83 19.13
CA THR A 675 8.07 -26.00 18.05
C THR A 675 7.41 -24.64 18.01
N ILE A 676 6.67 -24.25 19.04
CA ILE A 676 6.06 -22.94 19.11
C ILE A 676 6.48 -22.16 20.35
N ILE A 677 6.88 -22.83 21.42
CA ILE A 677 7.24 -22.17 22.67
C ILE A 677 8.42 -21.21 22.52
N PRO A 678 9.33 -21.34 21.52
CA PRO A 678 10.30 -20.24 21.34
C PRO A 678 9.62 -18.91 21.07
N PHE A 679 8.84 -18.84 19.99
CA PHE A 679 8.14 -17.61 19.66
C PHE A 679 7.09 -17.29 20.71
N ALA A 680 6.38 -18.30 21.19
CA ALA A 680 5.38 -18.09 22.22
C ALA A 680 5.99 -17.40 23.44
N GLN A 681 7.11 -17.93 23.93
CA GLN A 681 7.75 -17.36 25.10
C GLN A 681 8.29 -15.97 24.81
N SER A 682 8.95 -15.79 23.66
CA SER A 682 9.46 -14.47 23.32
C SER A 682 8.36 -13.43 23.36
N LEU A 683 7.30 -13.67 22.61
CA LEU A 683 6.20 -12.71 22.56
C LEU A 683 5.54 -12.55 23.93
N ASN A 684 5.37 -13.65 24.66
CA ASN A 684 4.73 -13.61 25.96
C ASN A 684 5.47 -12.67 26.88
N ARG A 685 6.78 -12.85 26.99
CA ARG A 685 7.58 -11.94 27.80
C ARG A 685 7.59 -10.55 27.21
N MET A 686 7.43 -10.43 25.89
CA MET A 686 7.37 -9.12 25.28
C MET A 686 6.16 -8.34 25.73
N TYR A 687 5.04 -9.01 25.98
CA TYR A 687 3.83 -8.35 26.44
C TYR A 687 3.60 -8.49 27.93
N GLY A 688 4.61 -8.92 28.70
CA GLY A 688 4.52 -8.92 30.14
C GLY A 688 4.18 -10.25 30.77
N TYR A 689 2.93 -10.37 31.25
CA TYR A 689 2.41 -11.51 31.99
C TYR A 689 2.88 -12.85 31.43
N PRO A 690 3.26 -13.79 32.30
CA PRO A 690 3.93 -15.00 31.85
C PRO A 690 3.00 -16.11 31.41
N HIS A 691 3.51 -16.93 30.49
CA HIS A 691 2.89 -18.17 30.04
C HIS A 691 1.42 -17.92 29.63
N LEU A 692 1.26 -17.09 28.60
CA LEU A 692 -0.06 -16.75 28.09
C LEU A 692 -0.30 -17.16 26.65
N PHE A 693 0.62 -16.82 25.74
CA PHE A 693 0.34 -16.93 24.31
C PHE A 693 0.46 -18.35 23.79
N GLU A 694 0.39 -19.35 24.66
CA GLU A 694 0.52 -20.72 24.21
C GLU A 694 -0.47 -21.65 24.90
N TRP A 695 -1.29 -21.16 25.81
CA TRP A 695 -1.93 -22.04 26.79
C TRP A 695 -2.82 -23.08 26.11
N ILE A 696 -3.32 -22.78 24.91
CA ILE A 696 -4.20 -23.70 24.21
C ILE A 696 -3.59 -25.10 24.17
N HIS A 697 -2.36 -25.21 23.64
CA HIS A 697 -1.68 -26.48 23.58
C HIS A 697 -1.71 -27.17 24.94
N LEU A 698 -1.31 -26.45 25.98
CA LEU A 698 -1.29 -27.00 27.33
C LEU A 698 -2.61 -27.68 27.66
N ARG A 699 -3.72 -26.96 27.45
CA ARG A 699 -5.00 -27.57 27.74
C ARG A 699 -5.24 -28.79 26.88
N LEU A 700 -5.02 -28.66 25.57
CA LEU A 700 -5.16 -29.79 24.68
C LEU A 700 -4.30 -30.97 25.10
N MET A 701 -3.32 -30.77 25.97
CA MET A 701 -2.56 -31.89 26.49
C MET A 701 -3.44 -32.79 27.34
N ARG A 702 -4.04 -32.25 28.40
CA ARG A 702 -4.91 -33.04 29.26
C ARG A 702 -6.36 -32.71 28.90
N SER A 703 -6.80 -33.26 27.78
CA SER A 703 -8.16 -33.08 27.29
C SER A 703 -8.35 -33.96 26.06
N THR A 704 -9.60 -34.30 25.78
CA THR A 704 -9.96 -35.00 24.56
C THR A 704 -11.02 -34.21 23.81
N LEU A 705 -11.16 -34.52 22.54
CA LEU A 705 -12.14 -33.86 21.68
C LEU A 705 -13.02 -34.91 21.02
N TYR A 706 -13.96 -34.45 20.21
CA TYR A 706 -14.87 -35.32 19.49
C TYR A 706 -15.65 -34.49 18.49
N VAL A 707 -15.96 -35.09 17.35
CA VAL A 707 -16.77 -34.41 16.35
C VAL A 707 -18.24 -34.57 16.72
N PHE A 711 -25.13 -39.90 17.26
CA PHE A 711 -23.94 -39.62 16.48
C PHE A 711 -22.76 -40.35 17.10
N ASN A 712 -23.02 -41.10 18.18
CA ASN A 712 -21.96 -41.72 18.98
C ASN A 712 -22.28 -43.20 19.13
N PRO A 713 -21.35 -44.08 18.78
CA PRO A 713 -21.59 -45.52 18.95
C PRO A 713 -21.46 -45.92 20.41
N PRO A 714 -22.57 -46.15 21.10
CA PRO A 714 -22.49 -46.40 22.53
C PRO A 714 -22.39 -47.87 22.88
N ALA A 715 -21.36 -48.23 23.63
CA ALA A 715 -21.37 -49.49 24.37
C ALA A 715 -21.38 -49.22 25.87
N ASP A 716 -20.34 -48.54 26.36
CA ASP A 716 -20.29 -47.89 27.65
C ASP A 716 -19.14 -46.89 27.61
N THR A 717 -19.47 -45.60 27.58
CA THR A 717 -18.46 -44.57 27.45
C THR A 717 -19.05 -43.26 27.93
N SER A 718 -18.49 -42.70 29.01
CA SER A 718 -19.01 -41.45 29.53
C SER A 718 -17.97 -40.49 30.07
N GLN A 719 -16.68 -40.78 29.95
CA GLN A 719 -15.64 -39.95 30.59
C GLN A 719 -14.37 -40.02 29.75
N PHE A 720 -13.24 -39.70 30.39
CA PHE A 720 -11.93 -39.80 29.75
C PHE A 720 -11.71 -41.22 29.22
N ASP A 721 -11.64 -41.33 27.89
CA ASP A 721 -11.54 -42.62 27.22
C ASP A 721 -10.55 -42.51 26.07
N LEU A 722 -9.81 -43.59 25.84
CA LEU A 722 -8.75 -43.60 24.84
C LEU A 722 -9.24 -44.13 23.50
N ASP A 723 -8.60 -43.67 22.44
CA ASP A 723 -8.85 -44.14 21.08
C ASP A 723 -7.65 -43.86 20.20
N ILE A 730 -13.48 -41.27 15.58
CA ILE A 730 -14.70 -40.79 16.24
C ILE A 730 -14.33 -40.16 17.58
N PHE A 731 -13.03 -40.10 17.86
CA PHE A 731 -12.54 -39.53 19.09
C PHE A 731 -11.11 -39.03 18.91
N ILE A 732 -10.79 -37.92 19.58
CA ILE A 732 -9.48 -37.29 19.50
C ILE A 732 -8.87 -37.24 20.90
N VAL A 733 -7.61 -37.64 20.99
CA VAL A 733 -6.90 -37.74 22.26
C VAL A 733 -5.64 -36.86 22.17
N SER A 734 -5.78 -35.59 22.57
CA SER A 734 -4.68 -34.68 22.84
C SER A 734 -3.64 -34.59 21.74
N PRO A 735 -3.93 -33.96 20.59
CA PRO A 735 -2.84 -33.74 19.65
C PRO A 735 -1.93 -32.60 20.08
N GLY A 738 -2.03 -28.59 17.20
CA GLY A 738 -2.72 -27.82 16.16
C GLY A 738 -4.19 -27.63 16.45
N ILE A 739 -4.85 -26.84 15.59
CA ILE A 739 -6.28 -26.59 15.72
C ILE A 739 -6.74 -26.02 14.38
N GLU A 740 -8.05 -26.08 14.13
CA GLU A 740 -8.57 -25.71 12.82
C GLU A 740 -8.28 -24.24 12.50
N GLY A 741 -8.86 -23.33 13.27
CA GLY A 741 -8.73 -21.93 12.92
C GLY A 741 -8.52 -20.96 14.07
N LEU A 742 -7.82 -21.38 15.12
CA LEU A 742 -7.63 -20.53 16.29
C LEU A 742 -6.20 -20.04 16.35
N CYS A 743 -6.03 -18.78 16.70
CA CYS A 743 -4.74 -18.14 16.95
C CYS A 743 -3.86 -18.03 15.71
N GLN A 744 -4.41 -18.24 14.52
CA GLN A 744 -3.57 -18.41 13.33
C GLN A 744 -2.72 -17.19 13.01
N LYS A 745 -2.87 -16.09 13.75
CA LYS A 745 -2.03 -14.92 13.51
C LYS A 745 -0.57 -15.24 13.75
N ALA A 746 -0.27 -15.87 14.90
CA ALA A 746 1.09 -16.33 15.14
C ALA A 746 1.57 -17.19 14.00
N TRP A 747 0.68 -17.99 13.42
CA TRP A 747 1.06 -18.78 12.25
C TRP A 747 1.47 -17.87 11.11
N THR A 748 0.77 -16.75 10.93
CA THR A 748 1.13 -15.82 9.86
C THR A 748 2.51 -15.22 10.11
N MET A 749 2.78 -14.80 11.35
CA MET A 749 4.07 -14.20 11.64
C MET A 749 5.19 -15.22 11.47
N ILE A 750 4.94 -16.47 11.85
CA ILE A 750 5.97 -17.48 11.73
C ILE A 750 6.19 -17.83 10.27
N SER A 751 5.13 -17.87 9.47
CA SER A 751 5.29 -18.10 8.04
C SER A 751 6.07 -16.98 7.40
N ILE A 752 5.81 -15.74 7.82
CA ILE A 752 6.64 -14.60 7.41
C ILE A 752 8.10 -14.89 7.73
N ALA A 753 8.36 -15.30 8.97
CA ALA A 753 9.73 -15.56 9.39
C ALA A 753 10.38 -16.60 8.48
N VAL A 754 9.71 -17.73 8.27
CA VAL A 754 10.36 -18.82 7.55
C VAL A 754 10.54 -18.47 6.09
N ILE A 755 9.59 -17.74 5.50
CA ILE A 755 9.76 -17.35 4.11
C ILE A 755 10.94 -16.40 3.99
N ILE A 756 11.10 -15.49 4.95
CA ILE A 756 12.24 -14.59 4.93
C ILE A 756 13.53 -15.39 5.02
N LEU A 757 13.55 -16.38 5.92
CA LEU A 757 14.78 -17.13 6.14
C LEU A 757 15.16 -17.92 4.90
N SER A 758 14.21 -18.69 4.36
CA SER A 758 14.51 -19.47 3.17
C SER A 758 14.90 -18.57 2.01
N ALA A 759 14.29 -17.38 1.92
CA ALA A 759 14.69 -16.43 0.90
C ALA A 759 16.15 -16.04 1.06
N THR A 760 16.49 -15.45 2.20
CA THR A 760 17.85 -14.94 2.39
C THR A 760 18.89 -16.04 2.43
N GLU A 761 18.48 -17.31 2.56
CA GLU A 761 19.46 -18.37 2.49
C GLU A 761 20.02 -18.56 1.09
N SER A 762 19.52 -17.80 0.12
CA SER A 762 20.08 -17.79 -1.23
C SER A 762 19.88 -16.41 -1.81
N GLY A 763 20.56 -16.14 -2.92
CA GLY A 763 20.33 -14.88 -3.59
C GLY A 763 18.93 -14.86 -4.18
N THR A 764 18.02 -14.15 -3.52
CA THR A 764 16.59 -14.19 -3.84
C THR A 764 16.00 -12.80 -3.67
N ARG A 765 15.81 -12.10 -4.78
CA ARG A 765 14.99 -10.90 -4.76
C ARG A 765 13.55 -11.37 -4.57
N VAL A 766 13.09 -11.40 -3.33
CA VAL A 766 11.83 -12.02 -2.95
C VAL A 766 10.76 -10.95 -2.83
N MET A 767 9.54 -11.30 -3.23
CA MET A 767 8.34 -10.51 -2.95
C MET A 767 7.23 -11.47 -2.57
N SER A 768 6.42 -11.09 -1.60
CA SER A 768 5.51 -12.05 -0.98
C SER A 768 4.12 -11.45 -0.81
N MET A 769 3.14 -12.34 -0.79
CA MET A 769 1.79 -11.98 -0.35
C MET A 769 1.17 -13.22 0.25
N VAL A 770 0.31 -13.01 1.24
CA VAL A 770 -0.23 -14.14 1.99
C VAL A 770 -1.54 -13.71 2.63
N GLN A 771 -2.52 -14.64 2.61
CA GLN A 771 -3.77 -14.44 3.31
C GLN A 771 -4.18 -15.77 3.91
N GLY A 772 -4.50 -15.75 5.21
CA GLY A 772 -4.82 -16.97 5.92
C GLY A 772 -3.68 -17.95 5.85
N ASP A 773 -3.85 -19.01 5.06
CA ASP A 773 -2.78 -19.96 4.79
C ASP A 773 -2.31 -19.96 3.35
N ASN A 774 -3.09 -19.38 2.44
CA ASN A 774 -2.73 -19.39 1.02
C ASN A 774 -1.77 -18.24 0.74
N GLN A 775 -0.61 -18.55 0.17
CA GLN A 775 0.41 -17.53 -0.04
C GLN A 775 1.05 -17.71 -1.40
N ALA A 776 1.60 -16.62 -1.92
CA ALA A 776 2.25 -16.60 -3.22
C ALA A 776 3.52 -15.76 -3.14
N ILE A 777 4.57 -16.27 -3.76
CA ILE A 777 5.90 -15.67 -3.73
C ILE A 777 6.35 -15.43 -5.17
N ALA A 778 6.95 -14.28 -5.40
CA ALA A 778 7.64 -13.96 -6.63
C ALA A 778 9.13 -13.83 -6.33
N VAL A 779 9.97 -14.24 -7.27
CA VAL A 779 11.39 -14.02 -7.11
C VAL A 779 11.95 -13.45 -8.40
N THR A 780 13.01 -12.65 -8.26
CA THR A 780 13.50 -11.85 -9.37
C THR A 780 15.00 -12.01 -9.49
N THR A 781 15.55 -11.61 -10.64
CA THR A 781 16.97 -11.69 -10.92
C THR A 781 17.49 -10.36 -11.45
N ARG A 782 18.77 -10.37 -11.84
CA ARG A 782 19.42 -9.30 -12.58
C ARG A 782 19.83 -9.74 -13.98
N VAL A 783 18.95 -10.44 -14.68
CA VAL A 783 19.20 -11.03 -15.98
C VAL A 783 19.79 -10.02 -16.95
N PRO A 784 20.78 -10.39 -17.77
CA PRO A 784 21.26 -9.48 -18.82
C PRO A 784 20.21 -9.28 -19.90
N ARG A 785 20.08 -8.03 -20.33
CA ARG A 785 18.91 -7.57 -21.07
C ARG A 785 18.98 -7.84 -22.56
N SER A 786 19.78 -8.81 -23.00
CA SER A 786 19.90 -9.12 -24.41
C SER A 786 19.54 -10.56 -24.75
N LEU A 787 19.60 -11.47 -23.78
CA LEU A 787 19.27 -12.85 -24.06
C LEU A 787 17.79 -12.99 -24.37
N PRO A 788 17.42 -13.99 -25.17
CA PRO A 788 16.00 -14.20 -25.48
C PRO A 788 15.20 -14.54 -24.25
N THR A 789 13.87 -14.56 -24.42
CA THR A 789 12.97 -14.82 -23.31
C THR A 789 13.27 -16.14 -22.65
N LEU A 790 13.54 -17.17 -23.46
CA LEU A 790 13.80 -18.50 -22.91
C LEU A 790 14.93 -18.46 -21.90
N GLU A 791 16.01 -17.73 -22.20
CA GLU A 791 17.14 -17.72 -21.29
C GLU A 791 16.81 -16.95 -20.01
N LYS A 792 16.09 -15.84 -20.14
CA LYS A 792 15.72 -15.07 -18.95
C LYS A 792 14.77 -15.88 -18.07
N LYS A 793 13.76 -16.48 -18.68
CA LYS A 793 12.87 -17.36 -17.93
C LYS A 793 13.65 -18.52 -17.31
N THR A 794 14.71 -18.97 -17.99
CA THR A 794 15.49 -20.08 -17.49
C THR A 794 16.28 -19.68 -16.24
N ILE A 795 16.87 -18.49 -16.26
CA ILE A 795 17.59 -18.02 -15.07
C ILE A 795 16.63 -17.83 -13.91
N ALA A 796 15.48 -17.19 -14.19
CA ALA A 796 14.47 -17.05 -13.15
C ALA A 796 14.04 -18.41 -12.62
N PHE A 797 13.94 -19.40 -13.50
CA PHE A 797 13.51 -20.72 -13.09
C PHE A 797 14.54 -21.38 -12.19
N ARG A 798 15.81 -21.26 -12.55
CA ARG A 798 16.86 -21.78 -11.68
C ARG A 798 16.79 -21.11 -10.31
N SER A 799 16.58 -19.80 -10.29
CA SER A 799 16.57 -19.09 -9.01
C SER A 799 15.40 -19.53 -8.16
N CYS A 800 14.21 -19.62 -8.75
CA CYS A 800 13.06 -20.04 -7.95
C CYS A 800 13.18 -21.50 -7.57
N ASN A 801 13.87 -22.31 -8.36
CA ASN A 801 14.06 -23.71 -7.99
C ASN A 801 14.98 -23.81 -6.78
N LEU A 802 16.06 -23.04 -6.75
CA LEU A 802 16.90 -22.99 -5.57
C LEU A 802 16.12 -22.54 -4.35
N PHE A 803 15.37 -21.44 -4.49
CA PHE A 803 14.58 -20.94 -3.38
C PHE A 803 13.58 -21.99 -2.93
N PHE A 804 12.98 -22.72 -3.86
CA PHE A 804 11.93 -23.67 -3.52
C PHE A 804 12.50 -24.89 -2.83
N GLU A 805 13.60 -25.42 -3.33
CA GLU A 805 14.25 -26.54 -2.65
C GLU A 805 14.65 -26.14 -1.23
N ARG A 806 15.23 -24.95 -1.08
CA ARG A 806 15.58 -24.50 0.26
C ARG A 806 14.34 -24.34 1.13
N LEU A 807 13.26 -23.82 0.56
CA LEU A 807 12.04 -23.60 1.33
C LEU A 807 11.48 -24.92 1.83
N LYS A 808 11.41 -25.91 0.96
CA LYS A 808 10.90 -27.22 1.35
C LYS A 808 11.77 -27.83 2.43
N CYS A 809 13.10 -27.76 2.26
CA CYS A 809 13.99 -28.34 3.25
C CYS A 809 13.81 -27.67 4.60
N ASN A 810 13.69 -26.33 4.62
CA ASN A 810 13.54 -25.62 5.87
C ASN A 810 12.19 -25.91 6.52
N ASN A 811 11.13 -26.05 5.72
CA ASN A 811 9.84 -26.39 6.29
C ASN A 811 9.86 -27.78 6.90
N PHE A 812 10.49 -28.75 6.23
CA PHE A 812 10.57 -30.08 6.81
C PHE A 812 11.43 -30.08 8.06
N GLY A 813 12.48 -29.27 8.08
CA GLY A 813 13.25 -29.09 9.29
C GLY A 813 12.34 -28.63 10.40
N LEU A 814 11.58 -27.57 10.15
CA LEU A 814 10.58 -27.13 11.12
C LEU A 814 9.46 -28.15 11.24
N GLY A 815 9.26 -28.95 10.20
CA GLY A 815 8.30 -30.03 10.20
C GLY A 815 7.03 -29.59 9.51
N HIS A 816 6.94 -29.89 8.21
CA HIS A 816 5.75 -29.58 7.43
C HIS A 816 5.78 -30.48 6.21
N HIS A 817 4.91 -31.48 6.20
CA HIS A 817 4.95 -32.43 5.10
C HIS A 817 4.41 -31.74 3.85
N LEU A 818 5.18 -30.79 3.33
CA LEU A 818 4.77 -29.98 2.20
C LEU A 818 5.01 -30.75 0.91
N LYS A 819 3.96 -30.96 0.15
CA LYS A 819 3.98 -31.84 -1.00
C LYS A 819 3.65 -31.07 -2.28
N GLU A 820 3.59 -31.78 -3.40
CA GLU A 820 3.22 -31.20 -4.68
C GLU A 820 1.73 -31.00 -4.81
N GLN A 821 0.92 -31.58 -3.92
CA GLN A 821 -0.50 -31.30 -3.90
C GLN A 821 -0.79 -29.84 -3.59
N GLU A 822 0.14 -29.15 -2.94
CA GLU A 822 -0.12 -27.83 -2.40
C GLU A 822 0.77 -26.73 -2.93
N THR A 823 1.84 -27.06 -3.66
CA THR A 823 2.82 -26.07 -4.11
C THR A 823 2.90 -26.12 -5.62
N ILE A 824 2.54 -25.02 -6.27
CA ILE A 824 2.58 -24.95 -7.73
C ILE A 824 3.45 -23.76 -8.16
N ILE A 825 4.33 -24.01 -9.12
CA ILE A 825 5.36 -23.06 -9.53
C ILE A 825 5.18 -22.80 -11.01
N SER A 826 5.55 -21.60 -11.45
CA SER A 826 5.65 -21.27 -12.87
C SER A 826 6.38 -19.95 -13.00
N SER A 827 6.39 -19.40 -14.21
CA SER A 827 7.01 -18.11 -14.42
C SER A 827 5.98 -16.97 -14.37
N HIS A 828 4.76 -17.24 -14.78
CA HIS A 828 3.74 -16.21 -14.97
C HIS A 828 2.38 -16.70 -14.49
N PHE A 829 2.35 -17.31 -13.31
CA PHE A 829 1.16 -18.05 -12.92
C PHE A 829 0.78 -17.76 -11.47
N PHE A 830 0.72 -16.49 -11.13
CA PHE A 830 0.37 -16.09 -9.77
C PHE A 830 -1.01 -16.63 -9.41
N VAL A 831 -1.20 -16.90 -8.12
CA VAL A 831 -2.52 -17.20 -7.58
C VAL A 831 -2.63 -16.48 -6.24
N TYR A 832 -3.85 -16.05 -5.90
CA TYR A 832 -4.07 -15.45 -4.60
C TYR A 832 -5.56 -15.41 -4.28
N SER A 833 -5.96 -16.06 -3.19
CA SER A 833 -7.35 -16.10 -2.74
C SER A 833 -8.30 -16.38 -3.90
N LYS A 834 -8.11 -17.54 -4.54
CA LYS A 834 -8.96 -18.03 -5.61
C LYS A 834 -8.95 -17.14 -6.84
N ARG A 835 -8.14 -16.10 -6.85
CA ARG A 835 -8.03 -15.20 -8.00
C ARG A 835 -6.67 -15.43 -8.64
N ILE A 836 -6.67 -15.84 -9.90
CA ILE A 836 -5.40 -16.16 -10.55
C ILE A 836 -4.93 -14.96 -11.36
N PHE A 837 -3.61 -14.84 -11.51
CA PHE A 837 -2.97 -13.72 -12.20
C PHE A 837 -2.02 -14.33 -13.22
N TYR A 838 -2.11 -13.87 -14.47
CA TYR A 838 -1.43 -14.54 -15.58
C TYR A 838 -0.89 -13.48 -16.54
N GLN A 839 0.44 -13.40 -16.65
CA GLN A 839 1.10 -12.45 -17.54
C GLN A 839 0.56 -11.04 -17.38
N GLY A 840 0.41 -10.59 -16.15
CA GLY A 840 0.03 -9.21 -15.93
C GLY A 840 -1.41 -8.89 -16.27
N ARG A 841 -2.34 -9.63 -15.68
CA ARG A 841 -3.76 -9.34 -15.78
C ARG A 841 -4.51 -10.27 -14.85
N ILE A 842 -5.68 -9.82 -14.39
CA ILE A 842 -6.54 -10.68 -13.60
C ILE A 842 -7.40 -11.51 -14.54
N LEU A 843 -7.54 -12.80 -14.22
CA LEU A 843 -8.33 -13.67 -15.07
C LEU A 843 -9.81 -13.42 -14.85
N THR A 844 -10.60 -13.68 -15.88
CA THR A 844 -12.03 -13.43 -15.82
C THR A 844 -12.69 -14.47 -14.92
N GLN A 845 -12.68 -14.22 -13.62
CA GLN A 845 -13.28 -15.11 -12.64
C GLN A 845 -14.75 -14.77 -12.42
N ALA A 846 -15.56 -14.89 -13.46
CA ALA A 846 -16.92 -14.39 -13.45
C ALA A 846 -17.95 -15.47 -13.19
N LEU A 847 -17.88 -16.58 -13.94
CA LEU A 847 -19.00 -17.51 -13.98
C LEU A 847 -19.35 -18.10 -12.63
N LYS A 848 -18.37 -18.29 -11.73
CA LYS A 848 -18.70 -18.72 -10.37
C LYS A 848 -19.68 -17.75 -9.74
N ASN A 849 -19.39 -16.45 -9.80
CA ASN A 849 -20.33 -15.47 -9.30
C ASN A 849 -21.62 -15.53 -10.10
N ALA A 850 -21.54 -15.89 -11.38
CA ALA A 850 -22.74 -16.12 -12.16
C ALA A 850 -23.60 -17.22 -11.54
N SER A 851 -22.95 -18.26 -11.02
CA SER A 851 -23.70 -19.33 -10.37
C SER A 851 -24.37 -18.87 -9.09
N LYS A 852 -24.11 -17.65 -8.64
CA LYS A 852 -24.79 -17.12 -7.46
C LYS A 852 -26.10 -16.43 -7.81
N LEU A 853 -26.53 -16.47 -9.07
CA LEU A 853 -27.77 -15.80 -9.45
C LEU A 853 -28.96 -16.56 -8.89
N CYS A 854 -29.24 -16.35 -7.61
CA CYS A 854 -30.26 -17.10 -6.90
C CYS A 854 -31.64 -16.59 -7.26
N LEU A 855 -32.66 -17.02 -6.49
CA LEU A 855 -34.01 -16.53 -6.68
C LEU A 855 -34.53 -15.71 -5.51
N THR A 856 -33.96 -15.86 -4.33
CA THR A 856 -34.36 -15.05 -3.19
C THR A 856 -33.15 -14.89 -2.27
N ALA A 857 -33.04 -13.73 -1.65
CA ALA A 857 -31.89 -13.41 -0.84
C ALA A 857 -31.97 -14.14 0.49
N ASP A 858 -31.06 -13.79 1.41
CA ASP A 858 -31.11 -14.32 2.76
C ASP A 858 -32.48 -14.03 3.39
N VAL A 859 -32.95 -14.97 4.21
CA VAL A 859 -34.33 -14.89 4.70
C VAL A 859 -34.45 -13.85 5.79
N LEU A 860 -33.40 -13.65 6.58
CA LEU A 860 -33.46 -12.64 7.63
C LEU A 860 -33.81 -11.31 7.00
N GLY A 861 -34.93 -10.76 7.45
CA GLY A 861 -35.46 -9.55 6.84
C GLY A 861 -35.69 -9.68 5.35
N GLU A 862 -36.07 -10.87 4.89
CA GLU A 862 -36.35 -11.08 3.48
C GLU A 862 -37.42 -10.12 2.99
N CYS A 863 -37.22 -9.59 1.79
CA CYS A 863 -38.16 -8.67 1.17
C CYS A 863 -37.73 -8.51 -0.28
N THR A 864 -38.71 -8.25 -1.15
CA THR A 864 -38.43 -8.11 -2.57
C THR A 864 -37.23 -7.18 -2.80
N GLN A 865 -37.31 -5.98 -2.23
CA GLN A 865 -36.25 -4.99 -2.41
C GLN A 865 -34.88 -5.62 -2.22
N SER A 866 -34.60 -6.07 -1.00
CA SER A 866 -33.27 -6.61 -0.69
C SER A 866 -32.88 -7.69 -1.69
N SER A 867 -33.84 -8.53 -2.07
CA SER A 867 -33.57 -9.57 -3.04
C SER A 867 -32.94 -8.97 -4.28
N CYS A 868 -33.66 -8.07 -4.94
CA CYS A 868 -33.12 -7.44 -6.14
C CYS A 868 -31.75 -6.85 -5.87
N SER A 869 -31.57 -6.26 -4.67
CA SER A 869 -30.28 -5.72 -4.30
C SER A 869 -29.17 -6.71 -4.59
N ASN A 870 -29.22 -7.88 -3.95
CA ASN A 870 -28.19 -8.88 -4.18
C ASN A 870 -28.02 -9.12 -5.67
N LEU A 871 -29.13 -9.34 -6.37
CA LEU A 871 -29.11 -9.52 -7.80
C LEU A 871 -28.18 -8.51 -8.44
N ALA A 872 -28.49 -7.22 -8.26
CA ALA A 872 -27.67 -6.17 -8.84
C ALA A 872 -26.20 -6.41 -8.53
N THR A 873 -25.87 -6.46 -7.24
CA THR A 873 -24.47 -6.62 -6.85
C THR A 873 -23.86 -7.85 -7.50
N THR A 874 -24.60 -8.96 -7.48
CA THR A 874 -24.12 -10.16 -8.16
C THR A 874 -23.88 -9.86 -9.62
N VAL A 875 -24.91 -9.38 -10.32
CA VAL A 875 -24.73 -9.00 -11.71
C VAL A 875 -23.59 -8.00 -11.82
N MET A 876 -23.43 -7.16 -10.80
CA MET A 876 -22.38 -6.16 -10.85
C MET A 876 -21.00 -6.81 -10.96
N ARG A 877 -20.74 -7.86 -10.16
CA ARG A 877 -19.48 -8.57 -10.34
C ARG A 877 -19.40 -9.17 -11.72
N LEU A 878 -20.53 -9.63 -12.25
CA LEU A 878 -20.57 -10.07 -13.64
C LEU A 878 -20.28 -8.91 -14.59
N THR A 879 -20.79 -7.71 -14.27
CA THR A 879 -20.44 -6.55 -15.08
C THR A 879 -18.95 -6.27 -15.06
N GLU A 880 -18.27 -6.57 -13.95
CA GLU A 880 -16.91 -6.10 -13.80
C GLU A 880 -15.97 -6.75 -14.80
N ASN A 881 -16.07 -8.06 -14.98
CA ASN A 881 -15.13 -8.78 -15.80
C ASN A 881 -15.85 -9.55 -16.89
N GLY A 882 -15.10 -9.87 -17.94
CA GLY A 882 -15.62 -10.73 -18.98
C GLY A 882 -16.77 -10.13 -19.76
N VAL A 883 -17.96 -10.66 -19.51
CA VAL A 883 -19.15 -10.42 -20.34
C VAL A 883 -19.32 -8.95 -20.68
N GLU A 884 -19.75 -8.68 -21.90
CA GLU A 884 -20.01 -7.31 -22.34
C GLU A 884 -21.07 -6.66 -21.46
N LYS A 885 -21.00 -5.33 -21.35
CA LYS A 885 -21.85 -4.63 -20.39
C LYS A 885 -23.32 -4.72 -20.75
N ASP A 886 -23.65 -4.50 -22.02
CA ASP A 886 -25.06 -4.48 -22.42
C ASP A 886 -25.77 -5.75 -22.00
N ILE A 887 -25.10 -6.90 -22.16
CA ILE A 887 -25.69 -8.15 -21.70
C ILE A 887 -25.99 -8.08 -20.21
N CYS A 888 -25.12 -7.43 -19.44
CA CYS A 888 -25.37 -7.32 -18.01
C CYS A 888 -26.58 -6.44 -17.72
N PHE A 889 -26.71 -5.32 -18.44
CA PHE A 889 -27.89 -4.48 -18.28
C PHE A 889 -29.16 -5.28 -18.57
N TYR A 890 -29.19 -5.94 -19.73
CA TYR A 890 -30.36 -6.74 -20.07
C TYR A 890 -30.60 -7.83 -19.04
N LEU A 891 -29.53 -8.42 -18.52
CA LEU A 891 -29.69 -9.52 -17.58
C LEU A 891 -30.25 -9.02 -16.27
N ASN A 892 -29.82 -7.84 -15.83
CA ASN A 892 -30.42 -7.26 -14.63
C ASN A 892 -31.90 -6.99 -14.83
N ILE A 893 -32.26 -6.46 -16.00
CA ILE A 893 -33.67 -6.24 -16.29
C ILE A 893 -34.44 -7.55 -16.19
N TYR A 894 -33.95 -8.57 -16.88
CA TYR A 894 -34.62 -9.87 -16.86
C TYR A 894 -34.75 -10.40 -15.45
N MET A 895 -33.69 -10.28 -14.65
CA MET A 895 -33.72 -10.88 -13.34
C MET A 895 -34.68 -10.16 -12.42
N THR A 896 -34.69 -8.82 -12.45
CA THR A 896 -35.69 -8.12 -11.65
C THR A 896 -37.08 -8.48 -12.10
N ILE A 897 -37.29 -8.63 -13.41
CA ILE A 897 -38.62 -9.00 -13.91
C ILE A 897 -39.02 -10.36 -13.37
N LYS A 898 -38.17 -11.35 -13.58
CA LYS A 898 -38.47 -12.71 -13.16
C LYS A 898 -38.69 -12.78 -11.65
N GLN A 899 -37.88 -12.06 -10.88
CA GLN A 899 -38.01 -12.14 -9.44
C GLN A 899 -39.27 -11.45 -8.94
N LEU A 900 -39.62 -10.32 -9.56
CA LEU A 900 -40.87 -9.67 -9.20
C LEU A 900 -42.05 -10.56 -9.52
N SER A 901 -42.00 -11.26 -10.65
CA SER A 901 -43.04 -12.24 -10.95
C SER A 901 -43.09 -13.31 -9.87
N TYR A 902 -41.94 -13.93 -9.57
CA TYR A 902 -41.91 -15.02 -8.61
C TYR A 902 -42.43 -14.57 -7.25
N ASP A 903 -42.24 -13.31 -6.90
CA ASP A 903 -42.74 -12.88 -5.60
C ASP A 903 -44.23 -12.52 -5.67
N ILE A 904 -44.70 -12.04 -6.82
CA ILE A 904 -46.08 -11.60 -6.88
C ILE A 904 -47.03 -12.79 -7.01
N ILE A 905 -46.58 -13.87 -7.63
CA ILE A 905 -47.38 -15.10 -7.65
C ILE A 905 -46.82 -16.05 -6.60
N PHE A 906 -47.71 -16.79 -5.96
CA PHE A 906 -47.47 -17.58 -4.77
C PHE A 906 -46.51 -16.90 -3.80
N PRO A 907 -46.91 -15.79 -3.18
CA PRO A 907 -46.13 -15.26 -2.06
C PRO A 907 -46.15 -16.24 -0.89
N GLN A 908 -45.17 -16.09 -0.01
CA GLN A 908 -45.03 -17.01 1.10
C GLN A 908 -46.09 -16.81 2.17
N VAL A 909 -46.77 -15.67 2.17
CA VAL A 909 -47.84 -15.38 3.12
C VAL A 909 -49.10 -15.13 2.31
N SER A 910 -49.23 -15.86 1.20
CA SER A 910 -50.29 -15.66 0.21
C SER A 910 -51.64 -15.34 0.85
N ILE A 911 -52.28 -14.28 0.36
CA ILE A 911 -53.58 -13.85 0.81
C ILE A 911 -54.51 -13.79 -0.40
N PRO A 912 -55.71 -14.36 -0.33
CA PRO A 912 -56.59 -14.37 -1.50
C PRO A 912 -57.44 -13.13 -1.68
N GLY A 913 -57.35 -12.15 -0.79
CA GLY A 913 -58.27 -11.04 -0.81
C GLY A 913 -57.96 -9.92 -1.78
N ASP A 914 -56.77 -9.32 -1.65
CA ASP A 914 -56.51 -8.01 -2.25
C ASP A 914 -56.59 -8.05 -3.77
N GLN A 915 -56.71 -6.87 -4.36
CA GLN A 915 -56.72 -6.69 -5.79
C GLN A 915 -55.41 -6.14 -6.34
N ILE A 916 -54.44 -5.83 -5.47
CA ILE A 916 -53.16 -5.29 -5.97
C ILE A 916 -52.45 -6.35 -6.79
N THR A 917 -52.40 -7.58 -6.29
CA THR A 917 -51.85 -8.67 -7.08
C THR A 917 -52.63 -8.86 -8.37
N LEU A 918 -53.93 -8.61 -8.33
CA LEU A 918 -54.74 -8.73 -9.53
C LEU A 918 -54.30 -7.73 -10.59
N GLU A 919 -54.22 -6.45 -10.22
CA GLU A 919 -53.82 -5.44 -11.20
C GLU A 919 -52.38 -5.64 -11.63
N TYR A 920 -51.54 -6.22 -10.79
CA TYR A 920 -50.17 -6.52 -11.21
C TYR A 920 -50.16 -7.63 -12.26
N ILE A 921 -50.67 -8.81 -11.88
CA ILE A 921 -50.68 -9.94 -12.79
C ILE A 921 -51.54 -9.71 -14.03
N ASN A 922 -52.33 -8.63 -14.05
CA ASN A 922 -53.17 -8.40 -15.22
C ASN A 922 -52.42 -7.69 -16.34
N ASN A 923 -51.68 -6.63 -16.03
CA ASN A 923 -51.02 -5.93 -17.13
C ASN A 923 -49.51 -6.02 -17.04
N PRO A 924 -48.81 -6.13 -18.15
CA PRO A 924 -47.34 -6.24 -18.10
C PRO A 924 -46.64 -4.90 -18.13
N HIS A 925 -47.29 -3.85 -18.62
CA HIS A 925 -46.64 -2.54 -18.66
C HIS A 925 -46.31 -2.06 -17.25
N LEU A 926 -47.16 -2.38 -16.28
CA LEU A 926 -46.95 -1.91 -14.92
C LEU A 926 -45.67 -2.50 -14.33
N VAL A 927 -45.47 -3.81 -14.48
CA VAL A 927 -44.29 -4.40 -13.90
C VAL A 927 -43.04 -3.85 -14.58
N SER A 928 -43.14 -3.52 -15.86
CA SER A 928 -41.98 -2.94 -16.54
C SER A 928 -41.68 -1.55 -16.00
N ARG A 929 -42.70 -0.71 -15.88
CA ARG A 929 -42.52 0.61 -15.32
C ARG A 929 -42.24 0.58 -13.82
N LEU A 930 -42.23 -0.60 -13.20
CA LEU A 930 -41.68 -0.74 -11.87
C LEU A 930 -40.27 -1.30 -11.84
N ALA A 931 -39.88 -2.04 -12.87
CA ALA A 931 -38.54 -2.63 -12.92
C ALA A 931 -37.59 -1.82 -13.78
N LEU A 932 -38.01 -0.66 -14.27
CA LEU A 932 -37.12 0.18 -15.06
C LEU A 932 -37.02 1.60 -14.50
N LEU A 933 -36.87 1.73 -13.19
CA LEU A 933 -36.57 3.03 -12.61
C LEU A 933 -35.65 2.86 -11.43
N PRO A 934 -34.78 3.84 -11.17
CA PRO A 934 -33.71 3.66 -10.18
C PRO A 934 -34.27 3.41 -8.80
N SER A 935 -33.80 2.32 -8.17
CA SER A 935 -34.36 1.89 -6.91
C SER A 935 -34.18 2.93 -5.82
N GLN A 936 -33.12 3.74 -5.89
CA GLN A 936 -33.00 4.82 -4.92
C GLN A 936 -34.19 5.76 -5.00
N LEU A 937 -34.64 6.08 -6.21
CA LEU A 937 -35.85 6.85 -6.40
C LEU A 937 -37.04 5.92 -6.64
N GLY A 938 -37.24 4.99 -5.72
CA GLY A 938 -38.35 4.07 -5.80
C GLY A 938 -38.14 3.03 -6.88
N GLY A 939 -38.58 1.81 -6.64
CA GLY A 939 -38.53 0.77 -7.66
C GLY A 939 -37.51 -0.29 -7.33
N LEU A 940 -37.40 -1.25 -8.24
CA LEU A 940 -36.59 -2.44 -8.03
C LEU A 940 -35.45 -2.53 -9.03
N ASN A 941 -34.83 -1.42 -9.40
CA ASN A 941 -33.70 -1.41 -10.31
C ASN A 941 -32.55 -0.65 -9.66
N TYR A 942 -31.47 -1.35 -9.38
CA TYR A 942 -30.33 -0.77 -8.66
C TYR A 942 -29.23 -0.48 -9.67
N LEU A 943 -29.18 0.77 -10.13
CA LEU A 943 -28.06 1.32 -10.90
C LEU A 943 -27.80 0.48 -12.16
N SER A 944 -28.76 0.60 -13.08
CA SER A 944 -28.57 0.06 -14.41
C SER A 944 -27.34 0.66 -15.08
N CYS A 945 -27.35 1.97 -15.31
CA CYS A 945 -26.39 2.58 -16.23
C CYS A 945 -25.11 3.04 -15.56
N SER A 946 -25.20 3.97 -14.61
CA SER A 946 -24.00 4.66 -14.13
C SER A 946 -23.00 3.68 -13.53
N ARG A 947 -23.43 2.93 -12.51
CA ARG A 947 -22.55 1.95 -11.87
C ARG A 947 -21.95 0.97 -12.86
N LEU A 948 -22.50 0.89 -14.06
CA LEU A 948 -21.93 0.02 -15.08
C LEU A 948 -20.50 0.40 -15.44
N PHE A 949 -20.06 1.62 -15.12
CA PHE A 949 -18.73 2.05 -15.50
C PHE A 949 -17.94 2.60 -14.33
N ASN A 950 -18.40 2.36 -13.11
CA ASN A 950 -17.70 2.86 -11.93
C ASN A 950 -18.23 2.16 -10.70
N ARG A 951 -17.35 1.93 -9.74
CA ARG A 951 -17.72 1.42 -8.44
C ARG A 951 -18.11 2.52 -7.47
N ASN A 952 -17.80 3.77 -7.79
CA ASN A 952 -18.09 4.89 -6.90
C ASN A 952 -19.55 5.30 -7.07
N ILE A 953 -19.94 6.34 -6.33
CA ILE A 953 -21.35 6.69 -6.14
C ILE A 953 -21.62 8.13 -6.54
N GLY A 954 -20.93 9.08 -5.91
CA GLY A 954 -21.29 10.47 -6.04
C GLY A 954 -22.57 10.78 -5.30
N ASP A 955 -23.63 11.07 -6.04
CA ASP A 955 -24.97 11.24 -5.48
C ASP A 955 -25.90 10.25 -6.16
N PRO A 956 -26.64 9.43 -5.41
CA PRO A 956 -27.56 8.50 -6.06
C PRO A 956 -28.68 9.20 -6.79
N VAL A 957 -29.17 10.31 -6.24
CA VAL A 957 -30.38 10.94 -6.78
C VAL A 957 -30.10 11.54 -8.15
N VAL A 958 -28.97 12.25 -8.28
CA VAL A 958 -28.65 12.80 -9.60
C VAL A 958 -28.42 11.67 -10.59
N SER A 959 -27.80 10.59 -10.13
CA SER A 959 -27.66 9.43 -11.01
C SER A 959 -29.01 8.79 -11.29
N ALA A 960 -29.93 8.84 -10.32
CA ALA A 960 -31.25 8.28 -10.55
C ALA A 960 -31.98 9.04 -11.63
N VAL A 961 -31.97 10.36 -11.56
CA VAL A 961 -32.62 11.13 -12.59
C VAL A 961 -31.85 11.06 -13.90
N ALA A 962 -30.56 10.76 -13.87
CA ALA A 962 -29.84 10.50 -15.10
C ALA A 962 -30.36 9.24 -15.77
N ASP A 963 -30.49 8.15 -15.00
CA ASP A 963 -31.13 6.94 -15.51
C ASP A 963 -32.50 7.26 -16.10
N LEU A 964 -33.30 8.01 -15.34
CA LEU A 964 -34.66 8.27 -15.74
C LEU A 964 -34.71 9.05 -17.05
N LYS A 965 -33.91 10.10 -17.15
CA LYS A 965 -33.88 10.89 -18.38
C LYS A 965 -33.37 10.07 -19.54
N ARG A 966 -32.33 9.26 -19.32
CA ARG A 966 -31.84 8.40 -20.39
C ARG A 966 -32.96 7.52 -20.92
N LEU A 967 -33.66 6.83 -20.02
CA LEU A 967 -34.71 5.92 -20.47
C LEU A 967 -35.82 6.66 -21.18
N ILE A 968 -36.32 7.75 -20.57
CA ILE A 968 -37.45 8.45 -21.15
C ILE A 968 -37.10 9.00 -22.53
N LYS A 969 -36.07 9.84 -22.60
CA LYS A 969 -35.65 10.40 -23.88
C LYS A 969 -35.26 9.32 -24.88
N SER A 970 -34.97 8.11 -24.41
CA SER A 970 -34.78 7.01 -25.34
C SER A 970 -36.10 6.35 -25.69
N GLY A 971 -37.04 6.37 -24.77
CA GLY A 971 -38.33 5.77 -25.02
C GLY A 971 -38.50 4.43 -24.33
N CYS A 972 -39.14 4.44 -23.18
CA CYS A 972 -39.53 3.23 -22.48
C CYS A 972 -40.95 3.38 -21.96
N MET A 973 -41.81 3.96 -22.80
CA MET A 973 -43.22 4.20 -22.47
C MET A 973 -43.37 5.00 -21.19
N ASP A 974 -42.46 5.94 -20.95
CA ASP A 974 -42.46 6.74 -19.73
C ASP A 974 -42.31 8.21 -20.10
N TYR A 975 -43.34 9.00 -19.85
CA TYR A 975 -43.07 10.43 -19.71
C TYR A 975 -43.72 11.04 -18.48
N TRP A 976 -44.93 10.62 -18.14
CA TRP A 976 -45.75 11.27 -17.14
C TRP A 976 -45.40 10.85 -15.72
N ILE A 977 -44.65 9.77 -15.56
CA ILE A 977 -44.27 9.33 -14.22
C ILE A 977 -43.34 10.34 -13.56
N LEU A 978 -42.66 11.17 -14.37
CA LEU A 978 -41.74 12.15 -13.81
C LEU A 978 -42.50 13.20 -13.01
N TYR A 979 -43.55 13.77 -13.62
CA TYR A 979 -44.34 14.75 -12.90
C TYR A 979 -44.98 14.14 -11.67
N ASN A 980 -45.32 12.85 -11.72
CA ASN A 980 -45.86 12.18 -10.55
C ASN A 980 -44.83 12.09 -9.45
N LEU A 981 -43.59 11.73 -9.81
CA LEU A 981 -42.50 11.76 -8.85
C LEU A 981 -42.37 13.13 -8.21
N LEU A 982 -42.51 14.18 -9.02
CA LEU A 982 -42.45 15.54 -8.50
C LEU A 982 -43.56 15.78 -7.49
N GLY A 983 -44.81 15.71 -7.94
CA GLY A 983 -45.93 15.98 -7.06
C GLY A 983 -46.27 14.83 -6.14
N ARG A 984 -45.32 13.91 -5.98
CA ARG A 984 -45.52 12.78 -5.08
C ARG A 984 -45.75 13.28 -3.66
N LYS A 985 -46.71 12.68 -2.98
CA LYS A 985 -47.00 13.07 -1.61
C LYS A 985 -45.77 12.82 -0.75
N PRO A 986 -45.22 13.83 -0.10
CA PRO A 986 -44.00 13.63 0.70
C PRO A 986 -44.29 12.77 1.92
N GLY A 987 -43.38 11.82 2.17
CA GLY A 987 -43.54 10.87 3.26
C GLY A 987 -43.47 11.50 4.63
N ASN A 988 -43.59 10.67 5.68
CA ASN A 988 -43.60 11.18 7.05
C ASN A 988 -42.28 11.86 7.38
N GLY A 989 -41.18 11.13 7.30
CA GLY A 989 -39.87 11.71 7.56
C GLY A 989 -39.68 12.20 8.98
N SER A 990 -38.50 12.74 9.27
CA SER A 990 -38.15 13.24 10.58
C SER A 990 -36.77 13.87 10.48
N TRP A 991 -36.44 14.74 11.44
CA TRP A 991 -35.10 15.29 11.52
C TRP A 991 -34.08 14.18 11.53
N ALA A 992 -34.30 13.18 12.39
CA ALA A 992 -33.31 12.12 12.54
C ALA A 992 -33.21 11.25 11.30
N THR A 993 -34.32 11.01 10.60
CA THR A 993 -34.25 10.20 9.39
C THR A 993 -33.40 10.89 8.33
N LEU A 994 -33.64 12.18 8.12
CA LEU A 994 -32.75 12.96 7.26
C LEU A 994 -31.33 12.94 7.81
N ALA A 995 -31.18 12.86 9.12
CA ALA A 995 -29.86 12.99 9.74
C ALA A 995 -29.01 11.76 9.47
N ALA A 996 -29.46 10.60 9.93
CA ALA A 996 -28.68 9.38 9.82
C ALA A 996 -28.37 8.99 8.38
N ASP A 997 -28.95 9.67 7.38
CA ASP A 997 -28.49 9.46 6.02
C ASP A 997 -28.83 10.66 5.15
N PRO A 998 -27.85 11.28 4.56
CA PRO A 998 -28.11 12.28 3.51
C PRO A 998 -28.36 11.60 2.19
N TYR A 999 -28.44 12.37 1.10
CA TYR A 999 -28.77 11.84 -0.22
C TYR A 999 -30.11 11.12 -0.21
N SER A 1000 -31.01 11.56 0.66
CA SER A 1000 -32.19 10.78 1.02
C SER A 1000 -33.45 11.53 0.59
N ILE A 1001 -34.21 10.91 -0.31
CA ILE A 1001 -35.51 11.41 -0.70
C ILE A 1001 -36.54 10.78 0.23
N ASN A 1002 -37.39 11.62 0.83
CA ASN A 1002 -38.36 11.13 1.80
C ASN A 1002 -39.43 10.34 1.09
N ILE A 1003 -39.29 9.01 1.10
CA ILE A 1003 -40.30 8.10 0.59
C ILE A 1003 -40.69 7.16 1.71
N GLU A 1004 -41.86 6.55 1.57
CA GLU A 1004 -42.40 5.75 2.67
C GLU A 1004 -41.63 4.44 2.85
N TYR A 1005 -41.43 3.70 1.76
CA TYR A 1005 -40.86 2.37 1.84
C TYR A 1005 -39.46 2.38 1.23
N GLN A 1006 -38.48 2.75 2.05
CA GLN A 1006 -37.09 2.68 1.67
C GLN A 1006 -36.20 2.03 2.70
N TYR A 1007 -36.75 1.59 3.83
CA TYR A 1007 -35.97 0.86 4.81
C TYR A 1007 -36.48 -0.58 4.84
N PRO A 1008 -35.72 -1.54 4.35
CA PRO A 1008 -36.16 -2.93 4.39
C PRO A 1008 -36.33 -3.39 5.83
N PRO A 1009 -37.14 -4.43 6.07
CA PRO A 1009 -37.40 -4.85 7.46
C PRO A 1009 -36.15 -5.28 8.20
N THR A 1010 -35.18 -5.89 7.50
CA THR A 1010 -33.99 -6.38 8.17
C THR A 1010 -33.31 -5.29 8.99
N THR A 1011 -33.42 -4.04 8.55
CA THR A 1011 -32.88 -2.94 9.34
C THR A 1011 -33.64 -2.80 10.64
N ALA A 1012 -34.98 -2.80 10.58
CA ALA A 1012 -35.77 -2.69 11.78
C ALA A 1012 -35.56 -3.88 12.70
N LEU A 1013 -35.39 -5.07 12.12
CA LEU A 1013 -35.10 -6.24 12.93
C LEU A 1013 -33.75 -6.09 13.63
N LYS A 1014 -32.75 -5.59 12.91
CA LYS A 1014 -31.45 -5.38 13.53
C LYS A 1014 -31.56 -4.40 14.68
N ARG A 1015 -32.31 -3.31 14.48
CA ARG A 1015 -32.48 -2.32 15.53
C ARG A 1015 -33.16 -2.91 16.75
N HIS A 1016 -34.27 -3.63 16.53
CA HIS A 1016 -34.98 -4.20 17.66
C HIS A 1016 -34.12 -5.22 18.39
N THR A 1017 -33.37 -6.04 17.65
CA THR A 1017 -32.51 -7.02 18.27
C THR A 1017 -31.45 -6.36 19.14
N GLN A 1018 -30.75 -5.36 18.58
CA GLN A 1018 -29.69 -4.74 19.34
C GLN A 1018 -30.24 -4.01 20.55
N GLN A 1019 -31.41 -3.38 20.43
CA GLN A 1019 -31.95 -2.66 21.57
C GLN A 1019 -32.40 -3.63 22.66
N ALA A 1020 -33.08 -4.72 22.27
CA ALA A 1020 -33.47 -5.73 23.23
C ALA A 1020 -32.25 -6.30 23.95
N LEU A 1021 -31.16 -6.53 23.21
CA LEU A 1021 -29.93 -6.99 23.86
C LEU A 1021 -29.44 -5.96 24.87
N MET A 1022 -29.22 -4.72 24.42
CA MET A 1022 -28.77 -3.67 25.32
C MET A 1022 -29.69 -3.47 26.50
N GLU A 1023 -30.91 -3.99 26.44
CA GLU A 1023 -31.74 -4.00 27.64
C GLU A 1023 -31.18 -4.94 28.70
N LEU A 1024 -30.32 -5.89 28.30
CA LEU A 1024 -29.66 -6.78 29.25
C LEU A 1024 -28.28 -6.25 29.55
N SER A 1025 -28.06 -5.83 30.80
CA SER A 1025 -26.76 -5.28 31.19
C SER A 1025 -26.65 -5.32 32.71
N THR A 1026 -25.72 -6.11 33.22
CA THR A 1026 -25.33 -6.10 34.63
C THR A 1026 -23.83 -5.86 34.74
N ASN A 1027 -23.28 -5.22 33.73
CA ASN A 1027 -21.86 -4.94 33.55
C ASN A 1027 -21.46 -3.74 34.39
N PRO A 1028 -20.21 -3.29 34.30
CA PRO A 1028 -19.88 -1.95 34.83
C PRO A 1028 -20.72 -0.86 34.19
N MET A 1029 -20.45 0.40 34.53
CA MET A 1029 -21.36 1.51 34.29
C MET A 1029 -21.75 1.64 32.81
N LEU A 1030 -21.30 0.71 31.98
CA LEU A 1030 -21.82 0.57 30.62
C LEU A 1030 -23.35 0.53 30.59
N ARG A 1031 -23.99 0.31 31.74
CA ARG A 1031 -25.44 0.49 31.85
C ARG A 1031 -25.87 1.82 31.25
N GLY A 1032 -25.23 2.91 31.68
CA GLY A 1032 -25.57 4.23 31.15
C GLY A 1032 -25.45 4.34 29.65
N ILE A 1033 -24.74 3.40 29.02
CA ILE A 1033 -24.63 3.37 27.56
C ILE A 1033 -25.95 3.07 26.89
N PHE A 1034 -26.99 2.73 27.65
CA PHE A 1034 -28.33 2.57 27.08
C PHE A 1034 -29.36 3.27 27.94
N SER A 1035 -30.10 4.20 27.35
CA SER A 1035 -31.19 4.88 28.02
C SER A 1035 -32.39 4.90 27.08
N ASP A 1036 -33.59 4.88 27.66
CA ASP A 1036 -34.78 4.67 26.84
C ASP A 1036 -35.10 5.88 25.98
N ASN A 1037 -34.95 7.09 26.52
CA ASN A 1037 -35.31 8.30 25.80
C ASN A 1037 -34.24 8.75 24.84
N ALA A 1038 -33.35 7.85 24.43
CA ALA A 1038 -32.24 8.21 23.55
C ALA A 1038 -32.74 8.83 22.25
N GLN A 1039 -33.57 8.09 21.51
CA GLN A 1039 -33.96 8.53 20.17
C GLN A 1039 -34.63 9.89 20.17
N ALA A 1040 -35.36 10.22 21.22
CA ALA A 1040 -35.90 11.57 21.34
C ALA A 1040 -34.78 12.59 21.32
N GLU A 1041 -33.76 12.39 22.14
CA GLU A 1041 -32.63 13.30 22.15
C GLU A 1041 -31.93 13.32 20.80
N GLU A 1042 -31.88 12.17 20.12
CA GLU A 1042 -31.25 12.12 18.81
C GLU A 1042 -31.97 13.03 17.83
N ASN A 1043 -33.29 12.87 17.71
CA ASN A 1043 -34.05 13.74 16.82
C ASN A 1043 -33.94 15.19 17.26
N ASN A 1044 -33.88 15.43 18.57
CA ASN A 1044 -33.74 16.79 19.08
C ASN A 1044 -32.45 17.42 18.60
N LEU A 1045 -31.34 16.68 18.68
CA LEU A 1045 -30.07 17.22 18.22
C LEU A 1045 -30.06 17.40 16.72
N ALA A 1046 -30.67 16.46 16.00
CA ALA A 1046 -30.79 16.62 14.55
C ALA A 1046 -31.50 17.93 14.23
N ARG A 1047 -32.57 18.24 14.97
CA ARG A 1047 -33.27 19.50 14.78
C ARG A 1047 -32.34 20.68 15.08
N PHE A 1048 -31.74 20.68 16.27
CA PHE A 1048 -30.82 21.76 16.66
C PHE A 1048 -29.79 22.03 15.60
N LEU A 1049 -29.29 20.97 14.96
CA LEU A 1049 -28.26 21.11 13.95
C LEU A 1049 -28.83 21.42 12.57
N LEU A 1050 -30.13 21.23 12.37
CA LEU A 1050 -30.68 21.26 11.04
C LEU A 1050 -31.83 22.23 10.84
N ASP A 1051 -32.38 22.81 11.89
CA ASP A 1051 -33.47 23.78 11.76
C ASP A 1051 -32.90 25.19 11.79
N ARG A 1052 -31.98 25.47 10.88
CA ARG A 1052 -31.33 26.78 10.86
C ARG A 1052 -31.39 27.35 9.46
N GLU A 1053 -30.64 28.43 9.25
CA GLU A 1053 -30.67 29.15 7.98
C GLU A 1053 -30.17 28.30 6.82
N VAL A 1054 -28.88 27.95 6.85
CA VAL A 1054 -28.29 27.11 5.83
C VAL A 1054 -27.83 25.83 6.50
N ILE A 1055 -28.34 24.70 6.02
CA ILE A 1055 -28.12 23.41 6.66
C ILE A 1055 -27.58 22.43 5.64
N PHE A 1056 -26.59 21.63 6.06
CA PHE A 1056 -25.95 20.67 5.19
C PHE A 1056 -26.07 19.28 5.81
N PRO A 1057 -26.57 18.30 5.08
CA PRO A 1057 -26.77 16.98 5.66
C PRO A 1057 -25.46 16.23 5.82
N ARG A 1058 -24.46 16.55 5.00
CA ARG A 1058 -23.18 15.87 5.10
C ARG A 1058 -22.50 16.17 6.43
N VAL A 1059 -22.34 17.46 6.73
CA VAL A 1059 -21.76 17.85 8.02
C VAL A 1059 -22.69 17.44 9.15
N ALA A 1060 -24.00 17.44 8.91
CA ALA A 1060 -24.93 16.93 9.91
C ALA A 1060 -24.58 15.50 10.29
N HIS A 1061 -24.40 14.65 9.29
CA HIS A 1061 -24.10 13.24 9.56
C HIS A 1061 -22.75 13.10 10.24
N ILE A 1062 -21.74 13.83 9.77
CA ILE A 1062 -20.41 13.71 10.38
C ILE A 1062 -20.47 14.08 11.86
N ILE A 1063 -21.11 15.21 12.17
CA ILE A 1063 -21.18 15.65 13.55
C ILE A 1063 -21.96 14.67 14.40
N ILE A 1064 -23.15 14.28 13.95
CA ILE A 1064 -23.94 13.31 14.71
C ILE A 1064 -23.18 12.00 14.87
N GLU A 1065 -22.24 11.71 13.97
CA GLU A 1065 -21.44 10.51 14.09
C GLU A 1065 -20.38 10.64 15.18
N GLN A 1066 -19.66 11.75 15.19
CA GLN A 1066 -18.54 11.89 16.12
C GLN A 1066 -18.97 12.39 17.50
N THR A 1067 -20.23 12.74 17.70
CA THR A 1067 -20.67 13.35 18.95
C THR A 1067 -20.87 12.28 20.02
N SER A 1068 -21.51 12.67 21.12
CA SER A 1068 -21.72 11.76 22.24
C SER A 1068 -22.71 10.67 21.88
N VAL A 1069 -23.89 11.05 21.38
CA VAL A 1069 -24.87 10.06 20.98
C VAL A 1069 -24.36 9.24 19.80
N GLY A 1070 -23.45 9.79 19.01
CA GLY A 1070 -22.95 9.06 17.85
C GLY A 1070 -22.29 7.74 18.21
N ARG A 1071 -21.23 7.79 19.00
CA ARG A 1071 -20.54 6.55 19.35
C ARG A 1071 -21.42 5.65 20.20
N ARG A 1072 -22.39 6.23 20.90
CA ARG A 1072 -23.35 5.41 21.62
C ARG A 1072 -24.15 4.56 20.66
N LYS A 1073 -24.75 5.18 19.65
CA LYS A 1073 -25.44 4.43 18.61
C LYS A 1073 -24.49 3.45 17.96
N GLN A 1074 -23.22 3.83 17.78
CA GLN A 1074 -22.27 2.95 17.12
C GLN A 1074 -22.06 1.67 17.92
N ILE A 1075 -21.75 1.82 19.21
CA ILE A 1075 -21.61 0.67 20.10
C ILE A 1075 -22.86 -0.20 20.00
N GLN A 1076 -24.04 0.41 20.17
CA GLN A 1076 -25.26 -0.38 20.18
C GLN A 1076 -25.56 -0.93 18.79
N GLY A 1077 -24.81 -0.51 17.78
CA GLY A 1077 -25.00 -1.04 16.46
C GLY A 1077 -24.05 -2.16 16.11
N TYR A 1078 -22.90 -2.23 16.78
CA TYR A 1078 -21.94 -3.28 16.49
C TYR A 1078 -22.24 -4.55 17.29
N LEU A 1079 -23.35 -5.17 16.95
CA LEU A 1079 -23.73 -6.48 17.45
C LEU A 1079 -23.95 -7.42 16.28
N ASP A 1080 -24.00 -8.71 16.58
CA ASP A 1080 -24.18 -9.69 15.51
C ASP A 1080 -25.64 -9.72 15.05
N SER A 1081 -25.87 -10.33 13.89
CA SER A 1081 -27.20 -10.40 13.30
C SER A 1081 -27.48 -11.79 12.76
N THR A 1082 -26.86 -12.80 13.36
CA THR A 1082 -27.06 -14.18 12.93
C THR A 1082 -28.46 -14.66 13.27
N ARG A 1083 -29.01 -15.52 12.40
CA ARG A 1083 -30.35 -16.05 12.59
C ARG A 1083 -30.54 -16.60 13.99
N SER A 1084 -29.54 -17.31 14.50
CA SER A 1084 -29.65 -17.87 15.85
C SER A 1084 -29.79 -16.77 16.88
N ILE A 1085 -28.91 -15.77 16.84
CA ILE A 1085 -28.90 -14.78 17.91
C ILE A 1085 -30.10 -13.86 17.80
N MET A 1086 -30.50 -13.49 16.58
CA MET A 1086 -31.69 -12.66 16.46
C MET A 1086 -32.94 -13.44 16.83
N ARG A 1087 -32.95 -14.74 16.55
CA ARG A 1087 -34.04 -15.58 17.03
C ARG A 1087 -34.11 -15.57 18.54
N LYS A 1088 -32.96 -15.70 19.20
CA LYS A 1088 -32.93 -15.68 20.66
C LYS A 1088 -33.40 -14.34 21.21
N SER A 1089 -33.02 -13.25 20.53
CA SER A 1089 -33.54 -11.95 20.93
C SER A 1089 -35.05 -11.90 20.80
N LEU A 1090 -35.58 -12.43 19.69
CA LEU A 1090 -37.03 -12.43 19.48
C LEU A 1090 -37.72 -13.34 20.50
N GLU A 1091 -36.99 -14.29 21.07
CA GLU A 1091 -37.54 -15.08 22.18
C GLU A 1091 -37.93 -14.17 23.33
N ILE A 1092 -37.35 -12.99 23.40
CA ILE A 1092 -38.00 -11.89 24.10
C ILE A 1092 -39.08 -11.38 23.16
N LYS A 1093 -40.30 -11.90 23.35
CA LYS A 1093 -41.40 -11.59 22.44
C LYS A 1093 -41.73 -10.11 22.38
N PRO A 1094 -41.74 -9.34 23.49
CA PRO A 1094 -42.31 -8.00 23.43
C PRO A 1094 -41.52 -7.01 22.58
N LEU A 1095 -41.63 -7.13 21.26
CA LEU A 1095 -41.24 -6.03 20.40
C LEU A 1095 -42.39 -5.02 20.27
N SER A 1096 -43.50 -5.45 19.68
CA SER A 1096 -44.79 -4.79 19.60
C SER A 1096 -45.69 -5.70 18.77
N ASN A 1097 -46.97 -5.37 18.74
CA ASN A 1097 -47.87 -6.08 17.83
C ASN A 1097 -48.00 -5.35 16.50
N ARG A 1098 -47.88 -4.02 16.51
CA ARG A 1098 -48.04 -3.25 15.29
C ARG A 1098 -46.92 -3.54 14.30
N LYS A 1099 -45.68 -3.28 14.69
CA LYS A 1099 -44.55 -3.57 13.82
C LYS A 1099 -44.53 -5.03 13.42
N LEU A 1100 -45.10 -5.91 14.23
CA LEU A 1100 -45.23 -7.30 13.85
C LEU A 1100 -46.05 -7.43 12.57
N ASN A 1101 -47.23 -6.82 12.55
CA ASN A 1101 -48.01 -6.82 11.32
C ASN A 1101 -47.26 -6.12 10.21
N GLU A 1102 -46.54 -5.04 10.53
CA GLU A 1102 -45.81 -4.30 9.51
C GLU A 1102 -44.84 -5.21 8.76
N ILE A 1103 -43.97 -5.88 9.50
CA ILE A 1103 -43.03 -6.80 8.86
C ILE A 1103 -43.76 -7.99 8.27
N LEU A 1104 -44.94 -8.30 8.80
CA LEU A 1104 -45.67 -9.46 8.30
C LEU A 1104 -46.31 -9.22 6.95
N ASP A 1105 -46.37 -7.97 6.48
CA ASP A 1105 -47.04 -7.67 5.22
C ASP A 1105 -46.27 -6.65 4.41
N TYR A 1106 -44.94 -6.67 4.51
CA TYR A 1106 -44.13 -5.59 3.95
C TYR A 1106 -44.30 -5.49 2.44
N ASN A 1107 -43.86 -6.51 1.70
CA ASN A 1107 -43.81 -6.41 0.25
C ASN A 1107 -45.17 -6.04 -0.33
N ILE A 1108 -46.25 -6.50 0.29
CA ILE A 1108 -47.58 -6.18 -0.19
C ILE A 1108 -47.81 -4.68 -0.16
N ASN A 1109 -47.49 -4.04 0.96
CA ASN A 1109 -47.70 -2.59 1.06
C ASN A 1109 -46.76 -1.84 0.12
N TYR A 1110 -45.56 -2.35 -0.09
CA TYR A 1110 -44.64 -1.70 -1.02
C TYR A 1110 -45.20 -1.72 -2.43
N LEU A 1111 -45.69 -2.88 -2.86
CA LEU A 1111 -46.30 -2.95 -4.19
C LEU A 1111 -47.57 -2.12 -4.25
N ALA A 1112 -48.29 -1.99 -3.14
CA ALA A 1112 -49.49 -1.14 -3.14
C ALA A 1112 -49.12 0.33 -3.34
N TYR A 1113 -48.07 0.77 -2.65
CA TYR A 1113 -47.55 2.12 -2.85
C TYR A 1113 -47.19 2.35 -4.31
N ASN A 1114 -46.35 1.49 -4.86
CA ASN A 1114 -45.91 1.70 -6.25
C ASN A 1114 -47.06 1.52 -7.24
N LEU A 1115 -48.11 0.79 -6.85
CA LEU A 1115 -49.30 0.74 -7.69
C LEU A 1115 -50.05 2.06 -7.64
N ALA A 1116 -50.15 2.64 -6.44
CA ALA A 1116 -50.65 4.00 -6.33
C ALA A 1116 -49.87 4.93 -7.24
N LEU A 1117 -48.64 4.57 -7.58
CA LEU A 1117 -47.99 5.19 -8.73
C LEU A 1117 -48.50 4.56 -10.03
N LEU A 1118 -49.82 4.62 -10.19
CA LEU A 1118 -50.51 4.20 -11.41
C LEU A 1118 -50.42 5.33 -12.44
N LYS A 1119 -51.28 5.28 -13.47
CA LYS A 1119 -51.36 6.37 -14.43
C LYS A 1119 -51.41 7.71 -13.71
N ASN A 1120 -50.90 8.74 -14.40
CA ASN A 1120 -50.45 9.96 -13.75
C ASN A 1120 -51.49 10.55 -12.82
N ALA A 1121 -51.00 11.28 -11.82
CA ALA A 1121 -51.86 12.10 -10.99
C ALA A 1121 -52.05 13.46 -11.69
N ILE A 1122 -52.62 14.42 -10.98
CA ILE A 1122 -52.77 15.76 -11.52
C ILE A 1122 -51.43 16.48 -11.48
N GLU A 1123 -51.14 17.23 -12.55
CA GLU A 1123 -49.88 17.92 -12.70
C GLU A 1123 -50.07 19.38 -12.34
N PRO A 1124 -49.56 19.84 -11.20
CA PRO A 1124 -49.73 21.25 -10.85
C PRO A 1124 -49.08 22.16 -11.88
N PRO A 1125 -49.50 23.41 -11.98
CA PRO A 1125 -49.06 24.24 -13.11
C PRO A 1125 -47.61 24.67 -13.03
N THR A 1126 -47.12 25.00 -11.84
CA THR A 1126 -45.75 25.48 -11.71
C THR A 1126 -44.76 24.43 -12.19
N TYR A 1127 -44.84 23.23 -11.62
CA TYR A 1127 -43.87 22.18 -11.93
C TYR A 1127 -43.97 21.76 -13.38
N LEU A 1128 -45.18 21.86 -13.95
CA LEU A 1128 -45.44 21.48 -15.33
C LEU A 1128 -44.42 22.11 -16.28
N LYS A 1129 -44.23 23.41 -16.17
CA LYS A 1129 -43.18 24.06 -16.96
C LYS A 1129 -41.83 23.95 -16.25
N ALA A 1130 -41.83 23.89 -14.92
CA ALA A 1130 -40.59 23.93 -14.18
C ALA A 1130 -39.67 22.77 -14.52
N MET A 1131 -40.23 21.63 -14.91
CA MET A 1131 -39.43 20.44 -15.15
C MET A 1131 -39.41 20.00 -16.61
N THR A 1132 -40.34 20.49 -17.42
CA THR A 1132 -40.47 19.97 -18.78
C THR A 1132 -39.22 20.29 -19.59
N LEU A 1133 -39.12 19.62 -20.74
CA LEU A 1133 -37.95 19.70 -21.61
C LEU A 1133 -36.69 19.46 -20.79
N GLU A 1134 -36.48 18.19 -20.44
CA GLU A 1134 -35.35 17.66 -19.62
C GLU A 1134 -34.02 18.37 -19.93
N THR A 1135 -33.81 19.53 -19.28
CA THR A 1135 -32.61 20.37 -19.48
C THR A 1135 -31.46 19.73 -18.72
N CYS A 1136 -31.47 19.81 -17.38
CA CYS A 1136 -30.40 19.11 -16.67
C CYS A 1136 -30.81 18.49 -15.36
N SER A 1137 -30.39 17.23 -15.20
CA SER A 1137 -30.72 16.38 -14.02
C SER A 1137 -30.53 17.11 -12.69
N ILE A 1138 -29.35 17.69 -12.44
CA ILE A 1138 -29.01 18.35 -11.15
C ILE A 1138 -30.12 19.31 -10.72
N ASP A 1139 -30.57 20.24 -11.58
CA ASP A 1139 -31.65 21.10 -11.08
C ASP A 1139 -32.88 20.28 -10.74
N ILE A 1140 -33.18 19.27 -11.55
CA ILE A 1140 -34.34 18.43 -11.26
C ILE A 1140 -34.14 17.71 -9.95
N ALA A 1141 -32.94 17.20 -9.70
CA ALA A 1141 -32.67 16.55 -8.42
C ALA A 1141 -32.82 17.52 -7.27
N ARG A 1142 -32.29 18.74 -7.43
CA ARG A 1142 -32.41 19.73 -6.38
C ARG A 1142 -33.87 19.99 -6.05
N ASN A 1143 -34.68 20.26 -7.08
CA ASN A 1143 -36.09 20.55 -6.84
C ASN A 1143 -36.80 19.36 -6.23
N LEU A 1144 -36.46 18.15 -6.66
CA LEU A 1144 -37.13 16.98 -6.13
C LEU A 1144 -36.81 16.80 -4.66
N ARG A 1145 -35.54 16.92 -4.29
CA ARG A 1145 -35.17 16.77 -2.89
C ARG A 1145 -35.84 17.84 -2.05
N LYS A 1146 -35.88 19.08 -2.55
CA LYS A 1146 -36.54 20.16 -1.83
C LYS A 1146 -38.01 19.83 -1.60
N LEU A 1147 -38.73 19.57 -2.68
CA LEU A 1147 -40.17 19.33 -2.59
C LEU A 1147 -40.47 18.13 -1.71
N SER A 1148 -39.59 17.12 -1.72
CA SER A 1148 -39.84 15.93 -0.94
C SER A 1148 -39.61 16.18 0.54
N TRP A 1149 -38.45 16.73 0.91
CA TRP A 1149 -38.20 16.97 2.32
C TRP A 1149 -39.02 18.13 2.87
N ALA A 1150 -39.73 18.85 2.02
CA ALA A 1150 -40.44 20.07 2.37
C ALA A 1150 -41.23 20.01 3.70
N PRO A 1151 -42.17 19.07 3.88
CA PRO A 1151 -43.16 19.22 4.98
C PRO A 1151 -42.56 19.41 6.36
N LEU A 1152 -41.29 19.08 6.55
CA LEU A 1152 -40.68 19.31 7.86
C LEU A 1152 -40.05 20.70 7.95
N LEU A 1153 -39.07 20.97 7.09
CA LEU A 1153 -38.37 22.24 7.14
C LEU A 1153 -39.02 23.31 6.27
N GLY A 1154 -39.57 22.93 5.12
CA GLY A 1154 -40.34 23.85 4.30
C GLY A 1154 -39.52 24.88 3.55
N GLY A 1155 -39.60 26.13 3.99
CA GLY A 1155 -38.94 27.26 3.37
C GLY A 1155 -37.51 27.00 2.95
N ARG A 1156 -36.67 26.59 3.89
CA ARG A 1156 -35.30 26.25 3.55
C ARG A 1156 -35.29 25.07 2.60
N ASN A 1157 -34.33 25.09 1.67
CA ASN A 1157 -34.18 24.04 0.67
C ASN A 1157 -32.71 23.65 0.63
N LEU A 1158 -32.39 22.47 1.16
CA LEU A 1158 -30.99 22.11 1.39
C LEU A 1158 -30.26 21.90 0.08
N GLU A 1159 -29.00 22.31 0.06
CA GLU A 1159 -28.09 22.05 -1.05
C GLU A 1159 -26.68 21.96 -0.48
N GLY A 1160 -25.68 22.04 -1.34
CA GLY A 1160 -24.30 21.85 -0.97
C GLY A 1160 -23.73 20.50 -1.31
N LEU A 1161 -24.33 19.78 -2.26
CA LEU A 1161 -23.98 18.40 -2.60
C LEU A 1161 -24.17 18.23 -4.09
N GLU A 1162 -24.33 16.97 -4.52
CA GLU A 1162 -24.76 16.65 -5.87
C GLU A 1162 -23.75 17.06 -6.94
N THR A 1163 -22.56 16.49 -6.87
CA THR A 1163 -21.67 16.50 -8.02
C THR A 1163 -22.37 15.80 -9.19
N PRO A 1164 -22.04 16.15 -10.42
CA PRO A 1164 -22.81 15.62 -11.56
C PRO A 1164 -22.60 14.14 -11.78
N ASP A 1165 -23.21 13.61 -12.84
CA ASP A 1165 -23.11 12.23 -13.30
C ASP A 1165 -22.10 12.11 -14.41
N PRO A 1166 -21.33 11.02 -14.44
CA PRO A 1166 -20.36 10.84 -15.52
C PRO A 1166 -21.00 10.74 -16.89
N ILE A 1167 -21.98 9.86 -17.06
CA ILE A 1167 -22.52 9.62 -18.39
C ILE A 1167 -23.41 10.78 -18.82
N GLU A 1168 -24.05 11.46 -17.88
CA GLU A 1168 -24.82 12.65 -18.24
C GLU A 1168 -23.92 13.73 -18.82
N ILE A 1169 -22.86 14.08 -18.10
CA ILE A 1169 -22.03 15.21 -18.50
C ILE A 1169 -21.16 14.83 -19.69
N THR A 1170 -20.29 13.84 -19.50
CA THR A 1170 -19.27 13.55 -20.49
C THR A 1170 -19.90 13.10 -21.81
N ALA A 1171 -19.35 13.60 -22.91
CA ALA A 1171 -19.80 13.22 -24.24
C ALA A 1171 -18.78 12.37 -24.98
N GLY A 1172 -17.57 12.87 -25.14
CA GLY A 1172 -16.48 12.07 -25.67
C GLY A 1172 -16.65 11.60 -27.09
N ALA A 1173 -15.60 10.99 -27.65
CA ALA A 1173 -15.61 10.45 -28.99
C ALA A 1173 -14.36 9.59 -29.17
N LEU A 1174 -14.54 8.47 -29.85
CA LEU A 1174 -13.47 7.53 -30.13
C LEU A 1174 -12.91 7.81 -31.51
N ILE A 1175 -11.66 7.42 -31.73
CA ILE A 1175 -10.98 7.66 -32.99
C ILE A 1175 -10.04 6.52 -33.30
N VAL A 1176 -10.13 5.97 -34.50
CA VAL A 1176 -9.24 4.94 -35.01
C VAL A 1176 -8.75 5.35 -36.39
N GLY A 1177 -7.45 5.19 -36.62
CA GLY A 1177 -6.90 5.54 -37.93
C GLY A 1177 -7.08 7.01 -38.21
N SER A 1178 -8.01 7.32 -39.12
CA SER A 1178 -8.33 8.73 -39.48
C SER A 1178 -9.78 9.04 -39.08
N GLY A 1179 -9.97 9.66 -37.90
CA GLY A 1179 -11.32 9.98 -37.40
C GLY A 1179 -11.48 11.44 -37.03
N TYR A 1180 -12.57 12.07 -37.48
CA TYR A 1180 -12.90 13.49 -37.16
C TYR A 1180 -14.19 13.50 -36.33
N CYS A 1181 -14.19 14.22 -35.20
CA CYS A 1181 -15.40 14.25 -34.33
C CYS A 1181 -15.76 15.69 -33.95
N GLU A 1182 -16.69 15.82 -32.98
CA GLU A 1182 -17.21 17.11 -32.44
C GLU A 1182 -16.07 18.12 -32.25
N GLN A 1183 -16.25 19.33 -32.79
CA GLN A 1183 -15.21 20.40 -32.72
C GLN A 1183 -14.93 20.76 -31.27
N CYS A 1184 -13.65 20.97 -30.94
CA CYS A 1184 -13.21 21.32 -29.56
C CYS A 1184 -13.68 22.75 -29.22
N PHE A 1191 -10.44 18.49 -21.13
CA PHE A 1191 -9.96 17.96 -22.44
C PHE A 1191 -9.02 16.78 -22.21
N THR A 1192 -9.50 15.73 -21.55
CA THR A 1192 -8.68 14.52 -21.27
C THR A 1192 -8.68 13.60 -22.49
N TRP A 1193 -7.79 12.60 -22.51
CA TRP A 1193 -7.69 11.67 -23.62
C TRP A 1193 -6.89 10.45 -23.20
N PHE A 1194 -7.32 9.30 -23.71
CA PHE A 1194 -6.66 8.04 -23.46
C PHE A 1194 -6.12 7.48 -24.75
N PHE A 1195 -4.96 6.83 -24.68
CA PHE A 1195 -4.27 6.29 -25.83
C PHE A 1195 -4.25 4.77 -25.74
N LEU A 1196 -4.20 4.14 -26.90
CA LEU A 1196 -4.06 2.69 -26.93
C LEU A 1196 -3.33 2.30 -28.21
N PRO A 1197 -2.03 2.04 -28.14
CA PRO A 1197 -1.27 1.76 -29.36
C PRO A 1197 -1.62 0.39 -29.92
N SER A 1198 -1.04 0.10 -31.07
CA SER A 1198 -1.31 -1.16 -31.76
C SER A 1198 -0.60 -2.28 -30.99
N GLY A 1199 -1.25 -2.82 -29.97
CA GLY A 1199 -0.64 -3.78 -29.09
C GLY A 1199 -1.30 -5.13 -29.17
N ILE A 1200 -0.47 -6.17 -29.26
CA ILE A 1200 -0.92 -7.56 -29.27
C ILE A 1200 -1.30 -7.94 -27.85
N GLU A 1201 -2.43 -8.63 -27.70
CA GLU A 1201 -2.96 -8.92 -26.38
C GLU A 1201 -2.10 -9.94 -25.68
N ILE A 1202 -2.53 -10.29 -24.46
CA ILE A 1202 -1.81 -11.28 -23.67
C ILE A 1202 -1.70 -12.57 -24.47
N GLY A 1203 -0.57 -13.24 -24.33
CA GLY A 1203 -0.31 -14.46 -25.07
C GLY A 1203 0.57 -14.30 -26.28
N GLY A 1204 1.22 -13.16 -26.45
CA GLY A 1204 2.08 -12.95 -27.59
C GLY A 1204 3.55 -13.05 -27.24
N ASP A 1205 4.20 -11.91 -27.06
CA ASP A 1205 5.61 -11.82 -26.79
C ASP A 1205 5.88 -10.66 -25.84
N PRO A 1206 6.61 -10.90 -24.75
CA PRO A 1206 6.89 -9.82 -23.81
C PRO A 1206 7.61 -8.64 -24.44
N ARG A 1207 8.47 -8.90 -25.41
CA ARG A 1207 9.23 -7.81 -26.03
C ARG A 1207 8.39 -7.05 -27.05
N ASP A 1208 7.39 -7.69 -27.64
CA ASP A 1208 6.56 -7.03 -28.65
C ASP A 1208 5.42 -6.22 -28.06
N ASN A 1209 5.19 -6.27 -26.75
CA ASN A 1209 4.21 -5.39 -26.14
C ASN A 1209 4.67 -3.96 -26.32
N PRO A 1210 3.95 -3.16 -27.10
CA PRO A 1210 4.50 -1.88 -27.58
C PRO A 1210 5.03 -1.03 -26.45
N PRO A 1211 4.28 -0.79 -25.39
CA PRO A 1211 4.83 0.06 -24.33
C PRO A 1211 5.52 -0.77 -23.28
N ILE A 1212 6.08 -0.09 -22.29
CA ILE A 1212 6.37 -0.75 -21.02
C ILE A 1212 5.06 -0.83 -20.25
N ARG A 1213 4.58 -2.05 -20.02
CA ARG A 1213 3.26 -2.24 -19.44
C ARG A 1213 3.19 -1.58 -18.06
N VAL A 1214 2.39 -0.53 -17.96
CA VAL A 1214 2.28 0.26 -16.75
C VAL A 1214 0.88 0.07 -16.18
N PRO A 1215 0.73 -0.39 -14.95
CA PRO A 1215 -0.61 -0.66 -14.43
C PRO A 1215 -1.25 0.55 -13.79
N TYR A 1216 -2.40 0.96 -14.28
CA TYR A 1216 -3.16 2.01 -13.60
C TYR A 1216 -4.23 1.37 -12.74
N ILE A 1217 -4.64 2.10 -11.70
CA ILE A 1217 -5.62 1.62 -10.73
C ILE A 1217 -6.69 2.68 -10.58
N GLY A 1218 -7.91 2.22 -10.30
CA GLY A 1218 -8.94 3.14 -9.87
C GLY A 1218 -8.42 3.96 -8.72
N SER A 1219 -8.14 5.23 -9.00
CA SER A 1219 -7.39 6.08 -8.09
C SER A 1219 -8.25 6.44 -6.89
N ARG A 1220 -7.84 6.01 -5.70
CA ARG A 1220 -8.51 6.38 -4.46
C ARG A 1220 -7.46 6.99 -3.54
N THR A 1221 -7.35 8.31 -3.59
CA THR A 1221 -6.40 9.04 -2.77
C THR A 1221 -7.00 9.38 -1.42
N ASP A 1222 -6.13 9.70 -0.46
CA ASP A 1222 -6.52 10.22 0.85
C ASP A 1222 -5.76 11.54 1.05
N GLU A 1223 -6.49 12.65 0.93
CA GLU A 1223 -5.90 13.99 1.02
C GLU A 1223 -5.52 14.33 2.46
N ARG A 1224 -4.58 13.57 3.03
CA ARG A 1224 -4.16 13.76 4.41
C ARG A 1224 -2.78 14.37 4.46
N ARG A 1225 -2.73 15.64 4.88
CA ARG A 1225 -1.47 16.37 4.89
C ARG A 1225 -1.27 17.05 6.23
N TYR A 1231 0.13 20.55 23.93
CA TYR A 1231 0.30 19.19 23.40
C TYR A 1231 1.03 18.33 24.42
N ILE A 1232 0.68 18.51 25.70
CA ILE A 1232 1.28 17.68 26.75
C ILE A 1232 0.99 16.20 26.53
N ARG A 1233 -0.11 15.86 25.87
CA ARG A 1233 -0.32 14.48 25.43
C ARG A 1233 -0.85 14.49 24.00
N GLY A 1234 -0.34 13.58 23.18
CA GLY A 1234 -0.70 13.53 21.78
C GLY A 1234 -1.19 12.19 21.27
N ALA A 1235 -1.14 11.16 22.12
CA ALA A 1235 -1.62 9.83 21.72
C ALA A 1235 -3.11 9.89 21.41
N SER A 1236 -3.48 9.29 20.27
CA SER A 1236 -4.85 9.42 19.77
C SER A 1236 -5.85 8.75 20.70
N SER A 1237 -7.04 9.33 20.75
CA SER A 1237 -8.14 8.89 21.61
C SER A 1237 -9.41 9.54 21.07
N SER A 1238 -10.46 9.55 21.89
CA SER A 1238 -11.63 10.37 21.59
C SER A 1238 -11.26 11.84 21.39
N LEU A 1239 -10.13 12.27 21.97
CA LEU A 1239 -9.65 13.63 21.72
C LEU A 1239 -9.55 13.91 20.23
N LYS A 1240 -9.11 12.93 19.45
CA LYS A 1240 -9.11 13.08 18.00
C LYS A 1240 -10.52 13.28 17.48
N ALA A 1241 -11.48 12.60 18.09
CA ALA A 1241 -12.87 12.76 17.68
C ALA A 1241 -13.33 14.20 17.91
N VAL A 1242 -13.01 14.77 19.06
CA VAL A 1242 -13.37 16.17 19.29
C VAL A 1242 -12.61 17.10 18.35
N LEU A 1243 -11.35 16.79 18.07
CA LEU A 1243 -10.61 17.56 17.07
C LEU A 1243 -11.41 17.66 15.77
N ARG A 1244 -11.78 16.51 15.21
CA ARG A 1244 -12.54 16.54 13.97
C ARG A 1244 -13.89 17.22 14.15
N LEU A 1245 -14.53 17.01 15.31
CA LEU A 1245 -15.80 17.65 15.59
C LEU A 1245 -15.70 19.16 15.43
N ALA A 1246 -14.82 19.78 16.21
CA ALA A 1246 -14.69 21.24 16.16
C ALA A 1246 -14.25 21.69 14.78
N GLY A 1247 -13.32 20.97 14.16
CA GLY A 1247 -12.82 21.36 12.86
C GLY A 1247 -13.92 21.44 11.82
N VAL A 1248 -14.84 20.48 11.83
CA VAL A 1248 -15.94 20.57 10.88
C VAL A 1248 -16.96 21.60 11.32
N TYR A 1249 -17.37 21.55 12.59
CA TYR A 1249 -18.46 22.40 13.06
C TYR A 1249 -18.14 23.88 12.93
N ILE A 1250 -16.86 24.26 12.84
CA ILE A 1250 -16.57 25.67 12.70
C ILE A 1250 -16.61 26.12 11.25
N TRP A 1251 -16.67 25.21 10.30
CA TRP A 1251 -16.78 25.44 8.86
C TRP A 1251 -15.58 26.16 8.25
N ALA A 1252 -14.55 26.49 9.03
CA ALA A 1252 -13.32 27.13 8.55
C ALA A 1252 -13.56 28.56 8.07
N PHE A 1253 -14.82 29.00 8.07
CA PHE A 1253 -15.20 30.40 7.84
C PHE A 1253 -16.06 30.96 8.96
N GLY A 1254 -17.02 30.19 9.47
CA GLY A 1254 -17.91 30.73 10.49
C GLY A 1254 -17.24 30.69 11.84
N ASP A 1255 -16.72 31.84 12.26
CA ASP A 1255 -15.92 31.98 13.47
C ASP A 1255 -16.58 33.04 14.33
N THR A 1256 -17.60 32.64 15.07
CA THR A 1256 -18.32 33.54 15.95
C THR A 1256 -18.28 32.99 17.36
N LEU A 1257 -18.37 33.90 18.33
CA LEU A 1257 -18.38 33.47 19.73
C LEU A 1257 -19.44 32.43 19.97
N GLU A 1258 -20.63 32.62 19.39
CA GLU A 1258 -21.68 31.60 19.51
C GLU A 1258 -21.20 30.26 18.94
N ASN A 1259 -20.59 30.30 17.76
CA ASN A 1259 -20.19 29.05 17.11
C ASN A 1259 -19.12 28.32 17.89
N TRP A 1260 -18.11 29.04 18.37
CA TRP A 1260 -17.03 28.36 19.11
C TRP A 1260 -17.51 27.90 20.48
N ILE A 1261 -18.37 28.68 21.14
CA ILE A 1261 -18.95 28.21 22.38
C ILE A 1261 -19.71 26.91 22.15
N ASP A 1262 -20.48 26.85 21.07
CA ASP A 1262 -21.26 25.65 20.81
C ASP A 1262 -20.38 24.45 20.48
N ALA A 1263 -19.32 24.67 19.70
CA ALA A 1263 -18.39 23.59 19.41
C ALA A 1263 -17.75 23.07 20.68
N LEU A 1264 -17.26 23.98 21.53
CA LEU A 1264 -16.69 23.58 22.81
C LEU A 1264 -17.70 22.81 23.64
N ASP A 1265 -18.98 23.21 23.58
CA ASP A 1265 -19.97 22.55 24.42
C ASP A 1265 -20.25 21.12 23.93
N LEU A 1266 -20.42 20.95 22.62
CA LEU A 1266 -20.62 19.60 22.09
C LEU A 1266 -19.43 18.72 22.40
N SER A 1267 -18.22 19.28 22.30
CA SER A 1267 -17.04 18.57 22.80
C SER A 1267 -17.20 18.17 24.25
N HIS A 1268 -17.44 19.16 25.12
CA HIS A 1268 -17.45 18.94 26.57
C HIS A 1268 -18.45 17.86 26.94
N THR A 1269 -19.51 17.72 26.15
CA THR A 1269 -20.43 16.61 26.39
C THR A 1269 -19.90 15.32 25.78
N ARG A 1270 -19.18 15.39 24.67
CA ARG A 1270 -18.67 14.19 24.03
C ARG A 1270 -17.61 13.51 24.89
N VAL A 1271 -16.50 14.19 25.12
CA VAL A 1271 -15.39 13.57 25.81
C VAL A 1271 -15.65 13.53 27.31
N ASN A 1272 -16.04 12.36 27.80
CA ASN A 1272 -16.05 12.03 29.22
C ASN A 1272 -15.00 10.96 29.47
N ILE A 1273 -13.87 11.09 28.80
CA ILE A 1273 -12.81 10.08 28.78
C ILE A 1273 -11.77 10.41 29.85
N THR A 1274 -11.10 11.55 29.71
CA THR A 1274 -10.34 12.11 30.81
C THR A 1274 -11.33 12.88 31.69
N LEU A 1275 -10.81 13.75 32.55
CA LEU A 1275 -11.70 14.63 33.28
C LEU A 1275 -12.32 15.64 32.32
N GLU A 1276 -13.16 16.53 32.86
CA GLU A 1276 -13.83 17.53 32.04
C GLU A 1276 -12.80 18.39 31.31
N GLN A 1277 -13.16 18.81 30.10
CA GLN A 1277 -12.27 19.53 29.21
C GLN A 1277 -12.74 20.98 29.10
N LEU A 1278 -11.99 21.91 29.68
CA LEU A 1278 -12.44 23.27 29.91
C LEU A 1278 -11.65 24.30 29.11
N GLN A 1279 -10.88 23.86 28.12
CA GLN A 1279 -10.03 24.79 27.40
C GLN A 1279 -10.84 25.83 26.65
N SER A 1280 -10.62 27.10 26.99
CA SER A 1280 -11.35 28.20 26.36
C SER A 1280 -11.35 28.07 24.85
N LEU A 1281 -10.25 27.59 24.29
CA LEU A 1281 -10.19 27.34 22.85
C LEU A 1281 -9.26 26.15 22.64
N THR A 1282 -9.81 25.05 22.16
CA THR A 1282 -9.00 23.92 21.74
C THR A 1282 -8.02 24.42 20.68
N PRO A 1283 -6.74 24.50 21.01
CA PRO A 1283 -5.79 25.21 20.14
C PRO A 1283 -5.58 24.58 18.77
N LEU A 1284 -5.14 23.34 18.75
CA LEU A 1284 -4.68 22.69 17.51
C LEU A 1284 -5.76 22.39 16.48
N PRO A 1285 -7.07 22.25 16.82
CA PRO A 1285 -8.06 21.96 15.77
C PRO A 1285 -7.91 22.81 14.53
N THR A 1286 -7.58 22.15 13.42
CA THR A 1286 -7.26 22.81 12.17
C THR A 1286 -8.49 22.85 11.26
N SER A 1287 -8.42 23.67 10.23
CA SER A 1287 -9.52 23.84 9.28
C SER A 1287 -9.73 22.55 8.51
N ALA A 1288 -10.98 22.09 8.43
CA ALA A 1288 -11.32 20.88 7.69
C ALA A 1288 -12.51 21.05 6.77
N ASN A 1289 -13.16 22.22 6.74
CA ASN A 1289 -14.24 22.47 5.80
C ASN A 1289 -13.76 23.18 4.55
N LEU A 1290 -12.59 23.82 4.61
CA LEU A 1290 -11.93 24.28 3.39
C LEU A 1290 -11.76 23.15 2.39
N THR A 1291 -11.77 21.91 2.87
CA THR A 1291 -11.59 20.72 2.07
C THR A 1291 -12.79 19.78 2.21
N HIS A 1292 -12.80 18.75 1.37
CA HIS A 1292 -13.75 17.64 1.52
C HIS A 1292 -13.11 16.47 2.29
N ARG A 1293 -12.54 16.75 3.46
CA ARG A 1293 -12.00 15.70 4.32
C ARG A 1293 -13.07 15.36 5.34
N LEU A 1294 -14.11 14.66 4.88
CA LEU A 1294 -15.29 14.42 5.69
C LEU A 1294 -15.95 13.11 5.26
N ASP A 1295 -15.65 12.02 5.97
CA ASP A 1295 -16.18 10.70 5.65
C ASP A 1295 -15.71 9.73 6.73
N ASP A 1296 -16.11 8.46 6.58
CA ASP A 1296 -15.83 7.44 7.58
C ASP A 1296 -15.81 6.07 6.94
N GLY A 1297 -14.88 5.21 7.35
CA GLY A 1297 -14.83 3.85 6.85
C GLY A 1297 -13.61 3.13 7.35
N THR A 1298 -13.24 2.08 6.61
CA THR A 1298 -12.00 1.32 6.81
C THR A 1298 -11.89 0.69 8.20
N THR A 1299 -12.75 -0.28 8.52
CA THR A 1299 -12.72 -0.90 9.84
C THR A 1299 -12.47 -2.41 9.81
N THR A 1300 -13.11 -3.14 8.88
CA THR A 1300 -13.18 -4.59 8.94
C THR A 1300 -11.92 -5.22 8.34
N LEU A 1301 -11.96 -6.54 8.09
CA LEU A 1301 -10.78 -7.30 7.73
C LEU A 1301 -10.42 -7.18 6.24
N LYS A 1302 -11.29 -7.66 5.36
CA LYS A 1302 -10.94 -7.78 3.95
C LYS A 1302 -12.08 -7.33 3.06
N PHE A 1303 -11.73 -7.11 1.79
CA PHE A 1303 -12.71 -6.99 0.71
C PHE A 1303 -11.96 -7.34 -0.58
N THR A 1304 -12.11 -8.58 -1.04
CA THR A 1304 -11.26 -9.10 -2.09
C THR A 1304 -11.63 -8.74 -3.53
N PRO A 1305 -12.93 -8.72 -3.94
CA PRO A 1305 -13.24 -8.80 -5.37
C PRO A 1305 -12.86 -7.54 -6.14
N ALA A 1306 -11.58 -7.40 -6.47
CA ALA A 1306 -11.07 -6.10 -6.88
C ALA A 1306 -11.65 -5.57 -8.18
N SER A 1307 -11.23 -6.14 -9.31
CA SER A 1307 -11.61 -5.61 -10.62
C SER A 1307 -11.06 -6.48 -11.74
N SER A 1308 -11.19 -6.02 -12.98
CA SER A 1308 -10.50 -6.64 -14.12
C SER A 1308 -9.63 -5.62 -14.82
N TYR A 1309 -8.53 -6.10 -15.39
CA TYR A 1309 -7.64 -5.29 -16.20
C TYR A 1309 -6.98 -6.19 -17.22
N THR A 1310 -7.30 -5.99 -18.49
CA THR A 1310 -6.54 -6.63 -19.55
C THR A 1310 -6.15 -5.67 -20.67
N PHE A 1311 -6.75 -4.49 -20.73
CA PHE A 1311 -6.28 -3.45 -21.64
C PHE A 1311 -6.28 -2.07 -21.02
N SER A 1312 -6.74 -1.92 -19.79
CA SER A 1312 -6.36 -0.74 -19.02
C SER A 1312 -5.01 -1.02 -18.40
N SER A 1313 -4.10 -1.54 -19.22
CA SER A 1313 -2.72 -1.79 -18.84
C SER A 1313 -1.77 -1.11 -19.79
N PHE A 1314 -1.97 -1.28 -21.09
CA PHE A 1314 -1.22 -0.50 -22.07
C PHE A 1314 -1.78 0.90 -22.23
N THR A 1315 -2.77 1.25 -21.43
CA THR A 1315 -3.36 2.59 -21.48
C THR A 1315 -2.32 3.64 -21.15
N HIS A 1316 -2.50 4.82 -21.75
CA HIS A 1316 -1.59 5.95 -21.55
C HIS A 1316 -2.46 7.20 -21.41
N ILE A 1317 -2.88 7.49 -20.18
CA ILE A 1317 -3.67 8.69 -19.94
C ILE A 1317 -2.77 9.91 -20.00
N SER A 1318 -3.39 11.08 -20.05
CA SER A 1318 -2.70 12.34 -19.86
C SER A 1318 -3.71 13.46 -19.69
N ASN A 1319 -3.53 14.27 -18.66
CA ASN A 1319 -4.44 15.38 -18.37
C ASN A 1319 -3.97 16.68 -18.98
N ASP A 1320 -3.24 16.63 -20.09
CA ASP A 1320 -2.54 17.77 -20.70
C ASP A 1320 -3.45 18.87 -21.12
N GLU A 1321 -4.75 18.83 -20.91
CA GLU A 1321 -5.61 19.92 -21.29
C GLU A 1321 -6.36 20.43 -20.06
N GLN A 1322 -6.72 21.71 -20.12
CA GLN A 1322 -7.15 22.44 -18.95
C GLN A 1322 -8.43 21.86 -18.37
N TYR A 1323 -8.40 21.52 -17.09
CA TYR A 1323 -9.63 21.34 -16.31
C TYR A 1323 -9.63 22.14 -15.02
N LEU A 1324 -8.47 22.35 -14.38
CA LEU A 1324 -8.33 23.25 -13.24
C LEU A 1324 -6.89 23.75 -13.23
N THR A 1325 -6.71 24.92 -12.65
CA THR A 1325 -5.44 25.64 -12.68
C THR A 1325 -4.69 25.38 -11.39
N ILE A 1326 -3.64 26.17 -11.17
CA ILE A 1326 -2.85 26.06 -9.95
C ILE A 1326 -3.78 26.29 -8.78
N ASN A 1327 -4.05 25.23 -8.04
CA ASN A 1327 -5.13 25.23 -7.06
C ASN A 1327 -5.00 23.97 -6.22
N ASP A 1328 -5.84 23.89 -5.19
CA ASP A 1328 -5.86 22.77 -4.26
C ASP A 1328 -7.29 22.31 -4.05
N LYS A 1329 -8.00 22.06 -5.16
CA LYS A 1329 -9.41 21.69 -5.16
C LYS A 1329 -9.74 20.58 -4.17
N THR A 1330 -8.75 19.77 -3.80
CA THR A 1330 -8.83 18.84 -2.65
C THR A 1330 -10.14 18.07 -2.59
N ALA A 1331 -10.37 17.25 -3.62
CA ALA A 1331 -11.46 16.28 -3.74
C ALA A 1331 -12.81 16.92 -4.05
N ASP A 1332 -12.87 18.22 -4.34
CA ASP A 1332 -14.08 18.76 -4.93
C ASP A 1332 -14.17 18.41 -6.41
N SER A 1333 -13.01 18.34 -7.09
CA SER A 1333 -12.96 17.88 -8.47
C SER A 1333 -12.30 16.52 -8.62
N ASN A 1334 -11.43 16.12 -7.70
CA ASN A 1334 -10.82 14.80 -7.80
C ASN A 1334 -11.86 13.70 -7.83
N ILE A 1335 -12.98 13.92 -7.12
CA ILE A 1335 -14.08 12.95 -7.16
C ILE A 1335 -14.58 12.77 -8.59
N ILE A 1336 -15.01 13.86 -9.21
CA ILE A 1336 -15.44 13.76 -10.60
C ILE A 1336 -14.26 13.41 -11.49
N TYR A 1337 -13.04 13.78 -11.08
CA TYR A 1337 -11.87 13.37 -11.85
C TYR A 1337 -11.64 11.87 -11.75
N GLN A 1338 -11.75 11.33 -10.54
CA GLN A 1338 -11.66 9.88 -10.36
C GLN A 1338 -12.69 9.16 -11.22
N GLN A 1339 -13.94 9.64 -11.17
CA GLN A 1339 -14.98 9.04 -11.98
C GLN A 1339 -14.63 9.12 -13.46
N LEU A 1340 -14.08 10.26 -13.90
CA LEU A 1340 -13.80 10.41 -15.31
C LEU A 1340 -12.70 9.46 -15.76
N MET A 1341 -11.66 9.30 -14.94
CA MET A 1341 -10.60 8.37 -15.31
C MET A 1341 -11.13 6.95 -15.40
N ILE A 1342 -11.82 6.49 -14.36
CA ILE A 1342 -12.34 5.13 -14.38
C ILE A 1342 -13.32 4.95 -15.53
N THR A 1343 -14.09 6.00 -15.84
CA THR A 1343 -15.07 5.90 -16.91
C THR A 1343 -14.39 5.76 -18.26
N GLY A 1344 -13.33 6.53 -18.51
CA GLY A 1344 -12.58 6.35 -19.72
C GLY A 1344 -12.03 4.95 -19.84
N LEU A 1345 -11.46 4.44 -18.74
CA LEU A 1345 -10.92 3.09 -18.77
C LEU A 1345 -12.00 2.08 -19.13
N GLY A 1346 -13.17 2.22 -18.52
CA GLY A 1346 -14.25 1.27 -18.78
C GLY A 1346 -14.74 1.36 -20.20
N ILE A 1347 -14.87 2.58 -20.74
CA ILE A 1347 -15.23 2.74 -22.14
C ILE A 1347 -14.25 1.99 -23.03
N LEU A 1348 -12.95 2.18 -22.76
CA LEU A 1348 -11.95 1.57 -23.63
C LEU A 1348 -11.99 0.05 -23.54
N GLU A 1349 -12.06 -0.48 -22.32
CA GLU A 1349 -12.11 -1.92 -22.14
C GLU A 1349 -13.32 -2.51 -22.85
N THR A 1350 -14.51 -1.93 -22.60
CA THR A 1350 -15.70 -2.42 -23.29
C THR A 1350 -15.54 -2.35 -24.79
N TRP A 1351 -14.79 -1.36 -25.28
CA TRP A 1351 -14.57 -1.35 -26.71
C TRP A 1351 -13.59 -2.43 -27.15
N ASN A 1352 -12.83 -3.00 -26.24
CA ASN A 1352 -11.98 -4.14 -26.60
C ASN A 1352 -12.19 -5.30 -25.64
N ASN A 1353 -13.45 -5.65 -25.35
CA ASN A 1353 -13.72 -6.62 -24.30
C ASN A 1353 -13.47 -8.07 -24.72
N PRO A 1354 -14.09 -8.59 -25.77
CA PRO A 1354 -14.05 -10.03 -26.01
C PRO A 1354 -12.67 -10.47 -26.46
N PRO A 1355 -12.50 -11.76 -26.81
CA PRO A 1355 -11.25 -12.19 -27.45
C PRO A 1355 -10.85 -11.31 -28.63
N ILE A 1356 -9.65 -10.73 -28.56
CA ILE A 1356 -9.16 -9.81 -29.58
C ILE A 1356 -7.69 -10.08 -29.88
N ASN A 1357 -7.10 -9.18 -30.65
CA ASN A 1357 -5.74 -9.30 -31.17
C ASN A 1357 -5.16 -7.88 -31.26
N ARG A 1358 -4.09 -7.73 -32.03
CA ARG A 1358 -3.63 -6.42 -32.46
C ARG A 1358 -4.26 -5.99 -33.78
N THR A 1359 -5.20 -6.79 -34.29
CA THR A 1359 -5.86 -6.48 -35.56
C THR A 1359 -6.42 -5.07 -35.56
N PHE A 1360 -7.13 -4.70 -34.51
CA PHE A 1360 -7.54 -3.32 -34.33
C PHE A 1360 -6.30 -2.44 -34.17
N GLU A 1361 -6.33 -1.26 -34.79
CA GLU A 1361 -5.16 -0.42 -34.85
C GLU A 1361 -5.19 0.67 -33.78
N GLU A 1362 -4.07 1.39 -33.67
CA GLU A 1362 -3.87 2.42 -32.66
C GLU A 1362 -5.07 3.34 -32.56
N SER A 1363 -5.57 3.51 -31.34
CA SER A 1363 -6.87 4.12 -31.14
C SER A 1363 -6.83 5.04 -29.94
N THR A 1364 -7.55 6.15 -30.02
CA THR A 1364 -7.61 7.10 -28.92
C THR A 1364 -9.05 7.41 -28.56
N LEU A 1365 -9.22 7.96 -27.36
CA LEU A 1365 -10.53 8.31 -26.85
C LEU A 1365 -10.44 9.70 -26.21
N HIS A 1366 -11.17 10.66 -26.79
CA HIS A 1366 -11.09 12.05 -26.39
C HIS A 1366 -12.42 12.45 -25.74
N LEU A 1367 -12.41 12.73 -24.45
CA LEU A 1367 -13.64 13.11 -23.76
C LEU A 1367 -13.72 14.62 -23.60
N HIS A 1368 -14.68 15.22 -24.30
CA HIS A 1368 -14.97 16.68 -24.17
C HIS A 1368 -15.90 16.91 -22.96
N THR A 1369 -15.51 17.82 -22.06
CA THR A 1369 -16.34 18.15 -20.87
C THR A 1369 -17.12 19.45 -21.11
N GLY A 1370 -16.99 20.04 -22.30
CA GLY A 1370 -17.67 21.31 -22.64
C GLY A 1370 -19.19 21.23 -22.62
N ALA A 1371 -19.75 20.15 -23.16
CA ALA A 1371 -21.22 19.97 -23.20
C ALA A 1371 -21.76 19.79 -21.77
N SER A 1372 -22.12 20.89 -21.11
CA SER A 1372 -22.62 20.78 -19.71
C SER A 1372 -23.90 21.62 -19.62
N CYS A 1373 -25.07 20.98 -19.51
CA CYS A 1373 -26.29 21.72 -19.52
C CYS A 1373 -26.44 22.57 -18.23
N CYS A 1374 -25.77 22.20 -17.14
CA CYS A 1374 -25.45 23.10 -16.06
C CYS A 1374 -24.27 22.55 -15.24
N VAL A 1375 -23.42 23.48 -14.85
CA VAL A 1375 -22.00 23.36 -14.37
C VAL A 1375 -22.04 23.59 -12.86
N ARG A 1376 -22.60 24.74 -12.48
CA ARG A 1376 -23.00 25.19 -11.16
C ARG A 1376 -21.79 25.56 -10.31
N PRO A 1377 -21.15 26.69 -10.58
CA PRO A 1377 -19.96 27.07 -9.82
C PRO A 1377 -20.21 27.09 -8.31
N VAL A 1378 -19.14 26.76 -7.57
CA VAL A 1378 -19.25 26.49 -6.15
C VAL A 1378 -19.47 27.79 -5.37
N ASP A 1379 -19.85 27.66 -4.10
CA ASP A 1379 -20.13 28.79 -3.23
C ASP A 1379 -19.66 28.49 -1.81
N SER A 1380 -19.43 29.56 -1.04
CA SER A 1380 -19.04 29.42 0.36
C SER A 1380 -19.53 30.62 1.16
N CYS A 1381 -20.13 30.35 2.32
CA CYS A 1381 -20.76 31.38 3.12
C CYS A 1381 -20.79 30.91 4.58
N ILE A 1382 -21.57 31.60 5.42
CA ILE A 1382 -21.64 31.32 6.84
C ILE A 1382 -23.08 31.49 7.33
N LEU A 1383 -23.32 31.04 8.55
CA LEU A 1383 -24.56 31.33 9.28
C LEU A 1383 -24.30 31.14 10.76
N SER A 1384 -25.26 31.59 11.56
CA SER A 1384 -25.22 31.43 13.02
C SER A 1384 -26.42 30.62 13.47
N GLU A 1385 -26.16 29.41 13.95
CA GLU A 1385 -27.22 28.56 14.47
C GLU A 1385 -27.51 28.91 15.92
N ALA A 1386 -28.79 28.86 16.30
CA ALA A 1386 -29.19 29.15 17.67
C ALA A 1386 -30.56 28.54 17.98
N LEU A 1387 -30.56 27.47 18.77
CA LEU A 1387 -31.79 26.98 19.37
C LEU A 1387 -31.50 26.46 20.79
N THR A 1388 -30.24 26.60 21.21
CA THR A 1388 -29.75 26.31 22.56
C THR A 1388 -30.37 25.09 23.23
N VAL A 1389 -30.37 23.94 22.55
CA VAL A 1389 -30.70 22.68 23.21
C VAL A 1389 -29.52 21.74 23.06
N LYS A 1390 -29.33 20.89 24.06
CA LYS A 1390 -28.11 20.12 24.20
C LYS A 1390 -28.39 18.72 24.73
N PRO A 1391 -27.63 17.72 24.30
CA PRO A 1391 -27.79 16.37 24.88
C PRO A 1391 -27.30 16.31 26.31
N HIS A 1392 -27.50 15.17 26.97
CA HIS A 1392 -27.23 15.09 28.39
C HIS A 1392 -26.73 13.68 28.71
N ILE A 1393 -25.49 13.59 29.17
CA ILE A 1393 -24.84 12.32 29.47
C ILE A 1393 -23.60 12.55 30.32
N THR A 1394 -23.27 11.59 31.19
CA THR A 1394 -22.01 11.55 31.93
C THR A 1394 -21.71 10.08 32.29
N VAL A 1395 -20.87 9.44 31.47
CA VAL A 1395 -20.59 8.01 31.57
C VAL A 1395 -19.10 7.81 31.33
N PRO A 1396 -18.60 6.58 31.52
CA PRO A 1396 -17.22 6.30 31.07
C PRO A 1396 -17.16 6.13 29.56
N TYR A 1397 -16.65 7.16 28.90
CA TYR A 1397 -16.61 7.29 27.43
C TYR A 1397 -17.88 6.81 26.73
N GLY A 1435 9.83 40.60 9.95
CA GLY A 1435 11.00 40.77 9.11
C GLY A 1435 10.94 39.93 7.86
N LYS A 1436 12.10 39.54 7.35
CA LYS A 1436 12.15 38.68 6.18
C LYS A 1436 11.65 37.29 6.55
N LEU A 1437 10.85 36.71 5.65
CA LEU A 1437 10.10 35.50 5.99
C LEU A 1437 10.46 34.33 5.09
N THR A 1438 11.75 34.05 4.93
CA THR A 1438 12.16 32.85 4.21
C THR A 1438 11.89 31.57 4.98
N LEU A 1439 11.27 31.65 6.17
CA LEU A 1439 10.86 30.45 6.87
C LEU A 1439 9.91 29.62 6.02
N LEU A 1440 9.09 30.27 5.20
CA LEU A 1440 8.22 29.53 4.29
C LEU A 1440 9.05 28.75 3.29
N SER A 1441 10.12 29.35 2.78
CA SER A 1441 11.02 28.62 1.89
C SER A 1441 11.63 27.42 2.60
N GLN A 1442 12.07 27.63 3.84
CA GLN A 1442 12.65 26.55 4.63
C GLN A 1442 11.66 25.39 4.75
N PHE A 1443 10.44 25.70 5.19
CA PHE A 1443 9.45 24.67 5.44
C PHE A 1443 9.03 23.98 4.15
N THR A 1444 8.95 24.74 3.06
CA THR A 1444 8.55 24.15 1.79
C THR A 1444 9.61 23.16 1.31
N ALA A 1445 10.88 23.55 1.35
CA ALA A 1445 11.93 22.60 1.02
C ALA A 1445 11.85 21.38 1.93
N ARG A 1446 11.63 21.62 3.23
CA ARG A 1446 11.53 20.52 4.18
C ARG A 1446 10.47 19.51 3.75
N GLN A 1447 9.24 19.99 3.55
CA GLN A 1447 8.15 19.09 3.18
C GLN A 1447 8.42 18.43 1.83
N ILE A 1448 8.92 19.19 0.86
CA ILE A 1448 9.06 18.66 -0.49
C ILE A 1448 10.11 17.56 -0.52
N ILE A 1449 11.35 17.89 -0.17
CA ILE A 1449 12.37 16.85 -0.19
C ILE A 1449 12.11 15.78 0.85
N ASN A 1450 11.28 16.09 1.86
CA ASN A 1450 10.86 15.06 2.78
C ASN A 1450 9.95 14.05 2.10
N ALA A 1451 9.11 14.53 1.17
CA ALA A 1451 8.23 13.63 0.44
C ALA A 1451 8.99 12.73 -0.50
N ILE A 1452 10.07 13.24 -1.12
CA ILE A 1452 10.83 12.42 -2.05
C ILE A 1452 11.63 11.35 -1.33
N THR A 1453 11.65 11.38 0.00
CA THR A 1453 12.38 10.40 0.81
C THR A 1453 13.86 10.38 0.48
N ILE A 1476 0.62 21.53 -7.32
CA ILE A 1476 1.48 21.58 -6.16
C ILE A 1476 2.51 22.67 -6.40
N SER A 1477 2.04 23.85 -6.81
CA SER A 1477 2.89 25.02 -6.96
C SER A 1477 2.40 26.20 -6.15
N GLU A 1478 1.14 26.18 -5.74
CA GLU A 1478 0.69 27.09 -4.70
C GLU A 1478 1.54 26.91 -3.45
N CYS A 1479 1.75 28.01 -2.73
CA CYS A 1479 2.65 28.11 -1.58
C CYS A 1479 4.11 28.00 -2.00
N MET A 1480 4.35 27.65 -3.26
CA MET A 1480 5.65 27.77 -3.86
C MET A 1480 5.70 28.92 -4.86
N TYR A 1481 4.67 29.77 -4.86
CA TYR A 1481 4.55 30.82 -5.87
C TYR A 1481 5.25 32.08 -5.40
N THR A 1482 5.12 32.41 -4.13
CA THR A 1482 5.88 33.50 -3.50
C THR A 1482 7.12 32.86 -2.89
N LYS A 1483 8.22 32.86 -3.64
CA LYS A 1483 9.39 32.09 -3.28
C LYS A 1483 10.65 32.84 -3.68
N LEU A 1484 11.78 32.18 -3.53
CA LEU A 1484 13.06 32.65 -4.04
C LEU A 1484 13.91 31.42 -4.29
N ASP A 1485 15.11 31.63 -4.86
CA ASP A 1485 16.01 30.50 -5.07
C ASP A 1485 16.41 29.84 -3.76
N GLU A 1486 16.16 30.50 -2.63
CA GLU A 1486 16.40 29.88 -1.34
C GLU A 1486 15.62 28.57 -1.21
N LEU A 1487 14.52 28.43 -1.96
CA LEU A 1487 13.78 27.18 -1.97
C LEU A 1487 14.68 26.02 -2.37
N PHE A 1488 15.24 26.09 -3.57
CA PHE A 1488 16.09 25.00 -4.02
C PHE A 1488 17.42 24.99 -3.26
N MET A 1489 17.85 26.14 -2.75
CA MET A 1489 18.99 26.14 -1.83
C MET A 1489 18.75 25.17 -0.68
N TYR A 1490 17.64 25.35 0.03
CA TYR A 1490 17.38 24.52 1.20
C TYR A 1490 16.98 23.11 0.80
N CYS A 1491 16.40 22.94 -0.38
CA CYS A 1491 16.19 21.59 -0.91
C CYS A 1491 17.51 20.83 -0.97
N GLY A 1492 18.49 21.41 -1.69
CA GLY A 1492 19.81 20.84 -1.71
C GLY A 1492 20.39 20.65 -0.32
N TRP A 1493 20.11 21.60 0.58
CA TRP A 1493 20.67 21.50 1.93
C TRP A 1493 20.16 20.26 2.64
N GLU A 1494 18.85 20.04 2.63
CA GLU A 1494 18.28 18.90 3.33
C GLU A 1494 18.75 17.59 2.71
N LEU A 1495 18.74 17.52 1.38
CA LEU A 1495 19.21 16.30 0.73
C LEU A 1495 20.66 16.01 1.11
N LEU A 1496 21.51 17.04 1.08
CA LEU A 1496 22.90 16.85 1.43
C LEU A 1496 23.06 16.44 2.88
N LEU A 1497 22.24 16.99 3.77
CA LEU A 1497 22.33 16.61 5.17
C LEU A 1497 22.08 15.12 5.35
N GLU A 1498 20.95 14.64 4.82
CA GLU A 1498 20.63 13.22 4.98
C GLU A 1498 21.73 12.35 4.36
N LEU A 1499 22.12 12.66 3.12
CA LEU A 1499 23.14 11.83 2.47
C LEU A 1499 24.46 11.88 3.23
N SER A 1500 24.77 13.03 3.81
CA SER A 1500 26.03 13.17 4.52
C SER A 1500 26.06 12.30 5.76
N TYR A 1501 24.94 12.24 6.49
CA TYR A 1501 24.94 11.28 7.58
C TYR A 1501 25.10 9.87 7.06
N GLN A 1502 24.49 9.58 5.91
CA GLN A 1502 24.71 8.27 5.29
C GLN A 1502 26.14 8.07 4.81
N MET A 1503 26.98 9.11 4.85
CA MET A 1503 28.34 8.97 4.35
C MET A 1503 29.16 8.00 5.22
N TYR A 1504 29.09 8.15 6.53
CA TYR A 1504 29.90 7.37 7.48
C TYR A 1504 31.38 7.38 7.10
N TYR A 1505 31.84 8.53 6.60
CA TYR A 1505 33.23 8.77 6.26
C TYR A 1505 33.77 7.78 5.23
N LEU A 1506 32.89 7.16 4.43
CA LEU A 1506 33.36 6.49 3.23
C LEU A 1506 34.14 7.48 2.39
N ARG A 1507 35.01 6.98 1.52
CA ARG A 1507 35.98 7.88 0.88
C ARG A 1507 35.27 8.85 -0.04
N VAL A 1508 35.09 10.09 0.44
CA VAL A 1508 34.58 11.19 -0.36
C VAL A 1508 35.32 12.46 0.04
N VAL A 1509 36.15 12.96 -0.87
CA VAL A 1509 36.86 14.22 -0.68
C VAL A 1509 35.84 15.33 -0.89
N GLY A 1510 36.15 16.53 -0.41
CA GLY A 1510 35.15 17.56 -0.24
C GLY A 1510 34.25 17.86 -1.42
N TRP A 1511 34.76 18.49 -2.48
CA TRP A 1511 33.86 19.03 -3.48
C TRP A 1511 33.32 18.01 -4.47
N SER A 1512 34.20 17.50 -5.34
CA SER A 1512 33.74 16.82 -6.54
C SER A 1512 33.06 15.51 -6.20
N ASN A 1513 33.61 14.76 -5.24
CA ASN A 1513 33.02 13.48 -4.91
C ASN A 1513 31.69 13.65 -4.20
N ILE A 1514 31.54 14.69 -3.39
CA ILE A 1514 30.23 14.89 -2.76
C ILE A 1514 29.19 15.25 -3.82
N VAL A 1515 29.58 16.06 -4.81
CA VAL A 1515 28.63 16.38 -5.88
C VAL A 1515 28.28 15.12 -6.66
N ASP A 1516 29.27 14.30 -6.98
CA ASP A 1516 29.02 13.11 -7.77
C ASP A 1516 28.13 12.13 -7.03
N TYR A 1517 28.48 11.79 -5.78
CA TYR A 1517 27.68 10.84 -5.02
C TYR A 1517 26.28 11.38 -4.77
N SER A 1518 26.15 12.70 -4.57
CA SER A 1518 24.82 13.29 -4.43
C SER A 1518 24.00 13.08 -5.69
N TYR A 1519 24.57 13.41 -6.85
CA TYR A 1519 23.82 13.23 -8.09
C TYR A 1519 23.47 11.77 -8.31
N MET A 1520 24.35 10.85 -7.92
CA MET A 1520 24.10 9.43 -8.16
C MET A 1520 23.01 8.90 -7.24
N ILE A 1521 23.01 9.32 -5.97
CA ILE A 1521 21.91 8.94 -5.09
C ILE A 1521 20.63 9.65 -5.49
N LEU A 1522 20.73 10.73 -6.26
CA LEU A 1522 19.51 11.41 -6.68
C LEU A 1522 18.89 10.74 -7.91
N ARG A 1523 19.71 10.26 -8.82
CA ARG A 1523 19.22 9.84 -10.14
C ARG A 1523 18.49 8.50 -10.07
N ARG A 1524 17.44 8.44 -9.27
CA ARG A 1524 16.66 7.22 -9.08
C ARG A 1524 15.32 7.60 -8.46
N ILE A 1525 14.43 6.61 -8.35
CA ILE A 1525 13.12 6.74 -7.72
C ILE A 1525 12.34 7.87 -8.37
N PRO A 1526 11.78 7.66 -9.57
CA PRO A 1526 11.20 8.78 -10.33
C PRO A 1526 9.95 9.40 -9.71
N GLY A 1527 8.98 8.58 -9.30
CA GLY A 1527 7.63 9.04 -8.99
C GLY A 1527 7.49 10.39 -8.29
N ALA A 1528 8.14 10.53 -7.14
CA ALA A 1528 8.04 11.79 -6.40
C ALA A 1528 8.66 12.94 -7.19
N ALA A 1529 9.79 12.67 -7.85
CA ALA A 1529 10.37 13.70 -8.71
C ALA A 1529 9.42 14.05 -9.85
N LEU A 1530 8.67 13.07 -10.35
CA LEU A 1530 7.65 13.36 -11.35
C LEU A 1530 6.63 14.34 -10.82
N ASN A 1531 6.08 14.07 -9.64
CA ASN A 1531 5.10 14.99 -9.06
C ASN A 1531 5.68 16.38 -8.90
N ASN A 1532 6.88 16.48 -8.33
CA ASN A 1532 7.49 17.78 -8.11
C ASN A 1532 7.61 18.53 -9.43
N LEU A 1533 8.28 17.93 -10.41
CA LEU A 1533 8.44 18.55 -11.72
C LEU A 1533 7.11 19.05 -12.25
N ALA A 1534 6.16 18.14 -12.45
CA ALA A 1534 4.93 18.52 -13.11
C ALA A 1534 4.24 19.65 -12.36
N SER A 1535 3.98 19.44 -11.08
CA SER A 1535 3.05 20.33 -10.40
C SER A 1535 3.73 21.56 -9.80
N THR A 1536 5.05 21.72 -9.97
CA THR A 1536 5.66 23.00 -9.64
C THR A 1536 6.37 23.65 -10.83
N LEU A 1537 7.29 22.93 -11.48
CA LEU A 1537 7.97 23.47 -12.64
C LEU A 1537 7.06 23.39 -13.88
N SER A 1538 5.99 24.15 -13.80
CA SER A 1538 5.03 24.21 -14.90
C SER A 1538 5.17 25.51 -15.66
N HIS A 1539 4.57 25.55 -16.84
CA HIS A 1539 4.74 26.63 -17.81
C HIS A 1539 4.44 28.05 -17.30
N PRO A 1540 3.66 28.26 -16.22
CA PRO A 1540 3.61 29.61 -15.66
C PRO A 1540 4.95 30.13 -15.16
N LYS A 1541 4.92 31.35 -14.60
CA LYS A 1541 6.13 32.11 -14.30
C LYS A 1541 7.19 31.32 -13.54
N LEU A 1542 6.80 30.22 -12.88
CA LEU A 1542 7.78 29.46 -12.12
C LEU A 1542 8.95 29.02 -12.99
N PHE A 1543 8.67 28.42 -14.15
CA PHE A 1543 9.76 28.07 -15.04
C PHE A 1543 10.42 29.31 -15.61
N ARG A 1544 9.66 30.38 -15.81
CA ARG A 1544 10.26 31.63 -16.27
C ARG A 1544 11.29 32.13 -15.28
N ARG A 1545 10.89 32.26 -14.00
CA ARG A 1545 11.85 32.65 -12.97
C ARG A 1545 13.02 31.70 -12.93
N ALA A 1546 12.76 30.40 -13.08
CA ALA A 1546 13.82 29.41 -12.96
C ALA A 1546 14.87 29.59 -14.05
N ILE A 1547 14.44 29.77 -15.30
CA ILE A 1547 15.42 29.94 -16.37
C ILE A 1547 16.01 31.34 -16.34
N ASN A 1548 15.33 32.29 -15.70
CA ASN A 1548 15.93 33.60 -15.52
C ASN A 1548 17.04 33.60 -14.48
N LEU A 1549 16.91 32.80 -13.43
CA LEU A 1549 17.94 32.67 -12.41
C LEU A 1549 18.98 31.61 -12.76
N ASP A 1550 18.90 31.04 -13.95
CA ASP A 1550 19.84 29.99 -14.41
C ASP A 1550 19.78 28.75 -13.52
N ILE A 1551 18.66 28.53 -12.84
CA ILE A 1551 18.51 27.33 -12.02
C ILE A 1551 18.51 26.07 -12.88
N VAL A 1552 18.09 26.16 -14.13
CA VAL A 1552 18.08 25.04 -15.05
C VAL A 1552 18.94 25.38 -16.26
N ALA A 1553 18.98 24.45 -17.21
CA ALA A 1553 19.68 24.68 -18.47
C ALA A 1553 19.08 23.80 -19.56
N PRO A 1554 18.42 24.38 -20.56
CA PRO A 1554 17.76 23.58 -21.61
C PRO A 1554 18.62 23.23 -22.81
N LEU A 1555 19.88 23.63 -22.85
CA LEU A 1555 20.73 23.32 -24.00
C LEU A 1555 21.22 21.88 -23.93
N ALA A 1561 19.45 15.58 -29.03
CA ALA A 1561 18.16 16.26 -29.10
C ALA A 1561 17.42 16.16 -27.77
N SER A 1562 17.01 17.31 -27.23
CA SER A 1562 16.35 17.37 -25.94
C SER A 1562 15.00 18.06 -26.12
N LEU A 1563 13.98 17.28 -26.47
CA LEU A 1563 12.60 17.77 -26.48
C LEU A 1563 11.97 17.57 -25.11
N ASP A 1564 12.66 18.03 -24.07
CA ASP A 1564 12.58 17.44 -22.75
C ASP A 1564 12.01 18.40 -21.73
N TYR A 1565 11.51 17.80 -20.64
CA TYR A 1565 10.98 18.54 -19.50
C TYR A 1565 11.38 17.96 -18.14
N ILE A 1566 11.83 16.71 -18.03
CA ILE A 1566 11.99 16.08 -16.72
C ILE A 1566 13.38 16.30 -16.15
N LYS A 1567 14.42 16.07 -16.95
CA LYS A 1567 15.80 16.17 -16.46
C LYS A 1567 16.01 17.46 -15.68
N MET A 1568 15.50 18.57 -16.22
CA MET A 1568 15.62 19.87 -15.58
C MET A 1568 15.41 19.77 -14.08
N SER A 1569 14.29 19.13 -13.69
CA SER A 1569 13.97 18.95 -12.28
C SER A 1569 15.19 18.56 -11.46
N VAL A 1570 15.79 17.41 -11.76
CA VAL A 1570 16.86 16.92 -10.90
C VAL A 1570 18.03 17.89 -10.92
N ASP A 1571 18.33 18.44 -12.10
CA ASP A 1571 19.42 19.42 -12.19
C ASP A 1571 19.25 20.48 -11.13
N ALA A 1572 18.03 21.01 -11.00
CA ALA A 1572 17.77 22.03 -10.00
C ALA A 1572 18.28 21.59 -8.65
N ILE A 1573 17.81 20.43 -8.17
CA ILE A 1573 18.23 19.94 -6.87
C ILE A 1573 19.75 19.91 -6.79
N LEU A 1574 20.38 19.30 -7.80
CA LEU A 1574 21.83 19.26 -7.84
C LEU A 1574 22.41 20.64 -7.70
N TRP A 1575 21.96 21.57 -8.55
CA TRP A 1575 22.39 22.95 -8.46
C TRP A 1575 22.26 23.47 -7.04
N GLY A 1576 21.09 23.26 -6.43
CA GLY A 1576 20.87 23.66 -5.07
C GLY A 1576 21.99 23.20 -4.18
N CYS A 1577 22.21 21.88 -4.15
CA CYS A 1577 23.29 21.33 -3.34
C CYS A 1577 24.60 22.03 -3.64
N LYS A 1578 24.93 22.17 -4.93
CA LYS A 1578 26.18 22.80 -5.30
C LYS A 1578 26.28 24.20 -4.71
N ARG A 1579 25.21 24.98 -4.81
CA ARG A 1579 25.23 26.32 -4.27
C ARG A 1579 25.54 26.29 -2.78
N VAL A 1580 24.94 25.35 -2.04
CA VAL A 1580 25.21 25.24 -0.62
C VAL A 1580 26.70 25.07 -0.39
N ILE A 1581 27.34 24.23 -1.20
CA ILE A 1581 28.78 24.02 -1.11
C ILE A 1581 29.51 25.35 -1.07
N ASN A 1582 29.12 26.27 -1.97
CA ASN A 1582 29.79 27.57 -1.99
C ASN A 1582 29.63 28.30 -0.67
N VAL A 1583 28.41 28.32 -0.11
CA VAL A 1583 28.25 28.88 1.22
C VAL A 1583 29.01 28.03 2.23
N LEU A 1584 29.00 26.71 2.04
CA LEU A 1584 29.82 25.85 2.87
C LEU A 1584 31.29 26.21 2.74
N SER A 1585 31.69 26.82 1.63
CA SER A 1585 33.06 27.28 1.49
C SER A 1585 33.42 28.28 2.58
N ASN A 1586 32.48 29.12 2.98
CA ASN A 1586 32.74 30.11 4.03
C ASN A 1586 31.44 30.42 4.75
N GLY A 1587 31.23 29.75 5.88
CA GLY A 1587 30.07 30.03 6.70
C GLY A 1587 29.29 28.79 7.09
N GLY A 1588 29.07 28.61 8.38
CA GLY A 1588 28.26 27.53 8.90
C GLY A 1588 26.88 28.02 9.27
N ASP A 1589 26.35 28.87 8.41
CA ASP A 1589 25.07 29.53 8.59
C ASP A 1589 23.96 28.61 8.06
N LEU A 1590 22.78 29.18 7.80
CA LEU A 1590 21.57 28.53 7.31
C LEU A 1590 20.72 27.93 8.43
N GLU A 1591 21.14 28.02 9.69
CA GLU A 1591 20.24 27.85 10.84
C GLU A 1591 19.34 26.64 10.73
N LEU A 1592 19.91 25.43 10.78
CA LEU A 1592 19.16 24.18 10.68
C LEU A 1592 17.86 24.24 11.48
N VAL A 1593 16.81 23.68 10.91
CA VAL A 1593 15.49 23.74 11.51
C VAL A 1593 14.92 22.33 11.60
N VAL A 1594 14.07 22.11 12.60
CA VAL A 1594 13.39 20.83 12.76
C VAL A 1594 11.93 21.08 13.10
N THR A 1595 11.07 20.17 12.65
CA THR A 1595 9.63 20.29 12.84
C THR A 1595 9.16 19.51 14.05
N ASP A 1604 12.96 13.77 23.35
CA ASP A 1604 12.49 14.54 22.22
C ASP A 1604 13.51 15.60 21.80
N ARG A 1605 14.18 16.18 22.80
CA ARG A 1605 15.30 17.07 22.50
C ARG A 1605 16.48 16.29 21.91
N SER A 1606 16.59 15.00 22.22
CA SER A 1606 17.59 14.17 21.56
C SER A 1606 17.45 14.23 20.05
N MET A 1607 16.24 14.43 19.55
CA MET A 1607 16.04 14.58 18.11
C MET A 1607 16.83 15.75 17.58
N ASN A 1608 16.68 16.93 18.19
CA ASN A 1608 17.42 18.09 17.70
C ASN A 1608 18.91 17.95 17.95
N LEU A 1609 19.29 17.26 19.03
CA LEU A 1609 20.71 17.04 19.28
C LEU A 1609 21.32 16.20 18.15
N ILE A 1610 20.68 15.09 17.79
CA ILE A 1610 21.23 14.26 16.73
C ILE A 1610 21.13 14.95 15.39
N ALA A 1611 20.17 15.86 15.24
CA ALA A 1611 20.13 16.68 14.02
C ALA A 1611 21.37 17.54 13.93
N ARG A 1612 21.67 18.28 15.01
CA ARG A 1612 22.90 19.05 15.06
C ARG A 1612 24.11 18.18 14.77
N LYS A 1613 24.12 16.97 15.34
CA LYS A 1613 25.21 16.02 15.09
C LYS A 1613 25.35 15.74 13.60
N LEU A 1614 24.24 15.41 12.94
CA LEU A 1614 24.25 15.16 11.51
C LEU A 1614 24.83 16.35 10.75
N THR A 1615 24.39 17.55 11.12
CA THR A 1615 24.86 18.74 10.43
C THR A 1615 26.37 18.91 10.57
N LEU A 1616 26.86 18.87 11.81
CA LEU A 1616 28.29 19.05 12.00
C LEU A 1616 29.09 17.93 11.35
N LEU A 1617 28.50 16.74 11.22
CA LEU A 1617 29.16 15.69 10.43
C LEU A 1617 29.29 16.12 8.98
N SER A 1618 28.22 16.70 8.42
CA SER A 1618 28.31 17.21 7.06
C SER A 1618 29.40 18.27 6.94
N LEU A 1619 29.45 19.18 7.92
CA LEU A 1619 30.43 20.26 7.87
C LEU A 1619 31.85 19.71 7.86
N ILE A 1620 32.14 18.80 8.80
CA ILE A 1620 33.50 18.25 8.83
C ILE A 1620 33.79 17.48 7.57
N HIS A 1621 32.80 16.77 7.01
CA HIS A 1621 33.07 16.03 5.79
C HIS A 1621 33.44 16.97 4.66
N HIS A 1622 32.79 18.13 4.59
CA HIS A 1622 33.17 19.03 3.51
C HIS A 1622 34.50 19.72 3.79
N ASN A 1623 34.54 20.54 4.83
CA ASN A 1623 35.69 21.42 5.02
C ASN A 1623 36.82 20.76 5.80
N GLY A 1624 36.91 19.44 5.80
CA GLY A 1624 37.96 18.75 6.51
C GLY A 1624 39.14 18.45 5.62
N LEU A 1625 39.25 17.19 5.21
CA LEU A 1625 40.23 16.75 4.22
C LEU A 1625 41.66 16.94 4.71
N GLU A 1626 41.92 16.63 5.98
CA GLU A 1626 43.29 16.56 6.48
C GLU A 1626 43.56 15.36 7.36
N LEU A 1627 42.54 14.73 7.95
CA LEU A 1627 42.77 13.64 8.88
C LEU A 1627 41.55 12.74 8.92
N PRO A 1628 41.76 11.44 9.09
CA PRO A 1628 40.63 10.53 9.28
C PRO A 1628 39.82 10.87 10.54
N LYS A 1629 38.73 10.12 10.71
CA LYS A 1629 37.90 10.22 11.89
C LYS A 1629 37.19 8.90 12.07
N ILE A 1630 36.68 8.67 13.28
CA ILE A 1630 36.01 7.41 13.59
C ILE A 1630 34.54 7.68 13.92
N LYS A 1631 33.71 6.69 13.64
CA LYS A 1631 32.33 6.70 14.10
C LYS A 1631 32.30 6.49 15.61
N GLY A 1632 31.18 6.85 16.22
CA GLY A 1632 30.99 6.59 17.64
C GLY A 1632 29.55 6.57 18.07
N PHE A 1633 29.27 7.18 19.22
CA PHE A 1633 27.90 7.30 19.69
C PHE A 1633 27.17 8.40 18.93
N SER A 1634 25.85 8.38 19.05
CA SER A 1634 25.00 9.42 18.50
C SER A 1634 24.92 10.65 19.39
N PRO A 1635 24.72 10.52 20.71
CA PRO A 1635 24.44 11.73 21.51
C PRO A 1635 25.56 12.76 21.51
N ASP A 1636 26.77 12.36 21.92
CA ASP A 1636 27.83 13.35 22.09
C ASP A 1636 29.18 12.94 21.51
N GLU A 1637 29.36 11.71 21.03
CA GLU A 1637 30.68 11.26 20.62
C GLU A 1637 31.15 11.98 19.37
N LYS A 1638 30.32 11.99 18.32
CA LYS A 1638 30.69 12.71 17.12
C LYS A 1638 30.88 14.19 17.38
N CYS A 1639 30.22 14.74 18.40
CA CYS A 1639 30.48 16.13 18.78
C CYS A 1639 31.91 16.30 19.25
N PHE A 1640 32.37 15.38 20.10
CA PHE A 1640 33.77 15.42 20.55
C PHE A 1640 34.71 15.28 19.36
N ALA A 1641 34.39 14.36 18.45
CA ALA A 1641 35.22 14.19 17.25
C ALA A 1641 35.26 15.48 16.44
N LEU A 1642 34.13 16.18 16.37
CA LEU A 1642 34.08 17.45 15.66
C LEU A 1642 34.93 18.52 16.31
N THR A 1643 34.86 18.64 17.64
CA THR A 1643 35.68 19.66 18.31
C THR A 1643 37.15 19.35 18.14
N GLU A 1644 37.53 18.07 18.28
CA GLU A 1644 38.92 17.71 18.07
C GLU A 1644 39.36 18.00 16.65
N PHE A 1645 38.50 17.69 15.67
CA PHE A 1645 38.88 17.90 14.29
C PHE A 1645 38.91 19.38 13.94
N LEU A 1646 38.10 20.19 14.62
CA LEU A 1646 38.17 21.63 14.43
C LEU A 1646 39.47 22.18 14.97
N ARG A 1647 39.84 21.78 16.18
CA ARG A 1647 41.16 22.14 16.71
C ARG A 1647 42.26 21.64 15.80
N LYS A 1648 42.01 20.55 15.07
CA LYS A 1648 42.99 20.05 14.11
C LYS A 1648 43.10 21.00 12.92
N VAL A 1649 41.96 21.34 12.31
CA VAL A 1649 41.93 22.16 11.11
C VAL A 1649 42.16 23.62 11.46
N VAL A 1650 42.44 23.90 12.73
CA VAL A 1650 42.71 25.27 13.15
C VAL A 1650 43.80 25.92 12.30
N ASN A 1651 44.68 25.13 11.71
CA ASN A 1651 45.80 25.66 10.93
C ASN A 1651 45.65 25.47 9.44
N SER A 1652 44.46 25.08 8.98
CA SER A 1652 44.24 24.85 7.55
C SER A 1652 42.77 25.12 7.27
N GLY A 1653 42.47 26.25 6.64
CA GLY A 1653 41.10 26.60 6.32
C GLY A 1653 40.96 27.59 5.19
N LEU A 1654 39.74 28.10 4.98
CA LEU A 1654 39.49 29.10 3.96
C LEU A 1654 38.74 30.31 4.51
N SER A 1655 37.92 30.08 5.53
CA SER A 1655 37.05 31.12 6.09
C SER A 1655 37.86 32.05 6.99
N SER A 1656 37.19 33.08 7.50
CA SER A 1656 37.78 33.87 8.58
C SER A 1656 38.01 32.96 9.78
N ILE A 1657 39.21 33.05 10.35
CA ILE A 1657 39.70 31.97 11.20
C ILE A 1657 38.97 31.96 12.55
N GLU A 1658 38.53 33.13 13.02
CA GLU A 1658 37.87 33.15 14.33
C GLU A 1658 36.53 32.43 14.28
N ASN A 1659 35.79 32.61 13.18
CA ASN A 1659 34.50 31.94 13.03
C ASN A 1659 34.60 30.43 13.14
N LEU A 1660 35.82 29.89 13.14
CA LEU A 1660 36.03 28.48 13.45
C LEU A 1660 35.25 28.09 14.70
N SER A 1661 35.43 28.84 15.80
CA SER A 1661 34.62 28.58 16.98
C SER A 1661 33.15 28.82 16.66
N ASN A 1662 32.86 29.96 16.03
CA ASN A 1662 31.52 30.24 15.53
C ASN A 1662 31.06 29.23 14.48
N PHE A 1663 31.96 28.40 13.96
CA PHE A 1663 31.53 27.24 13.19
C PHE A 1663 30.55 26.41 13.98
N MET A 1664 30.91 26.05 15.22
CA MET A 1664 30.00 25.32 16.09
C MET A 1664 28.75 26.15 16.39
N TYR A 1665 28.83 27.46 16.18
CA TYR A 1665 27.70 28.35 16.39
C TYR A 1665 27.11 28.81 15.05
N ALA A 1673 19.16 26.07 14.43
CA ALA A 1673 18.74 25.22 15.53
C ALA A 1673 17.32 25.55 15.94
N ALA A 1674 16.46 25.74 14.95
CA ALA A 1674 15.10 26.21 15.17
C ALA A 1674 14.15 25.04 15.34
N PHE A 1675 13.06 25.28 16.08
CA PHE A 1675 12.10 24.25 16.45
C PHE A 1675 10.69 24.62 15.99
N ALA A 1676 9.92 23.60 15.64
CA ALA A 1676 8.52 23.78 15.26
C ALA A 1676 7.63 22.72 15.88
N SER A 1677 6.38 22.62 15.42
CA SER A 1677 5.43 21.62 15.90
C SER A 1677 5.08 20.60 14.82
N ASN A 1678 4.56 21.05 13.67
CA ASN A 1678 4.28 20.17 12.54
C ASN A 1678 4.36 20.98 11.26
N ASN A 1679 4.83 20.33 10.19
CA ASN A 1679 5.23 21.05 8.99
C ASN A 1679 4.04 21.73 8.32
N TYR A 1680 2.98 20.96 8.05
CA TYR A 1680 1.90 21.47 7.23
C TYR A 1680 1.19 22.64 7.90
N TYR A 1681 0.82 22.48 9.17
CA TYR A 1681 0.10 23.54 9.87
C TYR A 1681 0.92 24.81 9.90
N LEU A 1682 2.19 24.70 10.30
CA LEU A 1682 3.03 25.89 10.37
C LEU A 1682 3.21 26.52 9.00
N THR A 1683 3.41 25.70 7.97
CA THR A 1683 3.63 26.23 6.64
C THR A 1683 2.42 27.03 6.16
N ARG A 1684 1.24 26.40 6.20
CA ARG A 1684 0.05 27.10 5.71
C ARG A 1684 -0.32 28.28 6.59
N LYS A 1685 -0.09 28.18 7.89
CA LYS A 1685 -0.41 29.31 8.77
C LYS A 1685 0.52 30.48 8.52
N LEU A 1686 1.80 30.21 8.34
CA LEU A 1686 2.72 31.29 8.05
C LEU A 1686 2.44 31.90 6.68
N LEU A 1687 2.07 31.06 5.72
CA LEU A 1687 1.67 31.59 4.42
C LEU A 1687 0.48 32.53 4.56
N ASN A 1688 -0.63 32.03 5.13
CA ASN A 1688 -1.77 32.90 5.36
C ASN A 1688 -1.43 34.06 6.29
N SER A 1689 -0.26 34.03 6.93
CA SER A 1689 0.22 35.18 7.66
C SER A 1689 0.96 36.16 6.76
N ILE A 1690 1.45 35.71 5.61
CA ILE A 1690 2.05 36.66 4.66
C ILE A 1690 0.98 37.51 3.99
N ARG A 1691 -0.29 37.23 4.24
CA ARG A 1691 -1.39 37.92 3.57
C ARG A 1691 -1.59 39.32 4.16
N ASP A 1692 -0.54 40.12 4.04
CA ASP A 1692 -0.61 41.56 4.20
C ASP A 1692 -0.01 42.17 2.94
N THR A 1693 -0.55 43.31 2.52
CA THR A 1693 -0.06 43.95 1.32
C THR A 1693 1.44 44.22 1.46
N GLU A 1694 2.24 43.49 0.70
CA GLU A 1694 3.69 43.49 0.85
C GLU A 1694 4.33 43.54 -0.53
N SER A 1695 5.62 43.88 -0.55
CA SER A 1695 6.42 43.90 -1.76
C SER A 1695 7.47 42.79 -1.77
N GLY A 1696 7.11 41.60 -1.32
CA GLY A 1696 8.03 40.48 -1.41
C GLY A 1696 8.30 40.07 -2.85
N GLN A 1697 7.48 40.58 -3.77
CA GLN A 1697 7.65 40.25 -5.18
C GLN A 1697 8.83 40.98 -5.80
N VAL A 1698 9.28 42.08 -5.18
CA VAL A 1698 10.35 42.88 -5.76
C VAL A 1698 11.62 42.06 -5.89
N ALA A 1699 11.93 41.25 -4.88
CA ALA A 1699 13.14 40.43 -4.92
C ALA A 1699 13.09 39.43 -6.07
N VAL A 1700 11.88 39.10 -6.55
CA VAL A 1700 11.75 38.16 -7.65
C VAL A 1700 12.11 38.83 -8.97
N THR A 1701 11.96 40.15 -9.03
CA THR A 1701 12.27 40.91 -10.24
C THR A 1701 13.76 41.02 -10.46
N CYS A 1731 7.09 41.65 -31.38
CA CYS A 1731 6.97 42.15 -32.74
C CYS A 1731 7.81 41.32 -33.69
N THR A 1732 8.13 41.89 -34.85
CA THR A 1732 8.77 41.15 -35.93
C THR A 1732 10.23 40.89 -35.58
N ASN A 1733 10.44 39.87 -34.74
CA ASN A 1733 11.77 39.35 -34.47
C ASN A 1733 11.77 37.82 -34.45
N ASP A 1734 10.68 37.20 -34.91
CA ASP A 1734 10.63 35.77 -35.10
C ASP A 1734 11.34 35.40 -36.41
N TYR A 1735 11.43 34.10 -36.69
CA TYR A 1735 12.12 33.67 -37.90
C TYR A 1735 11.61 32.29 -38.31
N ILE A 1736 12.34 31.69 -39.25
CA ILE A 1736 11.93 30.52 -40.01
C ILE A 1736 13.01 29.46 -39.90
N ILE A 1737 12.61 28.22 -40.20
CA ILE A 1737 13.49 27.07 -40.04
C ILE A 1737 13.60 26.27 -41.34
N TRP A 1738 13.59 26.98 -42.49
CA TRP A 1738 13.58 26.48 -43.90
C TRP A 1738 14.09 25.03 -44.08
N ILE A 1739 13.25 24.07 -43.67
CA ILE A 1739 13.52 22.59 -43.70
C ILE A 1739 14.30 22.16 -44.94
N ILE A 1740 13.65 22.06 -46.11
CA ILE A 1740 14.35 21.40 -47.26
C ILE A 1740 14.00 22.03 -48.62
N GLU A 1741 14.44 21.33 -49.69
CA GLU A 1741 14.30 21.76 -51.10
C GLU A 1741 13.98 20.56 -52.02
N SER A 1742 14.14 20.75 -53.33
CA SER A 1742 13.85 19.72 -54.36
C SER A 1742 14.81 18.53 -54.21
N ASN A 1743 14.25 17.32 -54.17
CA ASN A 1743 14.99 16.03 -54.05
C ASN A 1743 15.94 16.05 -52.84
N ALA A 1744 15.48 16.59 -51.71
CA ALA A 1744 16.29 16.65 -50.47
C ALA A 1744 16.15 15.34 -49.71
N ASN A 1745 16.79 14.27 -50.21
CA ASN A 1745 16.70 12.94 -49.56
C ASN A 1745 18.00 12.68 -48.79
N LEU A 1746 17.88 12.50 -47.48
CA LEU A 1746 19.01 12.23 -46.54
C LEU A 1746 18.42 11.90 -45.17
N GLU A 1747 17.67 10.79 -45.09
CA GLU A 1747 17.01 10.35 -43.84
C GLU A 1747 18.03 10.36 -42.69
N LYS A 1748 17.69 11.02 -41.58
CA LYS A 1748 18.58 11.11 -40.44
C LYS A 1748 17.97 10.38 -39.25
N TYR A 1749 18.76 10.25 -38.19
CA TYR A 1749 18.39 9.38 -37.10
C TYR A 1749 17.26 10.02 -36.30
N PRO A 1750 16.27 9.26 -35.82
CA PRO A 1750 15.05 9.88 -35.31
C PRO A 1750 15.23 10.68 -34.04
N ILE A 1751 16.00 10.18 -33.08
CA ILE A 1751 16.12 10.72 -31.72
C ILE A 1751 14.78 11.30 -31.28
N PRO A 1752 13.74 10.46 -31.16
CA PRO A 1752 12.43 10.97 -30.76
C PRO A 1752 12.21 11.04 -29.27
N ASN A 1753 13.29 11.06 -28.48
CA ASN A 1753 13.18 11.16 -27.03
C ASN A 1753 12.18 12.23 -26.64
N SER A 1754 11.22 11.86 -25.81
CA SER A 1754 10.00 12.64 -25.67
C SER A 1754 9.63 12.71 -24.20
N PRO A 1755 8.75 13.64 -23.83
CA PRO A 1755 8.32 13.74 -22.43
C PRO A 1755 7.37 12.63 -22.03
N GLU A 1756 6.78 12.77 -20.83
CA GLU A 1756 5.65 11.94 -20.39
C GLU A 1756 6.06 10.47 -20.32
N ASP A 1757 6.97 10.20 -19.39
CA ASP A 1757 7.29 8.82 -19.06
C ASP A 1757 6.16 8.16 -18.29
N ASP A 1758 5.79 8.75 -17.16
CA ASP A 1758 4.56 8.42 -16.46
C ASP A 1758 3.71 9.68 -16.34
N SER A 1759 2.46 9.51 -15.91
CA SER A 1759 1.48 10.58 -16.04
C SER A 1759 1.76 11.66 -15.01
N ASN A 1760 2.72 12.53 -15.34
CA ASN A 1760 2.95 13.73 -14.53
C ASN A 1760 1.77 14.67 -14.69
N PHE A 1761 1.49 15.45 -13.65
CA PHE A 1761 0.23 16.18 -13.57
C PHE A 1761 0.04 17.16 -14.72
N HIS A 1762 -1.16 17.71 -14.76
CA HIS A 1762 -1.67 18.44 -15.91
C HIS A 1762 -1.04 19.81 -15.99
N ASN A 1763 0.22 19.88 -16.43
CA ASN A 1763 0.79 21.17 -16.78
C ASN A 1763 1.90 20.93 -17.81
N PHE A 1764 1.57 21.10 -19.05
CA PHE A 1764 2.56 21.25 -20.11
C PHE A 1764 2.26 22.46 -20.98
N LYS A 1765 0.99 22.72 -21.29
CA LYS A 1765 0.61 23.88 -22.09
C LYS A 1765 -0.72 24.48 -21.65
N LEU A 1766 -1.20 24.13 -20.46
CA LEU A 1766 -2.56 24.48 -20.05
C LEU A 1766 -2.81 25.98 -20.10
N ASN A 1767 -2.12 26.75 -19.27
CA ASN A 1767 -2.55 28.11 -18.99
C ASN A 1767 -1.35 29.05 -18.91
N ALA A 1768 -1.36 30.07 -19.75
CA ALA A 1768 -0.52 31.25 -19.65
C ALA A 1768 -1.13 32.33 -20.53
N PRO A 1769 -2.18 32.99 -20.08
CA PRO A 1769 -2.95 33.85 -20.98
C PRO A 1769 -2.41 35.26 -21.11
N SER A 1770 -1.49 35.66 -20.23
CA SER A 1770 -1.01 37.04 -20.23
C SER A 1770 -0.35 37.45 -21.54
N HIS A 1771 -0.23 36.55 -22.51
CA HIS A 1771 0.37 36.90 -23.79
C HIS A 1771 -0.58 37.71 -24.66
N HIS A 1772 -1.88 37.60 -24.42
CA HIS A 1772 -2.86 38.14 -25.37
C HIS A 1772 -2.76 39.64 -25.57
N THR A 1773 -1.96 40.34 -24.77
CA THR A 1773 -1.85 41.77 -24.97
C THR A 1773 -1.09 42.15 -26.23
N LEU A 1774 -0.38 41.21 -26.85
CA LEU A 1774 0.43 41.49 -28.01
C LEU A 1774 -0.33 41.35 -29.32
N ARG A 1775 -1.66 41.26 -29.26
CA ARG A 1775 -2.52 41.29 -30.43
C ARG A 1775 -3.53 42.42 -30.24
N PRO A 1776 -3.05 43.64 -30.21
CA PRO A 1776 -3.75 44.76 -29.54
C PRO A 1776 -4.99 45.30 -30.26
N LEU A 1777 -6.07 44.55 -30.20
CA LEU A 1777 -7.39 45.06 -30.52
C LEU A 1777 -8.39 44.40 -29.59
N GLY A 1778 -9.57 45.01 -29.49
CA GLY A 1778 -10.56 44.60 -28.52
C GLY A 1778 -11.54 43.56 -29.01
N LEU A 1779 -11.26 42.87 -30.10
CA LEU A 1779 -12.20 41.97 -30.72
C LEU A 1779 -11.97 40.54 -30.22
N SER A 1780 -12.76 39.60 -30.73
CA SER A 1780 -12.67 38.21 -30.30
C SER A 1780 -11.74 37.36 -31.16
N SER A 1781 -11.72 37.57 -32.48
CA SER A 1781 -10.89 36.76 -33.36
C SER A 1781 -9.42 36.89 -33.00
N THR A 1782 -8.88 38.11 -33.14
CA THR A 1782 -7.55 38.47 -32.69
C THR A 1782 -6.45 37.65 -33.37
N ALA A 1783 -6.82 36.79 -34.31
CA ALA A 1783 -5.82 35.98 -34.98
C ALA A 1783 -5.09 36.73 -36.07
N TRP A 1784 -5.64 37.85 -36.53
CA TRP A 1784 -5.08 38.51 -37.70
C TRP A 1784 -3.68 39.05 -37.44
N TYR A 1785 -3.25 39.09 -36.18
CA TYR A 1785 -1.85 39.40 -35.88
C TYR A 1785 -0.92 38.41 -36.57
N LYS A 1786 -1.15 37.13 -36.33
CA LYS A 1786 -0.46 36.10 -37.09
C LYS A 1786 -0.53 36.40 -38.57
N GLY A 1787 -1.66 36.95 -39.01
CA GLY A 1787 -1.80 37.33 -40.40
C GLY A 1787 -0.71 38.28 -40.84
N ILE A 1788 -0.49 39.34 -40.08
CA ILE A 1788 0.50 40.32 -40.52
C ILE A 1788 1.89 39.70 -40.48
N SER A 1789 2.14 38.80 -39.53
CA SER A 1789 3.45 38.15 -39.49
C SER A 1789 3.68 37.31 -40.74
N CYS A 1790 2.73 36.43 -41.05
CA CYS A 1790 2.92 35.57 -42.20
C CYS A 1790 2.91 36.37 -43.49
N CYS A 1791 2.20 37.50 -43.52
CA CYS A 1791 2.26 38.35 -44.70
C CYS A 1791 3.64 38.98 -44.86
N ARG A 1792 4.26 39.35 -43.74
CA ARG A 1792 5.65 39.80 -43.82
C ARG A 1792 6.53 38.73 -44.44
N TYR A 1793 6.45 37.49 -43.92
CA TYR A 1793 7.27 36.44 -44.49
C TYR A 1793 6.92 36.19 -45.96
N LEU A 1794 5.65 36.38 -46.31
CA LEU A 1794 5.26 36.18 -47.70
C LEU A 1794 5.92 37.22 -48.59
N GLU A 1795 5.83 38.50 -48.20
CA GLU A 1795 6.50 39.54 -48.98
C GLU A 1795 7.98 39.29 -49.08
N ARG A 1796 8.56 38.57 -48.12
CA ARG A 1796 9.91 38.07 -48.32
C ARG A 1796 10.04 37.19 -49.56
N LEU A 1797 8.93 36.73 -50.14
CA LEU A 1797 8.97 35.76 -51.22
C LEU A 1797 8.06 36.19 -52.37
N LYS A 1798 8.43 35.76 -53.58
CA LYS A 1798 7.63 36.01 -54.76
C LYS A 1798 6.57 34.92 -54.92
N LEU A 1799 5.41 35.32 -55.45
CA LEU A 1799 4.28 34.43 -55.59
C LEU A 1799 3.42 34.87 -56.77
N PRO A 1800 2.94 33.94 -57.59
CA PRO A 1800 2.26 34.30 -58.83
C PRO A 1800 0.81 34.73 -58.63
N GLN A 1801 0.11 34.91 -59.74
CA GLN A 1801 -1.29 35.34 -59.74
C GLN A 1801 -2.10 34.60 -58.69
N GLY A 1802 -2.99 35.31 -58.03
CA GLY A 1802 -3.64 34.82 -56.84
C GLY A 1802 -5.02 34.22 -57.07
N ASP A 1803 -5.30 33.15 -56.32
CA ASP A 1803 -6.65 32.61 -56.17
C ASP A 1803 -7.12 32.61 -54.72
N HIS A 1804 -6.21 32.46 -53.76
CA HIS A 1804 -6.47 32.71 -52.34
C HIS A 1804 -7.61 31.84 -51.82
N LEU A 1805 -7.34 30.54 -51.72
CA LEU A 1805 -8.28 29.63 -51.11
C LEU A 1805 -8.00 29.50 -49.61
N TYR A 1806 -9.04 29.66 -48.81
CA TYR A 1806 -8.93 29.47 -47.36
C TYR A 1806 -9.88 28.34 -46.99
N ILE A 1807 -9.33 27.15 -46.81
CA ILE A 1807 -10.12 25.94 -46.61
C ILE A 1807 -10.56 25.88 -45.15
N ALA A 1808 -11.88 25.81 -44.95
CA ALA A 1808 -12.49 25.45 -43.68
C ALA A 1808 -12.27 26.45 -42.56
N GLU A 1809 -11.42 27.45 -42.79
CA GLU A 1809 -11.20 28.46 -41.77
C GLU A 1809 -11.18 29.85 -42.40
N GLY A 1810 -11.02 30.83 -41.54
CA GLY A 1810 -11.46 32.17 -41.82
C GLY A 1810 -12.83 32.22 -41.19
N SER A 1811 -12.94 32.86 -40.04
CA SER A 1811 -14.20 32.90 -39.30
C SER A 1811 -14.44 34.32 -38.81
N GLY A 1812 -14.28 35.28 -39.72
CA GLY A 1812 -14.11 36.65 -39.31
C GLY A 1812 -12.76 36.74 -38.62
N ALA A 1813 -11.68 36.59 -39.38
CA ALA A 1813 -10.36 36.50 -38.79
C ALA A 1813 -9.32 36.88 -39.84
N SER A 1814 -8.08 36.45 -39.61
CA SER A 1814 -6.87 36.85 -40.33
C SER A 1814 -7.05 37.11 -41.82
N MET A 1815 -7.65 36.17 -42.52
CA MET A 1815 -7.56 36.07 -43.98
C MET A 1815 -7.58 37.42 -44.69
N THR A 1816 -8.44 38.32 -44.21
CA THR A 1816 -8.59 39.63 -44.81
C THR A 1816 -7.26 40.35 -45.06
N ILE A 1817 -6.45 40.50 -44.01
CA ILE A 1817 -5.18 41.22 -44.13
C ILE A 1817 -4.35 40.71 -45.29
N ILE A 1818 -4.44 39.41 -45.57
CA ILE A 1818 -3.65 38.84 -46.66
C ILE A 1818 -3.96 39.55 -47.97
N GLU A 1819 -5.24 39.65 -48.34
CA GLU A 1819 -5.58 40.39 -49.54
C GLU A 1819 -5.16 41.85 -49.41
N TYR A 1820 -5.24 42.40 -48.20
CA TYR A 1820 -4.78 43.76 -47.96
C TYR A 1820 -3.30 43.92 -48.28
N LEU A 1821 -2.50 42.89 -48.06
CA LEU A 1821 -1.10 42.92 -48.47
C LEU A 1821 -0.82 42.12 -49.73
N PHE A 1822 -1.74 41.24 -50.13
CA PHE A 1822 -1.53 40.39 -51.29
C PHE A 1822 -2.88 40.14 -51.93
N PRO A 1823 -3.32 41.02 -52.81
CA PRO A 1823 -4.58 40.78 -53.52
C PRO A 1823 -4.41 39.76 -54.63
N GLY A 1824 -5.40 38.92 -54.78
CA GLY A 1824 -5.46 37.96 -55.87
C GLY A 1824 -6.73 38.14 -56.66
N ARG A 1825 -7.11 37.09 -57.37
CA ARG A 1825 -8.36 37.09 -58.12
C ARG A 1825 -9.17 35.87 -57.71
N LYS A 1826 -10.47 36.06 -57.55
CA LYS A 1826 -11.40 34.97 -57.29
C LYS A 1826 -11.04 34.22 -56.00
N ILE A 1827 -11.22 34.93 -54.88
CA ILE A 1827 -11.03 34.36 -53.55
C ILE A 1827 -11.89 33.11 -53.38
N TYR A 1828 -11.51 32.24 -52.45
CA TYR A 1828 -12.29 31.06 -52.12
C TYR A 1828 -12.33 30.87 -50.62
N TYR A 1829 -13.51 30.57 -50.09
CA TYR A 1829 -13.77 30.56 -48.67
C TYR A 1829 -14.43 29.24 -48.27
N ASN A 1830 -14.05 28.72 -47.11
CA ASN A 1830 -14.80 27.59 -46.56
C ASN A 1830 -14.76 27.63 -45.05
N SER A 1831 -15.77 26.99 -44.45
CA SER A 1831 -15.80 26.70 -43.02
C SER A 1831 -16.79 25.57 -42.81
N LEU A 1832 -16.62 24.87 -41.69
CA LEU A 1832 -17.49 23.74 -41.39
C LEU A 1832 -18.91 24.23 -41.13
N PHE A 1833 -19.85 23.79 -41.96
CA PHE A 1833 -21.22 24.26 -41.83
C PHE A 1833 -21.86 23.73 -40.55
N SER A 1834 -22.43 24.65 -39.78
CA SER A 1834 -23.06 24.34 -38.51
C SER A 1834 -24.50 24.83 -38.56
N SER A 1835 -25.18 24.81 -37.42
CA SER A 1835 -26.57 25.26 -37.37
C SER A 1835 -26.63 26.78 -37.50
N GLY A 1836 -27.11 27.26 -38.64
CA GLY A 1836 -27.21 28.69 -38.88
C GLY A 1836 -27.44 29.05 -40.33
N MET A 1847 -20.75 32.19 -41.36
CA MET A 1847 -20.37 33.19 -42.35
C MET A 1847 -19.31 34.12 -41.78
N PRO A 1848 -18.28 34.42 -42.59
CA PRO A 1848 -17.13 35.19 -42.07
C PRO A 1848 -17.53 36.62 -41.74
N THR A 1849 -17.30 37.00 -40.48
CA THR A 1849 -17.79 38.30 -40.02
C THR A 1849 -16.86 39.44 -40.40
N GLN A 1850 -15.65 39.44 -39.83
CA GLN A 1850 -14.79 40.62 -39.91
C GLN A 1850 -14.34 40.89 -41.34
N PHE A 1851 -14.16 39.84 -42.15
CA PHE A 1851 -13.84 40.04 -43.55
C PHE A 1851 -14.81 41.01 -44.19
N ILE A 1852 -16.11 40.75 -44.02
CA ILE A 1852 -17.12 41.67 -44.49
C ILE A 1852 -17.06 43.00 -43.74
N GLU A 1853 -16.74 42.96 -42.45
CA GLU A 1853 -16.72 44.19 -41.66
C GLU A 1853 -15.65 45.16 -42.10
N SER A 1854 -14.65 44.71 -42.87
CA SER A 1854 -13.62 45.64 -43.34
C SER A 1854 -13.57 45.79 -44.84
N VAL A 1855 -13.39 44.71 -45.61
CA VAL A 1855 -12.99 44.87 -47.01
C VAL A 1855 -14.11 45.16 -48.00
N PRO A 1856 -15.24 44.43 -47.98
CA PRO A 1856 -16.19 44.55 -49.12
C PRO A 1856 -16.60 45.97 -49.47
N TYR A 1857 -16.43 46.93 -48.56
CA TYR A 1857 -16.54 48.32 -48.97
C TYR A 1857 -15.45 48.68 -49.97
N LYS A 1858 -14.21 48.32 -49.65
CA LYS A 1858 -13.12 48.49 -50.61
C LYS A 1858 -13.32 47.62 -51.84
N LEU A 1859 -14.05 46.51 -51.70
CA LEU A 1859 -14.40 45.69 -52.85
C LEU A 1859 -15.32 46.45 -53.80
N TRP A 1860 -16.45 46.91 -53.29
CA TRP A 1860 -17.46 47.59 -54.09
C TRP A 1860 -16.99 48.96 -54.58
N GLN A 1861 -15.98 49.53 -53.93
CA GLN A 1861 -15.51 50.87 -54.27
C GLN A 1861 -15.34 51.06 -55.78
N ALA A 1862 -14.49 50.25 -56.40
CA ALA A 1862 -14.26 50.37 -57.83
C ALA A 1862 -15.48 49.88 -58.61
N ILE A 1887 -17.41 17.33 -40.49
CA ILE A 1887 -16.87 15.97 -40.45
C ILE A 1887 -17.33 15.20 -41.68
N GLY A 1888 -16.41 15.00 -42.63
CA GLY A 1888 -16.74 14.34 -43.88
C GLY A 1888 -15.51 14.03 -44.70
N MET A 1889 -15.58 12.99 -45.54
CA MET A 1889 -14.39 12.49 -46.23
C MET A 1889 -14.29 13.10 -47.63
N THR A 1890 -15.29 12.83 -48.47
CA THR A 1890 -15.15 13.15 -49.88
C THR A 1890 -16.17 14.14 -50.43
N ALA A 1891 -17.37 14.23 -49.87
CA ALA A 1891 -18.37 15.13 -50.45
C ALA A 1891 -17.89 16.57 -50.41
N CYS A 1892 -17.31 17.00 -49.29
CA CYS A 1892 -16.86 18.38 -49.20
C CYS A 1892 -15.66 18.63 -50.09
N VAL A 1893 -14.68 17.72 -50.09
CA VAL A 1893 -13.53 17.91 -50.97
C VAL A 1893 -13.95 17.85 -52.43
N GLU A 1894 -15.01 17.09 -52.74
CA GLU A 1894 -15.49 17.07 -54.11
C GLU A 1894 -16.17 18.38 -54.47
N PHE A 1895 -16.94 18.95 -53.53
CA PHE A 1895 -17.51 20.26 -53.77
C PHE A 1895 -16.41 21.29 -53.99
N ILE A 1896 -15.27 21.12 -53.32
CA ILE A 1896 -14.15 22.02 -53.55
C ILE A 1896 -13.53 21.82 -54.92
N ILE A 1897 -13.30 20.56 -55.32
CA ILE A 1897 -12.67 20.33 -56.61
C ILE A 1897 -13.56 20.82 -57.73
N ASN A 1898 -14.87 20.78 -57.52
CA ASN A 1898 -15.79 21.40 -58.47
C ASN A 1898 -16.07 22.85 -58.16
N ARG A 1899 -15.70 23.32 -56.97
CA ARG A 1899 -15.81 24.73 -56.59
C ARG A 1899 -17.24 25.24 -56.68
N CYS A 1905 -4.87 26.98 -57.52
CA CYS A 1905 -3.85 27.72 -58.24
C CYS A 1905 -2.82 28.29 -57.27
N SER A 1906 -3.17 29.40 -56.65
CA SER A 1906 -2.31 30.12 -55.73
C SER A 1906 -2.55 29.63 -54.30
N LEU A 1907 -2.08 30.41 -53.32
CA LEU A 1907 -1.97 29.96 -51.94
C LEU A 1907 -3.31 29.52 -51.34
N VAL A 1908 -3.21 28.58 -50.41
CA VAL A 1908 -4.32 28.06 -49.64
C VAL A 1908 -3.96 28.20 -48.16
N HIS A 1909 -4.99 28.22 -47.32
CA HIS A 1909 -4.84 28.45 -45.88
C HIS A 1909 -5.62 27.39 -45.12
N VAL A 1910 -4.94 26.66 -44.25
CA VAL A 1910 -5.53 25.53 -43.54
C VAL A 1910 -4.97 25.41 -42.12
N ASP A 1911 -5.83 25.00 -41.19
CA ASP A 1911 -5.47 24.91 -39.78
C ASP A 1911 -6.49 24.19 -38.90
N LEU A 1912 -6.06 23.17 -38.16
CA LEU A 1912 -6.86 22.48 -37.14
C LEU A 1912 -5.92 21.86 -36.12
N GLU A 1913 -6.45 20.95 -35.29
CA GLU A 1913 -5.64 20.21 -34.34
C GLU A 1913 -6.45 19.06 -33.73
N SER A 1914 -5.77 17.98 -33.37
CA SER A 1914 -6.35 16.89 -32.61
C SER A 1914 -5.24 16.27 -31.76
N SER A 1915 -5.46 15.07 -31.23
CA SER A 1915 -4.50 14.45 -30.33
C SER A 1915 -3.87 13.22 -30.99
N ALA A 1916 -3.09 12.48 -30.19
CA ALA A 1916 -2.12 11.53 -30.72
C ALA A 1916 -2.76 10.46 -31.57
N SER A 1917 -2.27 10.34 -32.79
CA SER A 1917 -2.55 9.23 -33.68
C SER A 1917 -1.45 9.25 -34.73
N LEU A 1918 -0.66 8.19 -34.80
CA LEU A 1918 0.60 8.26 -35.51
C LEU A 1918 0.46 8.24 -37.01
N ASN A 1919 -0.74 8.50 -37.53
CA ASN A 1919 -0.96 8.72 -38.95
C ASN A 1919 -1.78 9.98 -39.13
N GLN A 1920 -1.76 10.54 -40.33
CA GLN A 1920 -2.50 11.76 -40.60
C GLN A 1920 -3.96 11.44 -40.93
N GLN A 1921 -4.83 12.41 -40.67
CA GLN A 1921 -6.26 12.28 -40.92
C GLN A 1921 -6.85 13.38 -41.79
N CYS A 1922 -6.06 14.38 -42.18
CA CYS A 1922 -6.51 15.46 -43.04
C CYS A 1922 -5.74 15.47 -44.36
N LEU A 1923 -5.31 14.30 -44.82
CA LEU A 1923 -4.59 14.20 -46.08
C LEU A 1923 -5.40 14.76 -47.24
N SER A 1924 -6.73 14.77 -47.11
CA SER A 1924 -7.56 15.32 -48.15
C SER A 1924 -7.18 16.75 -48.47
N LYS A 1925 -6.62 17.48 -47.52
CA LYS A 1925 -6.30 18.88 -47.77
C LYS A 1925 -4.99 19.05 -48.53
N PRO A 1926 -3.94 18.27 -48.25
CA PRO A 1926 -2.84 18.21 -49.21
C PRO A 1926 -3.28 17.77 -50.59
N ILE A 1927 -4.19 16.79 -50.67
CA ILE A 1927 -4.77 16.46 -51.97
C ILE A 1927 -5.40 17.71 -52.58
N ILE A 1928 -6.11 18.48 -51.75
CA ILE A 1928 -6.75 19.71 -52.19
C ILE A 1928 -5.74 20.64 -52.82
N ASN A 1929 -4.62 20.85 -52.13
CA ASN A 1929 -3.63 21.78 -52.66
C ASN A 1929 -3.08 21.27 -53.97
N ALA A 1930 -2.77 19.98 -54.04
CA ALA A 1930 -2.24 19.42 -55.28
C ALA A 1930 -3.19 19.70 -56.44
N ILE A 1931 -4.46 19.34 -56.28
CA ILE A 1931 -5.38 19.49 -57.39
C ILE A 1931 -5.67 20.95 -57.69
N ILE A 1932 -5.68 21.80 -56.66
CA ILE A 1932 -6.07 23.19 -56.88
C ILE A 1932 -4.95 23.93 -57.61
N THR A 1933 -3.70 23.63 -57.29
CA THR A 1933 -2.62 24.24 -58.05
C THR A 1933 -2.53 23.63 -59.44
N ALA A 1934 -2.96 22.37 -59.58
CA ALA A 1934 -3.09 21.80 -60.92
C ALA A 1934 -4.13 22.54 -61.74
N THR A 1935 -5.19 23.02 -61.09
CA THR A 1935 -6.20 23.81 -61.77
C THR A 1935 -5.87 25.29 -61.66
N PRO A 1940 3.05 26.16 -62.10
CA PRO A 1940 2.71 26.96 -60.93
C PRO A 1940 3.52 26.57 -59.72
N HIS A 1941 3.62 27.48 -58.75
CA HIS A 1941 4.31 27.23 -57.50
C HIS A 1941 3.54 27.83 -56.34
N GLY A 1942 2.22 27.79 -56.41
CA GLY A 1942 1.37 28.33 -55.36
C GLY A 1942 1.59 27.64 -54.02
N VAL A 1943 2.10 28.37 -53.07
CA VAL A 1943 2.59 27.79 -51.83
C VAL A 1943 1.49 27.79 -50.77
N LEU A 1944 1.53 26.79 -49.90
CA LEU A 1944 0.52 26.54 -48.88
C LEU A 1944 0.75 27.43 -47.65
N ILE A 1945 -0.25 27.46 -46.79
CA ILE A 1945 -0.12 27.95 -45.42
C ILE A 1945 -0.84 26.93 -44.53
N LEU A 1946 -0.09 26.32 -43.62
CA LEU A 1946 -0.59 25.15 -42.87
C LEU A 1946 -0.16 25.29 -41.43
N LYS A 1947 -1.13 25.48 -40.54
CA LYS A 1947 -0.84 25.61 -39.12
C LYS A 1947 -0.63 24.24 -38.51
N TYR A 1948 0.41 24.08 -37.69
CA TYR A 1948 0.63 22.81 -37.00
C TYR A 1948 1.57 23.06 -35.82
N SER A 1949 1.89 21.99 -35.09
CA SER A 1949 2.72 22.14 -33.91
C SER A 1949 3.35 20.79 -33.57
N TRP A 1950 4.61 20.81 -33.14
CA TRP A 1950 5.22 19.57 -32.66
C TRP A 1950 5.22 19.49 -31.14
N LEU A 1951 4.03 19.36 -30.59
CA LEU A 1951 3.94 18.80 -29.23
C LEU A 1951 4.14 17.29 -29.29
N PRO A 1952 3.43 16.52 -30.12
CA PRO A 1952 3.88 15.16 -30.42
C PRO A 1952 4.82 15.14 -31.62
N PHE A 1953 6.08 15.51 -31.37
CA PHE A 1953 7.03 15.75 -32.45
C PHE A 1953 7.05 14.64 -33.50
N THR A 1954 6.75 13.42 -33.09
CA THR A 1954 6.66 12.33 -34.04
C THR A 1954 5.68 12.67 -35.16
N ARG A 1955 4.49 13.16 -34.81
CA ARG A 1955 3.49 13.45 -35.82
C ARG A 1955 3.94 14.56 -36.75
N PHE A 1956 4.59 15.56 -36.13
CA PHE A 1956 5.14 16.75 -36.83
C PHE A 1956 6.13 16.28 -37.89
N SER A 1957 7.09 15.43 -37.49
CA SER A 1957 8.08 14.90 -38.48
C SER A 1957 7.33 14.09 -39.54
N THR A 1958 6.36 13.28 -39.11
CA THR A 1958 5.57 12.47 -40.08
C THR A 1958 4.82 13.43 -41.01
N LEU A 1959 4.24 14.49 -40.46
CA LEU A 1959 3.47 15.47 -41.29
C LEU A 1959 4.40 16.13 -42.30
N ILE A 1960 5.60 16.55 -41.89
CA ILE A 1960 6.53 17.21 -42.86
C ILE A 1960 6.95 16.20 -43.93
N THR A 1961 7.19 14.94 -43.55
CA THR A 1961 7.59 13.92 -44.56
C THR A 1961 6.44 13.73 -45.55
N PHE A 1962 5.20 13.71 -45.06
CA PHE A 1962 3.99 13.55 -45.91
C PHE A 1962 3.90 14.74 -46.87
N LEU A 1963 4.16 15.96 -46.38
CA LEU A 1963 4.10 17.18 -47.23
C LEU A 1963 5.20 17.07 -48.30
N TRP A 1964 6.38 16.59 -47.89
CA TRP A 1964 7.57 16.44 -48.76
C TRP A 1964 7.23 15.61 -50.00
N CYS A 1965 6.01 15.08 -50.08
CA CYS A 1965 5.61 14.30 -51.25
C CYS A 1965 5.89 15.06 -52.54
N TYR A 1966 5.25 16.22 -52.74
CA TYR A 1966 5.35 16.90 -54.02
C TYR A 1966 6.13 18.20 -53.92
N PHE A 1967 5.73 19.08 -53.02
CA PHE A 1967 6.20 20.46 -53.01
C PHE A 1967 7.50 20.56 -52.22
N GLU A 1968 8.52 21.13 -52.87
CA GLU A 1968 9.85 21.26 -52.30
C GLU A 1968 10.01 22.67 -51.74
N ARG A 1969 11.19 22.98 -51.18
CA ARG A 1969 11.46 24.27 -50.56
C ARG A 1969 10.42 24.58 -49.49
N ILE A 1970 10.26 23.69 -48.51
CA ILE A 1970 9.23 23.97 -47.45
C ILE A 1970 9.90 24.72 -46.29
N THR A 1971 9.34 25.89 -45.93
CA THR A 1971 9.90 26.71 -44.83
C THR A 1971 8.80 27.06 -43.81
N VAL A 1972 9.00 26.63 -42.56
CA VAL A 1972 8.07 26.89 -41.47
C VAL A 1972 8.55 28.12 -40.73
N LEU A 1973 7.60 28.92 -40.24
CA LEU A 1973 7.93 30.14 -39.52
C LEU A 1973 7.21 30.13 -38.18
N ARG A 1974 7.90 30.62 -37.16
CA ARG A 1974 7.31 30.57 -35.83
C ARG A 1974 6.51 31.83 -35.56
N SER A 1975 5.71 31.79 -34.50
CA SER A 1975 4.89 32.92 -34.10
C SER A 1975 5.71 33.88 -33.25
N THR A 1976 5.05 34.90 -32.72
CA THR A 1976 5.66 35.71 -31.68
C THR A 1976 4.62 36.08 -30.63
N TYR A 1977 3.45 35.47 -30.65
CA TYR A 1977 2.38 35.80 -29.72
C TYR A 1977 2.01 34.68 -28.76
N SER A 1978 2.31 33.44 -29.08
CA SER A 1978 1.99 32.34 -28.18
C SER A 1978 2.98 32.29 -27.03
N ASP A 1979 2.47 32.16 -25.83
CA ASP A 1979 3.26 32.23 -24.61
C ASP A 1979 4.30 31.11 -24.59
N PRO A 1980 5.24 31.10 -23.64
CA PRO A 1980 6.16 29.97 -23.54
C PRO A 1980 5.41 28.65 -23.55
N ALA A 1981 5.56 27.92 -24.64
CA ALA A 1981 4.77 26.73 -24.92
C ALA A 1981 5.30 26.15 -26.23
N ASN A 1982 5.08 24.86 -26.43
CA ASN A 1982 5.45 24.26 -27.71
C ASN A 1982 4.70 24.99 -28.80
N HIS A 1983 5.43 25.66 -29.67
CA HIS A 1983 4.81 26.66 -30.53
C HIS A 1983 3.78 26.05 -31.49
N GLU A 1984 3.07 26.92 -32.19
CA GLU A 1984 1.95 26.56 -33.05
C GLU A 1984 2.36 26.94 -34.47
N VAL A 1985 3.54 26.45 -34.84
CA VAL A 1985 4.29 27.02 -35.93
C VAL A 1985 3.56 26.83 -37.27
N TYR A 1986 3.80 27.74 -38.21
CA TYR A 1986 3.05 27.78 -39.46
C TYR A 1986 3.97 27.34 -40.60
N LEU A 1987 3.70 26.16 -41.14
CA LEU A 1987 4.38 25.68 -42.33
C LEU A 1987 3.86 26.42 -43.56
N ILE A 1988 4.69 26.48 -44.59
CA ILE A 1988 4.23 27.01 -45.86
C ILE A 1988 3.78 25.84 -46.71
N THR A 1999 5.55 12.03 -56.05
CA THR A 1999 5.54 10.57 -56.07
C THR A 1999 4.40 10.09 -56.99
N VAL A 2000 4.06 8.82 -56.94
CA VAL A 2000 3.10 8.26 -57.89
C VAL A 2000 1.66 8.63 -57.57
N SER A 2001 1.20 8.39 -56.34
CA SER A 2001 -0.19 8.65 -55.98
C SER A 2001 -0.29 8.88 -54.48
N GLN A 2002 -1.47 9.31 -54.05
CA GLN A 2002 -1.62 9.81 -52.68
C GLN A 2002 -1.47 8.69 -51.66
N ALA A 2003 -2.19 7.58 -51.85
CA ALA A 2003 -2.13 6.51 -50.86
C ALA A 2003 -0.77 5.85 -50.82
N THR A 2004 -0.06 5.81 -51.95
CA THR A 2004 1.26 5.21 -51.97
C THR A 2004 2.27 6.08 -51.23
N GLY A 2005 2.18 7.40 -51.39
CA GLY A 2005 3.01 8.27 -50.59
C GLY A 2005 2.68 8.18 -49.11
N MET A 2006 1.38 8.11 -48.80
CA MET A 2006 0.98 7.87 -47.42
C MET A 2006 1.64 6.60 -46.87
N ALA A 2007 1.64 5.54 -47.68
CA ALA A 2007 2.26 4.28 -47.26
C ALA A 2007 3.76 4.43 -47.08
N MET A 2008 4.40 5.22 -47.94
CA MET A 2008 5.82 5.54 -47.74
C MET A 2008 6.02 6.13 -46.36
N THR A 2009 5.15 7.05 -45.97
CA THR A 2009 5.25 7.63 -44.63
C THR A 2009 5.02 6.57 -43.55
N LEU A 2010 4.02 5.72 -43.75
CA LEU A 2010 3.71 4.71 -42.75
C LEU A 2010 4.90 3.81 -42.50
N THR A 2011 5.52 3.30 -43.57
CA THR A 2011 6.72 2.50 -43.38
C THR A 2011 7.91 3.34 -42.96
N ASP A 2012 7.82 4.66 -43.11
CA ASP A 2012 8.83 5.57 -42.61
C ASP A 2012 8.55 6.05 -41.21
N GLN A 2013 7.59 5.42 -40.53
CA GLN A 2013 7.27 5.82 -39.17
C GLN A 2013 8.46 5.64 -38.23
N GLY A 2014 9.20 4.54 -38.37
CA GLY A 2014 10.19 4.19 -37.37
C GLY A 2014 11.42 5.06 -37.38
N PHE A 2015 12.22 4.94 -38.43
CA PHE A 2015 13.45 5.72 -38.61
C PHE A 2015 13.33 6.50 -39.91
N THR A 2016 12.81 7.71 -39.83
CA THR A 2016 12.80 8.61 -40.98
C THR A 2016 12.58 10.05 -40.57
N LEU A 2017 13.62 10.88 -40.66
CA LEU A 2017 13.53 12.26 -40.25
C LEU A 2017 14.50 13.07 -41.10
N ILE A 2018 14.24 14.36 -41.20
CA ILE A 2018 15.10 15.24 -41.97
C ILE A 2018 15.45 16.44 -41.10
N SER A 2019 15.16 16.34 -39.80
CA SER A 2019 15.43 17.41 -38.85
C SER A 2019 16.43 16.92 -37.80
N PRO A 2020 17.69 16.70 -38.18
CA PRO A 2020 18.66 16.18 -37.23
C PRO A 2020 19.33 17.26 -36.40
N GLU A 2021 19.42 18.47 -36.93
CA GLU A 2021 20.15 19.52 -36.25
C GLU A 2021 19.36 20.82 -36.20
N ARG A 2022 18.47 21.03 -37.18
CA ARG A 2022 17.64 22.23 -37.20
C ARG A 2022 16.90 22.43 -35.88
N ILE A 2023 16.67 21.35 -35.14
CA ILE A 2023 16.16 21.42 -33.78
C ILE A 2023 16.94 22.42 -32.95
N ASN A 2024 18.25 22.52 -33.18
CA ASN A 2024 19.06 23.48 -32.44
C ASN A 2024 18.54 24.90 -32.65
N GLN A 2025 18.41 25.30 -33.91
CA GLN A 2025 17.92 26.63 -34.23
C GLN A 2025 16.51 26.82 -33.69
N TYR A 2026 15.66 25.81 -33.85
CA TYR A 2026 14.29 25.94 -33.35
C TYR A 2026 14.30 26.24 -31.86
N TRP A 2027 15.06 25.49 -31.09
CA TRP A 2027 14.92 25.60 -29.65
C TRP A 2027 15.63 26.84 -29.09
N ASP A 2028 16.78 27.21 -29.66
CA ASP A 2028 17.38 28.46 -29.20
C ASP A 2028 16.51 29.64 -29.57
N GLY A 2029 15.83 29.55 -30.73
CA GLY A 2029 14.88 30.58 -31.08
C GLY A 2029 13.66 30.58 -30.17
N HIS A 2030 13.27 29.42 -29.68
CA HIS A 2030 12.14 29.37 -28.75
C HIS A 2030 12.49 30.03 -27.44
N LEU A 2031 13.70 29.79 -26.93
CA LEU A 2031 14.09 30.46 -25.69
C LEU A 2031 14.26 31.97 -25.90
N LYS A 2032 14.84 32.35 -27.05
CA LYS A 2032 14.84 33.74 -27.46
C LYS A 2032 13.43 34.35 -27.36
N GLN A 2033 12.48 33.72 -28.05
CA GLN A 2033 11.12 34.24 -28.10
C GLN A 2033 10.52 34.31 -26.71
N GLU A 2034 10.78 33.31 -25.87
CA GLU A 2034 10.25 33.33 -24.51
C GLU A 2034 10.73 34.55 -23.76
N ARG A 2035 12.04 34.78 -23.78
CA ARG A 2035 12.57 35.98 -23.13
C ARG A 2035 11.94 37.22 -23.71
N ILE A 2036 11.80 37.27 -25.04
CA ILE A 2036 11.31 38.48 -25.71
C ILE A 2036 9.88 38.77 -25.29
N VAL A 2037 9.04 37.72 -25.26
CA VAL A 2037 7.63 37.95 -24.98
C VAL A 2037 7.43 38.25 -23.50
N ALA A 2038 8.24 37.68 -22.62
CA ALA A 2038 8.16 38.06 -21.22
C ALA A 2038 8.51 39.54 -21.06
N GLU A 2039 9.62 39.96 -21.65
CA GLU A 2039 9.98 41.37 -21.63
C GLU A 2039 8.89 42.23 -22.20
N ALA A 2040 8.24 41.77 -23.28
CA ALA A 2040 7.22 42.58 -23.92
C ALA A 2040 5.96 42.67 -23.09
N ILE A 2041 5.59 41.57 -22.41
CA ILE A 2041 4.44 41.61 -21.53
C ILE A 2041 4.69 42.59 -20.40
N ASP A 2042 5.91 42.61 -19.85
CA ASP A 2042 6.19 43.60 -18.81
C ASP A 2042 6.33 44.99 -19.40
N LYS A 2043 6.62 45.10 -20.69
CA LYS A 2043 6.66 46.41 -21.33
C LYS A 2043 5.26 46.98 -21.49
N VAL A 2044 4.30 46.14 -21.83
CA VAL A 2044 2.96 46.62 -22.14
C VAL A 2044 2.08 46.63 -20.89
N VAL A 2045 2.48 45.94 -19.83
CA VAL A 2045 1.85 46.15 -18.53
C VAL A 2045 2.45 47.43 -17.97
N LEU A 2046 3.39 48.00 -18.71
CA LEU A 2046 3.90 49.35 -18.50
C LEU A 2046 3.57 50.20 -19.73
N GLY A 2047 4.11 51.41 -19.78
CA GLY A 2047 3.65 52.38 -20.75
C GLY A 2047 4.18 52.27 -22.16
N GLU A 2048 5.03 51.30 -22.46
CA GLU A 2048 5.66 51.29 -23.77
C GLU A 2048 4.80 50.57 -24.80
N ASN A 2049 5.23 50.65 -26.07
CA ASN A 2049 4.44 50.17 -27.20
C ASN A 2049 5.19 49.11 -28.00
N ALA A 2050 4.45 48.47 -28.90
CA ALA A 2050 5.00 47.55 -29.89
C ALA A 2050 4.51 47.94 -31.28
N LEU A 2051 4.62 49.23 -31.61
CA LEU A 2051 3.93 49.81 -32.75
C LEU A 2051 4.68 49.50 -34.04
N PHE A 2052 4.35 50.28 -35.08
CA PHE A 2052 4.69 50.14 -36.50
C PHE A 2052 4.17 48.85 -37.11
N ASN A 2053 3.38 48.09 -36.35
CA ASN A 2053 2.57 47.01 -36.92
C ASN A 2053 1.14 46.99 -36.40
N SER A 2054 0.84 47.63 -35.26
CA SER A 2054 -0.55 47.75 -34.84
C SER A 2054 -1.29 48.73 -35.72
N SER A 2055 -0.59 49.72 -36.29
CA SER A 2055 -1.24 50.66 -37.20
C SER A 2055 -1.60 49.99 -38.51
N ASP A 2056 -0.72 49.12 -39.04
CA ASP A 2056 -1.06 48.33 -40.21
C ASP A 2056 -2.32 47.53 -39.97
N ASN A 2057 -2.48 47.03 -38.75
CA ASN A 2057 -3.71 46.35 -38.37
C ASN A 2057 -4.90 47.29 -38.39
N GLU A 2058 -4.81 48.39 -37.65
CA GLU A 2058 -5.96 49.27 -37.48
C GLU A 2058 -6.41 49.91 -38.78
N LEU A 2059 -5.48 50.13 -39.72
CA LEU A 2059 -5.87 50.68 -41.01
C LEU A 2059 -6.98 49.86 -41.64
N ILE A 2060 -6.73 48.57 -41.86
CA ILE A 2060 -7.77 47.70 -42.41
C ILE A 2060 -8.86 47.47 -41.38
N LEU A 2061 -8.53 47.57 -40.10
CA LEU A 2061 -9.45 47.24 -39.01
C LEU A 2061 -10.18 45.92 -39.28
N GLU A 2076 -15.34 49.04 -19.44
CA GLU A 2076 -16.31 50.06 -19.09
C GLU A 2076 -15.69 51.45 -19.17
N PRO A 2077 -16.25 52.31 -20.03
CA PRO A 2077 -15.66 53.64 -20.23
C PRO A 2077 -15.81 54.57 -19.05
N VAL A 2078 -14.91 54.45 -18.06
CA VAL A 2078 -14.88 55.33 -16.91
C VAL A 2078 -13.59 56.14 -16.94
N ALA A 2079 -13.66 57.37 -16.45
CA ALA A 2079 -12.50 58.22 -16.34
C ALA A 2079 -11.68 57.83 -15.11
N THR A 2080 -10.51 58.43 -14.98
CA THR A 2080 -9.56 58.08 -13.95
C THR A 2080 -9.42 59.20 -12.92
N PHE A 2081 -9.43 58.82 -11.65
CA PHE A 2081 -9.18 59.71 -10.52
C PHE A 2081 -8.47 58.93 -9.43
N ILE A 2082 -7.76 59.65 -8.56
CA ILE A 2082 -7.07 58.98 -7.46
C ILE A 2082 -8.06 58.30 -6.53
N GLU A 2083 -9.29 58.80 -6.46
CA GLU A 2083 -10.29 58.28 -5.54
C GLU A 2083 -11.10 57.14 -6.13
N PHE A 2084 -10.58 56.46 -7.15
CA PHE A 2084 -11.23 55.23 -7.57
C PHE A 2084 -11.21 54.20 -6.45
N GLU A 2085 -10.21 54.28 -5.57
CA GLU A 2085 -10.21 53.44 -4.38
C GLU A 2085 -11.36 53.81 -3.44
N GLN A 2086 -11.64 55.10 -3.31
CA GLN A 2086 -12.84 55.50 -2.59
C GLN A 2086 -14.10 54.95 -3.26
N LEU A 2087 -14.12 54.98 -4.60
CA LEU A 2087 -15.26 54.42 -5.32
C LEU A 2087 -15.43 52.93 -5.05
N ILE A 2088 -14.32 52.20 -5.00
CA ILE A 2088 -14.36 50.79 -4.66
C ILE A 2088 -14.90 50.60 -3.25
N CYS A 2089 -14.52 51.49 -2.34
CA CYS A 2089 -15.08 51.45 -0.99
C CYS A 2089 -16.60 51.64 -1.02
N THR A 2090 -17.07 52.56 -1.85
CA THR A 2090 -18.51 52.75 -2.00
C THR A 2090 -19.19 51.49 -2.49
N MET A 2091 -18.64 50.88 -3.54
CA MET A 2091 -19.23 49.66 -4.08
C MET A 2091 -19.24 48.56 -3.03
N LEU A 2092 -18.16 48.45 -2.25
CA LEU A 2092 -18.10 47.46 -1.19
C LEU A 2092 -19.22 47.68 -0.19
N THR A 2093 -19.40 48.92 0.26
CA THR A 2093 -20.43 49.21 1.25
C THR A 2093 -21.82 48.89 0.71
N THR A 2094 -22.09 49.26 -0.54
CA THR A 2094 -23.41 49.00 -1.11
C THR A 2094 -23.67 47.50 -1.27
N HIS A 2095 -22.67 46.77 -1.76
CA HIS A 2095 -22.84 45.32 -1.91
C HIS A 2095 -23.05 44.66 -0.55
N LEU A 2096 -22.33 45.13 0.47
CA LEU A 2096 -22.51 44.56 1.80
C LEU A 2096 -23.89 44.87 2.35
N LYS A 2097 -24.42 46.06 2.04
CA LYS A 2097 -25.78 46.38 2.43
C LYS A 2097 -26.77 45.43 1.78
N GLU A 2098 -26.59 45.17 0.48
CA GLU A 2098 -27.42 44.18 -0.19
C GLU A 2098 -27.32 42.82 0.51
N ILE A 2099 -26.10 42.44 0.88
CA ILE A 2099 -25.87 41.16 1.52
C ILE A 2099 -26.66 41.06 2.83
N ILE A 2100 -26.46 42.02 3.72
CA ILE A 2100 -27.15 41.95 5.01
C ILE A 2100 -28.65 42.08 4.82
N ASP A 2101 -29.09 42.75 3.75
CA ASP A 2101 -30.52 42.84 3.50
C ASP A 2101 -31.11 41.49 3.12
N ILE A 2102 -30.46 40.75 2.22
CA ILE A 2102 -31.06 39.51 1.76
C ILE A 2102 -31.09 38.46 2.88
N THR A 2103 -30.19 38.60 3.86
CA THR A 2103 -30.24 37.69 5.00
C THR A 2103 -31.41 37.97 5.93
N ARG A 2104 -31.57 39.22 6.36
CA ARG A 2104 -32.68 39.62 7.23
C ARG A 2104 -32.72 38.81 8.52
N GLY A 2121 -38.62 26.32 -10.66
CA GLY A 2121 -37.20 26.36 -10.36
C GLY A 2121 -36.76 27.71 -9.86
N LEU A 2122 -35.70 27.75 -9.06
CA LEU A 2122 -35.19 29.00 -8.51
C LEU A 2122 -33.67 29.06 -8.61
N LEU A 2123 -33.06 30.06 -7.96
CA LEU A 2123 -31.65 30.34 -8.19
C LEU A 2123 -30.85 30.58 -6.91
N GLY A 2124 -29.62 31.10 -7.06
CA GLY A 2124 -28.69 31.26 -5.96
C GLY A 2124 -28.86 32.57 -5.20
N LYS A 2125 -28.18 32.65 -4.06
CA LYS A 2125 -28.47 33.63 -3.03
C LYS A 2125 -27.35 34.61 -2.76
N ILE A 2126 -26.15 34.14 -2.45
CA ILE A 2126 -25.06 35.01 -2.03
C ILE A 2126 -23.86 34.79 -2.93
N SER A 2127 -23.75 33.59 -3.48
CA SER A 2127 -22.71 33.31 -4.45
C SER A 2127 -22.83 34.25 -5.64
N THR A 2128 -24.05 34.42 -6.16
CA THR A 2128 -24.25 35.26 -7.33
C THR A 2128 -23.86 36.71 -7.07
N ILE A 2129 -24.35 37.28 -5.97
CA ILE A 2129 -24.08 38.69 -5.70
C ILE A 2129 -22.59 38.88 -5.41
N VAL A 2130 -21.96 37.95 -4.69
CA VAL A 2130 -20.56 38.14 -4.37
C VAL A 2130 -19.70 38.02 -5.63
N ARG A 2131 -20.01 37.06 -6.49
CA ARG A 2131 -19.24 36.92 -7.72
C ARG A 2131 -19.42 38.14 -8.61
N LEU A 2132 -20.63 38.69 -8.67
CA LEU A 2132 -20.83 39.89 -9.48
C LEU A 2132 -20.09 41.08 -8.87
N LEU A 2133 -20.08 41.18 -7.55
CA LEU A 2133 -19.29 42.20 -6.88
C LEU A 2133 -17.84 42.14 -7.30
N THR A 2134 -17.25 40.95 -7.20
CA THR A 2134 -15.83 40.83 -7.52
C THR A 2134 -15.57 41.10 -9.00
N GLU A 2135 -16.46 40.63 -9.88
CA GLU A 2135 -16.26 40.89 -11.31
C GLU A 2135 -16.32 42.39 -11.61
N ARG A 2136 -17.27 43.08 -10.99
CA ARG A 2136 -17.38 44.52 -11.18
C ARG A 2136 -16.12 45.22 -10.67
N ILE A 2137 -15.62 44.81 -9.51
CA ILE A 2137 -14.40 45.40 -8.97
C ILE A 2137 -13.23 45.16 -9.92
N LEU A 2138 -13.16 43.96 -10.49
CA LEU A 2138 -12.09 43.64 -11.44
C LEU A 2138 -12.12 44.59 -12.63
N ASN A 2139 -13.29 44.71 -13.28
CA ASN A 2139 -13.37 45.58 -14.44
C ASN A 2139 -13.04 47.03 -14.06
N HIS A 2140 -13.50 47.47 -12.89
CA HIS A 2140 -13.20 48.83 -12.46
C HIS A 2140 -11.71 49.04 -12.30
N THR A 2141 -11.01 48.05 -11.75
CA THR A 2141 -9.57 48.19 -11.59
C THR A 2141 -8.87 48.20 -12.94
N ILE A 2142 -9.29 47.33 -13.86
CA ILE A 2142 -8.65 47.33 -15.17
C ILE A 2142 -8.89 48.65 -15.89
N ARG A 2143 -10.02 49.30 -15.63
CA ARG A 2143 -10.27 50.59 -16.27
C ARG A 2143 -9.45 51.69 -15.61
N ASN A 2144 -9.47 51.77 -14.28
CA ASN A 2144 -8.72 52.78 -13.54
C ASN A 2144 -7.25 52.44 -13.40
N TRP A 2145 -6.76 51.47 -14.19
CA TRP A 2145 -5.38 51.02 -14.17
C TRP A 2145 -4.36 52.14 -14.09
N LEU A 2146 -4.64 53.28 -14.73
CA LEU A 2146 -3.61 54.30 -14.90
C LEU A 2146 -3.35 55.07 -13.60
N ILE A 2147 -4.29 55.04 -12.67
CA ILE A 2147 -4.02 55.52 -11.31
C ILE A 2147 -3.37 54.37 -10.55
N LEU A 2148 -2.15 54.57 -10.08
CA LEU A 2148 -1.38 53.40 -9.69
C LEU A 2148 -0.28 53.66 -8.68
N PRO A 2149 -0.35 53.03 -7.53
CA PRO A 2149 0.85 52.79 -6.73
C PRO A 2149 1.62 51.60 -7.28
N PRO A 2150 2.52 51.82 -8.23
CA PRO A 2150 2.96 50.76 -9.15
C PRO A 2150 3.25 49.41 -8.51
N SER A 2151 3.71 49.40 -7.25
CA SER A 2151 3.90 48.13 -6.56
C SER A 2151 2.61 47.33 -6.52
N LEU A 2152 1.48 47.99 -6.29
CA LEU A 2152 0.21 47.28 -6.30
C LEU A 2152 -0.11 46.75 -7.68
N ARG A 2153 0.26 47.48 -8.73
CA ARG A 2153 0.06 46.95 -10.07
C ARG A 2153 0.88 45.70 -10.31
N MET A 2154 2.13 45.66 -9.83
CA MET A 2154 2.90 44.44 -9.95
C MET A 2154 2.25 43.29 -9.18
N ILE A 2155 1.73 43.60 -7.98
CA ILE A 2155 1.04 42.60 -7.20
C ILE A 2155 -0.10 41.98 -8.01
N VAL A 2156 -1.00 42.82 -8.51
CA VAL A 2156 -2.17 42.31 -9.22
C VAL A 2156 -1.74 41.67 -10.54
N LYS A 2157 -0.62 42.11 -11.11
CA LYS A 2157 -0.08 41.45 -12.29
C LYS A 2157 0.20 39.99 -12.00
N GLN A 2158 0.93 39.72 -10.92
CA GLN A 2158 1.16 38.35 -10.49
C GLN A 2158 -0.16 37.62 -10.22
N ASP A 2159 -1.02 38.24 -9.43
CA ASP A 2159 -2.27 37.60 -9.02
C ASP A 2159 -3.05 37.11 -10.24
N LEU A 2160 -3.32 38.01 -11.19
CA LEU A 2160 -3.90 37.57 -12.44
C LEU A 2160 -3.02 36.52 -13.10
N GLU A 2161 -1.71 36.66 -12.96
CA GLU A 2161 -0.79 35.56 -13.27
C GLU A 2161 -0.75 34.63 -12.06
N PHE A 2162 -1.89 33.98 -11.85
CA PHE A 2162 -2.00 32.75 -11.06
C PHE A 2162 -1.86 32.89 -9.54
N GLY A 2163 -2.99 33.18 -8.89
CA GLY A 2163 -3.07 33.81 -7.58
C GLY A 2163 -4.17 34.85 -7.65
N ILE A 2164 -5.15 34.54 -8.50
CA ILE A 2164 -6.12 35.50 -9.00
C ILE A 2164 -6.77 36.34 -7.90
N PHE A 2165 -6.60 37.65 -8.02
CA PHE A 2165 -7.38 38.69 -7.34
C PHE A 2165 -7.40 38.53 -5.81
N ARG A 2166 -6.25 38.75 -5.20
CA ARG A 2166 -6.22 39.09 -3.79
C ARG A 2166 -6.55 40.57 -3.63
N ILE A 2167 -7.32 40.90 -2.59
CA ILE A 2167 -7.80 42.27 -2.41
C ILE A 2167 -6.65 43.22 -2.12
N THR A 2168 -6.73 44.41 -2.72
CA THR A 2168 -5.76 45.48 -2.49
C THR A 2168 -6.03 46.21 -1.19
N SER A 2169 -7.20 46.85 -1.10
CA SER A 2169 -7.55 47.68 0.05
C SER A 2169 -8.17 46.87 1.18
N ILE A 2170 -7.34 46.14 1.92
CA ILE A 2170 -7.85 45.13 2.84
C ILE A 2170 -8.38 45.77 4.12
N LEU A 2171 -7.50 46.43 4.87
CA LEU A 2171 -7.90 46.93 6.18
C LEU A 2171 -8.71 48.22 6.08
N ASN A 2172 -8.49 49.00 5.02
CA ASN A 2172 -9.15 50.29 4.90
C ASN A 2172 -10.66 50.16 4.69
N SER A 2173 -11.20 48.94 4.68
CA SER A 2173 -12.65 48.79 4.73
C SER A 2173 -13.22 49.26 6.06
N ASP A 2174 -12.35 49.65 7.00
CA ASP A 2174 -12.83 50.28 8.22
C ASP A 2174 -13.69 51.49 7.92
N ARG A 2175 -13.30 52.29 6.93
CA ARG A 2175 -14.12 53.41 6.49
C ARG A 2175 -13.83 53.77 5.04
N LEU A 2186 -19.76 50.84 11.26
CA LEU A 2186 -20.15 50.28 12.55
C LEU A 2186 -21.21 49.21 12.36
N ILE A 2187 -22.37 49.61 11.83
CA ILE A 2187 -23.44 48.65 11.54
C ILE A 2187 -23.00 47.69 10.45
N ALA A 2188 -22.42 48.22 9.37
CA ALA A 2188 -21.89 47.38 8.31
C ALA A 2188 -20.78 46.46 8.82
N GLN A 2189 -20.32 46.71 10.05
CA GLN A 2189 -19.35 45.81 10.66
C GLN A 2189 -20.03 44.70 11.46
N LEU A 2190 -20.94 45.07 12.36
CA LEU A 2190 -21.48 44.08 13.28
C LEU A 2190 -22.52 43.20 12.61
N THR A 2191 -23.20 43.71 11.58
CA THR A 2191 -24.23 42.90 10.93
C THR A 2191 -23.63 41.65 10.29
N ALA A 2192 -22.41 41.75 9.78
CA ALA A 2192 -21.67 40.60 9.28
C ALA A 2192 -20.23 40.69 9.79
N GLY A 2193 -19.99 40.14 10.98
CA GLY A 2193 -18.72 40.28 11.65
C GLY A 2193 -17.55 39.57 11.03
N TYR A 2194 -17.71 39.01 9.82
CA TYR A 2194 -16.65 38.25 9.15
C TYR A 2194 -16.08 39.01 7.95
N ILE A 2195 -16.14 40.34 8.01
CA ILE A 2195 -15.73 41.16 6.87
C ILE A 2195 -14.35 40.77 6.39
N ARG A 2196 -13.45 40.44 7.30
CA ARG A 2196 -12.11 40.08 6.89
C ARG A 2196 -12.12 38.83 6.02
N LYS A 2197 -12.69 37.74 6.54
CA LYS A 2197 -12.78 36.52 5.74
C LYS A 2197 -13.45 36.79 4.41
N LEU A 2198 -14.51 37.60 4.41
CA LEU A 2198 -15.23 37.89 3.17
C LEU A 2198 -14.32 38.58 2.17
N ILE A 2199 -13.57 39.58 2.62
CA ILE A 2199 -12.60 40.24 1.76
C ILE A 2199 -11.58 39.23 1.25
N GLU A 2200 -11.22 38.27 2.08
CA GLU A 2200 -10.28 37.23 1.68
C GLU A 2200 -11.03 36.20 0.85
N GLY A 2201 -11.19 36.50 -0.44
CA GLY A 2201 -11.96 35.64 -1.32
C GLY A 2201 -11.14 35.06 -2.47
N LEU A 2207 -10.96 33.56 -11.94
CA LEU A 2207 -9.97 32.44 -11.95
C LEU A 2207 -10.28 31.52 -13.13
N THR A 2208 -11.33 31.81 -13.89
CA THR A 2208 -11.74 30.99 -15.07
C THR A 2208 -10.89 31.40 -16.27
N ARG A 2209 -10.27 30.42 -16.94
CA ARG A 2209 -9.43 30.67 -18.11
C ARG A 2209 -9.96 31.69 -19.12
N PRO A 2210 -11.16 31.50 -19.69
CA PRO A 2210 -11.58 32.44 -20.74
C PRO A 2210 -11.71 33.86 -20.23
N ILE A 2211 -12.22 34.01 -19.01
CA ILE A 2211 -12.26 35.33 -18.39
C ILE A 2211 -10.85 35.91 -18.30
N GLN A 2212 -9.86 35.07 -18.03
CA GLN A 2212 -8.50 35.57 -17.91
C GLN A 2212 -7.99 36.08 -19.24
N LYS A 2213 -8.20 35.32 -20.31
CA LYS A 2213 -7.83 35.83 -21.63
C LYS A 2213 -8.53 37.15 -21.89
N GLN A 2214 -9.80 37.25 -21.48
CA GLN A 2214 -10.55 38.47 -21.72
C GLN A 2214 -9.94 39.65 -20.98
N ILE A 2215 -9.58 39.48 -19.71
CA ILE A 2215 -9.08 40.61 -18.95
C ILE A 2215 -7.70 41.01 -19.44
N TRP A 2216 -6.90 40.04 -19.89
CA TRP A 2216 -5.61 40.40 -20.46
C TRP A 2216 -5.79 41.23 -21.73
N LYS A 2217 -6.67 40.78 -22.63
CA LYS A 2217 -6.92 41.55 -23.84
C LYS A 2217 -7.43 42.94 -23.50
N ALA A 2218 -8.27 43.05 -22.47
CA ALA A 2218 -8.82 44.35 -22.10
C ALA A 2218 -7.73 45.26 -21.55
N LEU A 2219 -6.85 44.72 -20.71
CA LEU A 2219 -5.76 45.49 -20.14
C LEU A 2219 -4.90 46.04 -21.27
N GLY A 2220 -4.62 45.18 -22.26
CA GLY A 2220 -3.84 45.63 -23.40
C GLY A 2220 -4.54 46.72 -24.19
N CYS A 2221 -5.84 46.55 -24.44
CA CYS A 2221 -6.60 47.57 -25.15
C CYS A 2221 -6.54 48.90 -24.43
N VAL A 2222 -6.69 48.89 -23.10
CA VAL A 2222 -6.65 50.13 -22.34
C VAL A 2222 -5.28 50.78 -22.44
N VAL A 2223 -4.23 50.01 -22.11
CA VAL A 2223 -2.89 50.60 -22.09
C VAL A 2223 -2.49 51.08 -23.47
N TYR A 2224 -3.13 50.56 -24.51
CA TYR A 2224 -2.87 51.08 -25.85
C TYR A 2224 -3.70 52.32 -26.13
N CYS A 2225 -4.88 52.41 -25.51
CA CYS A 2225 -5.85 53.43 -25.90
C CYS A 2225 -5.34 54.84 -25.63
N HIS A 2226 -4.94 55.11 -24.40
CA HIS A 2226 -4.60 56.47 -23.99
C HIS A 2226 -3.42 57.04 -24.79
N LEU B 346 0.60 -40.30 -16.15
CA LEU B 346 1.69 -39.56 -16.78
C LEU B 346 1.79 -39.93 -18.26
N LYS B 347 1.23 -41.08 -18.61
CA LYS B 347 1.22 -41.51 -20.00
C LYS B 347 0.44 -40.51 -20.86
N ILE B 348 -0.84 -40.33 -20.54
CA ILE B 348 -1.69 -39.42 -21.27
C ILE B 348 -1.16 -38.00 -21.21
N THR B 349 -0.36 -37.66 -20.20
CA THR B 349 0.30 -36.37 -20.18
C THR B 349 1.12 -36.17 -21.45
N LEU B 350 2.08 -37.07 -21.67
CA LEU B 350 2.90 -36.99 -22.86
C LEU B 350 2.06 -37.10 -24.12
N GLU B 351 1.02 -37.95 -24.09
CA GLU B 351 0.19 -38.09 -25.28
C GLU B 351 -0.46 -36.77 -25.67
N GLN B 352 -1.15 -36.13 -24.72
CA GLN B 352 -1.82 -34.86 -25.00
C GLN B 352 -0.82 -33.80 -25.41
N LEU B 353 0.35 -33.79 -24.76
CA LEU B 353 1.36 -32.79 -25.11
C LEU B 353 1.82 -32.96 -26.56
N ALA B 354 2.22 -34.18 -26.93
CA ALA B 354 2.68 -34.42 -28.29
C ALA B 354 1.60 -34.10 -29.30
N LYS B 355 0.36 -34.48 -29.02
CA LYS B 355 -0.73 -34.11 -29.91
C LYS B 355 -0.82 -32.59 -30.03
N ASP B 356 -0.55 -31.87 -28.94
CA ASP B 356 -0.58 -30.42 -28.95
C ASP B 356 0.62 -29.81 -29.65
N CYS B 357 1.67 -30.59 -29.92
CA CYS B 357 2.89 -30.05 -30.49
C CYS B 357 3.01 -30.24 -32.00
N ILE B 358 2.86 -31.47 -32.49
CA ILE B 358 3.23 -31.81 -33.85
C ILE B 358 1.98 -31.90 -34.72
N SER B 359 2.18 -32.00 -36.03
CA SER B 359 1.10 -32.11 -37.00
C SER B 359 1.26 -33.25 -37.99
N LYS B 360 2.47 -33.70 -38.27
CA LYS B 360 2.69 -34.68 -39.33
C LYS B 360 2.07 -36.01 -38.95
N PRO B 361 1.32 -36.66 -39.85
CA PRO B 361 0.64 -37.91 -39.47
C PRO B 361 1.59 -39.04 -39.13
N LYS B 362 2.55 -39.33 -40.00
CA LYS B 362 3.49 -40.42 -39.74
C LYS B 362 4.28 -40.16 -38.46
N MET B 363 4.76 -38.93 -38.30
CA MET B 363 5.53 -38.60 -37.11
C MET B 363 4.67 -38.70 -35.86
N ARG B 364 3.43 -38.20 -35.93
CA ARG B 364 2.51 -38.32 -34.80
C ARG B 364 2.32 -39.78 -34.42
N GLU B 365 2.05 -40.63 -35.41
CA GLU B 365 1.82 -42.05 -35.14
C GLU B 365 3.05 -42.68 -34.49
N GLU B 366 4.23 -42.46 -35.08
CA GLU B 366 5.44 -43.05 -34.55
C GLU B 366 5.72 -42.60 -33.13
N TYR B 367 5.56 -41.30 -32.86
CA TYR B 367 5.81 -40.78 -31.53
C TYR B 367 4.85 -41.38 -30.52
N LEU B 368 3.56 -41.43 -30.86
CA LEU B 368 2.59 -41.99 -29.92
C LEU B 368 2.88 -43.47 -29.67
N LEU B 369 3.32 -44.18 -30.70
CA LEU B 369 3.72 -45.57 -30.54
C LEU B 369 4.85 -45.68 -29.52
N LYS B 370 5.89 -44.86 -29.68
CA LYS B 370 7.00 -44.88 -28.74
C LYS B 370 6.55 -44.55 -27.33
N ILE B 371 5.55 -43.66 -27.21
CA ILE B 371 5.09 -43.25 -25.88
C ILE B 371 4.36 -44.39 -25.19
N ASN B 372 3.36 -44.97 -25.87
CA ASN B 372 2.46 -45.88 -25.21
C ASN B 372 3.09 -47.22 -24.83
N GLN B 373 4.38 -47.42 -25.12
CA GLN B 373 5.03 -48.68 -24.78
C GLN B 373 6.28 -48.52 -23.93
N ALA B 374 6.91 -47.35 -23.91
CA ALA B 374 8.12 -47.16 -23.14
C ALA B 374 7.83 -47.22 -21.64
N SER B 375 8.78 -47.74 -20.88
CA SER B 375 8.59 -47.90 -19.44
C SER B 375 9.78 -47.46 -18.61
N SER B 376 10.76 -46.79 -19.20
CA SER B 376 11.88 -46.25 -18.46
C SER B 376 11.66 -44.75 -18.29
N GLU B 377 11.50 -44.31 -17.04
CA GLU B 377 11.04 -42.95 -16.76
C GLU B 377 11.95 -41.91 -17.42
N ALA B 378 13.25 -42.16 -17.38
CA ALA B 378 14.18 -41.26 -18.07
C ALA B 378 13.82 -41.14 -19.54
N GLN B 379 13.39 -42.24 -20.15
CA GLN B 379 12.98 -42.15 -21.55
C GLN B 379 11.73 -41.32 -21.71
N LEU B 380 10.83 -41.34 -20.72
CA LEU B 380 9.64 -40.48 -20.80
C LEU B 380 10.03 -39.01 -20.72
N ILE B 381 10.89 -38.66 -19.76
CA ILE B 381 11.38 -37.29 -19.66
C ILE B 381 12.06 -36.87 -20.97
N ASP B 382 12.84 -37.78 -21.54
CA ASP B 382 13.55 -37.47 -22.76
C ASP B 382 12.60 -37.33 -23.94
N LEU B 383 11.54 -38.14 -23.97
CA LEU B 383 10.50 -37.97 -24.97
C LEU B 383 9.89 -36.58 -24.87
N LYS B 384 9.53 -36.17 -23.66
CA LYS B 384 8.99 -34.84 -23.45
C LYS B 384 9.94 -33.79 -24.02
N LYS B 385 11.20 -33.83 -23.60
CA LYS B 385 12.16 -32.84 -24.05
C LYS B 385 12.30 -32.84 -25.57
N ALA B 386 12.49 -34.02 -26.15
CA ALA B 386 12.71 -34.12 -27.58
C ALA B 386 11.50 -33.60 -28.37
N ILE B 387 10.31 -34.08 -28.03
CA ILE B 387 9.13 -33.72 -28.81
C ILE B 387 8.81 -32.24 -28.65
N ILE B 388 8.96 -31.70 -27.44
CA ILE B 388 8.71 -30.28 -27.28
C ILE B 388 9.82 -29.45 -27.91
N ARG B 389 10.95 -30.07 -28.22
CA ARG B 389 11.98 -29.38 -28.98
C ARG B 389 11.73 -29.46 -30.49
N SER B 390 11.02 -30.49 -30.94
CA SER B 390 10.87 -30.74 -32.36
C SER B 390 9.77 -29.90 -33.02
N ALA B 391 9.28 -28.87 -32.35
CA ALA B 391 8.22 -28.05 -32.92
C ALA B 391 8.73 -26.90 -33.77
N ILE B 392 10.05 -26.75 -33.91
CA ILE B 392 10.66 -25.60 -34.59
C ILE B 392 10.15 -24.31 -33.97
N PRO C 199 111.14 16.91 58.73
CA PRO C 199 110.73 16.73 57.33
C PRO C 199 110.00 15.43 57.09
N LEU C 200 108.83 15.53 56.47
CA LEU C 200 108.05 14.33 56.19
C LEU C 200 108.85 13.39 55.31
N GLN C 201 108.67 12.09 55.55
CA GLN C 201 109.33 11.01 54.85
C GLN C 201 108.32 10.25 54.01
N GLN C 202 108.82 9.51 53.01
CA GLN C 202 107.93 8.71 52.18
C GLN C 202 107.05 7.80 53.01
N GLY C 203 107.61 7.19 54.07
CA GLY C 203 106.84 6.28 54.89
C GLY C 203 105.70 6.94 55.62
N ASP C 204 105.75 8.26 55.78
CA ASP C 204 104.64 8.97 56.41
C ASP C 204 103.36 8.93 55.58
N LEU C 205 103.45 8.60 54.30
CA LEU C 205 102.31 8.47 53.41
C LEU C 205 101.75 7.05 53.37
N ASN C 206 102.40 6.09 54.01
CA ASN C 206 102.00 4.69 53.86
C ASN C 206 100.54 4.46 54.23
N ALA C 207 100.09 5.02 55.36
CA ALA C 207 98.72 4.75 55.77
C ALA C 207 97.73 5.24 54.73
N LEU C 208 98.00 6.41 54.13
CA LEU C 208 97.10 6.91 53.08
C LEU C 208 97.15 6.03 51.85
N VAL C 209 98.34 5.58 51.43
CA VAL C 209 98.43 4.71 50.26
C VAL C 209 97.62 3.43 50.49
N THR C 210 97.80 2.80 51.66
CA THR C 210 97.08 1.58 51.98
C THR C 210 95.57 1.81 52.00
N SER C 211 95.13 2.91 52.60
N SER C 211 95.12 2.93 52.59
CA SER C 211 93.69 3.19 52.65
CA SER C 211 93.69 3.19 52.65
C SER C 211 93.11 3.31 51.26
C SER C 211 93.09 3.34 51.27
N VAL C 212 93.82 3.96 50.34
CA VAL C 212 93.33 4.10 48.97
C VAL C 212 93.34 2.74 48.25
N GLN C 213 94.38 1.91 48.48
CA GLN C 213 94.40 0.56 47.91
C GLN C 213 93.19 -0.24 48.36
N SER C 214 92.85 -0.15 49.65
CA SER C 214 91.69 -0.89 50.15
C SER C 214 90.40 -0.34 49.55
N LEU C 215 90.24 0.99 49.51
CA LEU C 215 89.07 1.57 48.86
C LEU C 215 88.94 1.07 47.42
N ALA C 216 90.06 1.01 46.69
CA ALA C 216 90.02 0.57 45.29
C ALA C 216 89.62 -0.91 45.18
N LEU C 217 90.12 -1.77 46.07
CA LEU C 217 89.73 -3.18 46.07
CA LEU C 217 89.73 -3.18 46.07
C LEU C 217 88.23 -3.33 46.28
N ASN C 218 87.66 -2.58 47.23
CA ASN C 218 86.24 -2.71 47.52
C ASN C 218 85.39 -2.10 46.41
N VAL C 219 85.80 -0.96 45.85
CA VAL C 219 85.10 -0.41 44.70
C VAL C 219 85.12 -1.39 43.52
N ASN C 220 86.24 -2.09 43.31
CA ASN C 220 86.31 -3.06 42.22
CA ASN C 220 86.29 -3.06 42.21
C ASN C 220 85.29 -4.18 42.41
N GLU C 221 85.07 -4.60 43.67
CA GLU C 221 84.08 -5.64 43.91
C GLU C 221 82.66 -5.12 43.72
N ILE C 222 82.40 -3.86 44.05
CA ILE C 222 81.10 -3.27 43.68
C ILE C 222 80.91 -3.32 42.18
N LEU C 223 81.94 -2.91 41.42
CA LEU C 223 81.87 -2.91 39.96
C LEU C 223 81.53 -4.30 39.43
N ASN C 224 82.25 -5.32 39.93
CA ASN C 224 81.97 -6.69 39.50
C ASN C 224 80.52 -7.04 39.77
N THR C 225 79.99 -6.65 40.94
CA THR C 225 78.63 -7.03 41.30
C THR C 225 77.60 -6.27 40.46
N VAL C 226 77.81 -4.97 40.23
CA VAL C 226 76.82 -4.21 39.46
C VAL C 226 76.81 -4.61 37.99
N ARG C 227 77.96 -5.02 37.43
CA ARG C 227 77.94 -5.58 36.08
C ARG C 227 77.10 -6.84 36.04
N ASN C 228 77.17 -7.66 37.10
N ASN C 228 77.18 -7.66 37.10
CA ASN C 228 76.32 -8.84 37.16
CA ASN C 228 76.32 -8.84 37.16
C ASN C 228 74.85 -8.47 37.31
C ASN C 228 74.85 -8.47 37.31
N LEU C 229 74.54 -7.44 38.09
CA LEU C 229 73.14 -6.99 38.21
C LEU C 229 72.61 -6.55 36.85
N ASP C 230 73.43 -5.85 36.07
CA ASP C 230 73.04 -5.44 34.72
C ASP C 230 72.68 -6.64 33.86
N SER C 231 73.49 -7.69 33.91
CA SER C 231 73.22 -8.88 33.12
C SER C 231 71.96 -9.57 33.62
N ARG C 232 71.80 -9.67 34.94
CA ARG C 232 70.58 -10.26 35.49
C ARG C 232 69.35 -9.48 35.05
N MET C 233 69.44 -8.15 35.02
CA MET C 233 68.30 -7.34 34.64
C MET C 233 67.89 -7.58 33.19
N ASN C 234 68.88 -7.80 32.30
CA ASN C 234 68.56 -8.19 30.93
C ASN C 234 67.69 -9.43 30.92
N GLN C 235 68.07 -10.43 31.72
CA GLN C 235 67.32 -11.69 31.75
C GLN C 235 65.92 -11.48 32.30
N LEU C 236 65.79 -10.72 33.38
CA LEU C 236 64.47 -10.45 33.95
C LEU C 236 63.59 -9.72 32.96
N GLU C 237 64.14 -8.72 32.27
CA GLU C 237 63.33 -7.95 31.33
C GLU C 237 62.81 -8.82 30.20
N THR C 238 63.66 -9.70 29.66
CA THR C 238 63.25 -10.57 28.58
C THR C 238 62.14 -11.51 29.04
N LYS C 239 62.26 -12.04 30.26
CA LYS C 239 61.28 -13.01 30.74
C LYS C 239 59.96 -12.35 31.11
N VAL C 240 60.01 -11.13 31.66
CA VAL C 240 58.77 -10.42 31.96
C VAL C 240 58.06 -10.02 30.68
N ASP C 241 58.81 -9.63 29.65
CA ASP C 241 58.20 -9.35 28.35
C ASP C 241 57.51 -10.58 27.80
N ARG C 242 58.10 -11.76 28.00
CA ARG C 242 57.46 -13.00 27.57
C ARG C 242 56.14 -13.20 28.30
N ILE C 243 56.14 -13.05 29.62
CA ILE C 243 54.90 -13.17 30.39
C ILE C 243 53.85 -12.20 29.87
N LEU C 244 54.25 -10.94 29.67
CA LEU C 244 53.32 -9.91 29.24
C LEU C 244 52.70 -10.24 27.89
N SER C 245 53.44 -10.91 27.01
CA SER C 245 52.91 -11.25 25.70
C SER C 245 51.80 -12.29 25.80
N SER C 246 51.96 -13.27 26.70
CA SER C 246 50.94 -14.31 26.84
C SER C 246 49.63 -13.76 27.38
N GLN C 247 49.64 -12.55 27.95
CA GLN C 247 48.40 -11.95 28.41
C GLN C 247 47.39 -11.77 27.28
N SER C 248 47.81 -11.96 26.01
CA SER C 248 46.86 -11.95 24.91
C SER C 248 45.96 -13.18 24.95
N LEU C 249 46.49 -14.32 25.38
CA LEU C 249 45.66 -15.51 25.51
C LEU C 249 44.52 -15.29 26.49
N ILE C 250 44.79 -14.56 27.57
CA ILE C 250 43.79 -14.41 28.62
C ILE C 250 42.52 -13.77 28.08
N GLN C 251 42.65 -12.67 27.32
CA GLN C 251 41.45 -12.03 26.80
C GLN C 251 40.82 -12.82 25.68
N THR C 252 41.62 -13.57 24.90
CA THR C 252 41.02 -14.51 23.95
C THR C 252 40.16 -15.55 24.64
N ILE C 253 40.70 -16.16 25.70
CA ILE C 253 39.89 -17.01 26.58
C ILE C 253 38.67 -16.25 27.06
N LYS C 254 38.86 -14.97 27.40
CA LYS C 254 37.76 -14.14 27.88
C LYS C 254 36.64 -14.06 26.86
N ASN C 255 36.97 -13.73 25.61
CA ASN C 255 35.94 -13.58 24.59
C ASN C 255 35.25 -14.89 24.32
N ASP C 256 36.02 -15.96 24.12
CA ASP C 256 35.43 -17.26 23.84
C ASP C 256 34.45 -17.67 24.93
N ILE C 257 34.82 -17.45 26.20
CA ILE C 257 33.94 -17.83 27.31
C ILE C 257 32.63 -17.06 27.23
N VAL C 258 32.68 -15.81 26.79
CA VAL C 258 31.44 -15.05 26.57
C VAL C 258 30.54 -15.79 25.58
N GLY C 259 31.12 -16.29 24.49
CA GLY C 259 30.33 -17.05 23.54
C GLY C 259 29.82 -18.35 24.13
N LEU C 260 30.65 -19.04 24.92
CA LEU C 260 30.21 -20.26 25.57
C LEU C 260 29.05 -20.00 26.51
N LYS C 261 29.05 -18.83 27.16
CA LYS C 261 27.96 -18.48 28.06
C LYS C 261 26.66 -18.33 27.30
N ALA C 262 26.69 -17.57 26.19
CA ALA C 262 25.49 -17.35 25.41
C ALA C 262 25.02 -18.64 24.76
N GLY C 263 25.95 -19.37 24.14
CA GLY C 263 25.59 -20.64 23.54
C GLY C 263 24.95 -21.61 24.51
N MET C 264 25.38 -21.57 25.78
CA MET C 264 24.83 -22.50 26.75
C MET C 264 23.43 -22.11 27.18
N ALA C 265 23.19 -20.80 27.31
CA ALA C 265 21.83 -20.31 27.51
C ALA C 265 20.90 -20.83 26.42
N THR C 266 21.40 -20.86 25.17
CA THR C 266 20.62 -21.42 24.07
C THR C 266 20.24 -22.88 24.34
N LEU C 267 21.24 -23.70 24.69
CA LEU C 267 20.98 -25.12 24.94
C LEU C 267 20.01 -25.30 26.09
N GLU C 268 20.18 -24.47 27.13
CA GLU C 268 19.33 -24.48 28.35
C GLU C 268 17.89 -24.16 27.96
N GLY C 269 17.70 -23.30 26.96
CA GLY C 269 16.35 -22.92 26.50
C GLY C 269 15.60 -24.13 25.97
N MET C 270 16.29 -24.99 25.23
CA MET C 270 15.68 -26.23 24.67
C MET C 270 14.95 -26.99 25.78
N SER D 198 113.67 8.36 52.95
CA SER D 198 113.60 9.21 51.77
C SER D 198 112.59 10.31 52.02
N PRO D 199 112.98 11.56 51.81
CA PRO D 199 112.04 12.67 52.04
C PRO D 199 110.82 12.54 51.14
N LEU D 200 109.66 12.88 51.70
CA LEU D 200 108.43 12.94 50.91
C LEU D 200 108.56 14.02 49.84
N GLN D 201 108.13 13.71 48.62
CA GLN D 201 108.24 14.63 47.48
C GLN D 201 106.87 14.91 46.89
N GLN D 202 106.76 16.01 46.14
CA GLN D 202 105.50 16.31 45.46
C GLN D 202 105.04 15.15 44.59
N GLY D 203 105.98 14.46 43.93
CA GLY D 203 105.62 13.32 43.08
C GLY D 203 104.90 12.22 43.85
N ASP D 204 105.22 12.06 45.14
CA ASP D 204 104.52 11.07 45.97
C ASP D 204 103.05 11.44 46.17
N LEU D 205 102.77 12.74 46.40
CA LEU D 205 101.39 13.19 46.50
C LEU D 205 100.68 13.08 45.15
N ASN D 206 101.38 13.45 44.08
CA ASN D 206 100.80 13.39 42.75
C ASN D 206 100.42 11.96 42.38
N ALA D 207 101.22 10.98 42.80
CA ALA D 207 100.89 9.57 42.55
C ALA D 207 99.54 9.21 43.16
N LEU D 208 99.27 9.67 44.38
CA LEU D 208 97.98 9.40 45.02
C LEU D 208 96.84 10.12 44.30
N VAL D 209 97.07 11.34 43.83
CA VAL D 209 96.04 12.03 43.05
C VAL D 209 95.63 11.20 41.85
N THR D 210 96.60 10.75 41.05
CA THR D 210 96.25 9.97 39.86
C THR D 210 95.56 8.66 40.24
N SER D 211 96.01 8.01 41.32
CA SER D 211 95.34 6.80 41.80
CA SER D 211 95.34 6.80 41.78
C SER D 211 93.88 7.07 42.13
N VAL D 212 93.60 8.17 42.84
CA VAL D 212 92.22 8.49 43.21
C VAL D 212 91.41 8.83 41.96
N GLN D 213 91.98 9.57 41.01
CA GLN D 213 91.27 9.92 39.78
C GLN D 213 90.99 8.69 38.93
N SER D 214 91.88 7.70 38.98
CA SER D 214 91.65 6.44 38.27
C SER D 214 90.53 5.67 38.94
N LEU D 215 90.55 5.62 40.27
CA LEU D 215 89.46 5.02 41.02
C LEU D 215 88.12 5.71 40.71
N ALA D 216 88.16 7.03 40.54
CA ALA D 216 86.96 7.80 40.21
C ALA D 216 86.30 7.34 38.92
N LEU D 217 87.08 6.87 37.93
CA LEU D 217 86.49 6.35 36.70
C LEU D 217 85.68 5.08 36.98
N ASN D 218 86.16 4.23 37.88
CA ASN D 218 85.39 3.05 38.27
C ASN D 218 84.12 3.45 39.00
N VAL D 219 84.24 4.38 39.95
CA VAL D 219 83.06 4.95 40.61
C VAL D 219 82.07 5.52 39.59
N ASN D 220 82.56 6.22 38.57
N ASN D 220 82.56 6.18 38.55
CA ASN D 220 81.69 6.73 37.51
CA ASN D 220 81.66 6.74 37.54
C ASN D 220 80.89 5.61 36.88
C ASN D 220 80.90 5.65 36.80
N GLU D 221 81.57 4.55 36.44
CA GLU D 221 80.85 3.44 35.81
C GLU D 221 79.80 2.86 36.74
N ILE D 222 80.13 2.67 38.02
CA ILE D 222 79.14 2.18 38.97
C ILE D 222 77.92 3.09 39.00
N LEU D 223 78.15 4.39 39.12
CA LEU D 223 77.05 5.36 39.24
C LEU D 223 76.18 5.35 37.98
N ASN D 224 76.80 5.38 36.80
CA ASN D 224 76.02 5.30 35.57
C ASN D 224 75.19 4.03 35.55
N THR D 225 75.79 2.90 35.95
CA THR D 225 75.06 1.63 35.88
C THR D 225 73.92 1.56 36.89
N VAL D 226 74.13 2.01 38.14
CA VAL D 226 73.03 1.95 39.11
C VAL D 226 71.90 2.90 38.74
N ARG D 227 72.20 4.06 38.15
CA ARG D 227 71.12 4.92 37.66
C ARG D 227 70.34 4.22 36.55
N ASN D 228 71.04 3.52 35.65
CA ASN D 228 70.37 2.79 34.58
C ASN D 228 69.51 1.68 35.17
N LEU D 229 70.03 0.97 36.17
CA LEU D 229 69.24 -0.07 36.84
C LEU D 229 68.00 0.53 37.50
N ASP D 230 68.11 1.72 38.07
CA ASP D 230 66.98 2.38 38.72
C ASP D 230 65.87 2.64 37.72
N SER D 231 66.24 3.19 36.55
N SER D 231 66.23 3.20 36.55
CA SER D 231 65.26 3.43 35.50
CA SER D 231 65.23 3.42 35.52
C SER D 231 64.63 2.12 35.04
C SER D 231 64.62 2.10 35.06
N ARG D 232 65.46 1.09 34.84
CA ARG D 232 64.96 -0.18 34.33
C ARG D 232 64.09 -0.90 35.35
N MET D 233 64.38 -0.79 36.64
CA MET D 233 63.51 -1.41 37.64
C MET D 233 62.18 -0.70 37.71
N ASN D 234 62.18 0.61 37.53
CA ASN D 234 60.93 1.35 37.44
C ASN D 234 60.07 0.83 36.27
N GLN D 235 60.69 0.68 35.09
CA GLN D 235 59.95 0.18 33.93
CA GLN D 235 59.95 0.18 33.93
C GLN D 235 59.49 -1.25 34.16
N LEU D 236 60.31 -2.07 34.81
CA LEU D 236 59.93 -3.44 35.10
C LEU D 236 58.72 -3.49 36.00
N GLU D 237 58.67 -2.62 37.01
CA GLU D 237 57.54 -2.61 37.92
C GLU D 237 56.26 -2.24 37.19
N THR D 238 56.33 -1.31 36.24
CA THR D 238 55.14 -0.96 35.46
C THR D 238 54.64 -2.18 34.70
N LYS D 239 55.54 -2.97 34.13
CA LYS D 239 55.11 -4.15 33.40
C LYS D 239 54.56 -5.22 34.35
N VAL D 240 55.16 -5.36 35.53
CA VAL D 240 54.64 -6.27 36.54
C VAL D 240 53.24 -5.83 36.96
N ASP D 241 53.01 -4.51 37.03
CA ASP D 241 51.67 -3.98 37.30
C ASP D 241 50.68 -4.46 36.24
N ARG D 242 51.06 -4.36 34.98
CA ARG D 242 50.18 -4.82 33.90
C ARG D 242 49.85 -6.29 34.04
N ILE D 243 50.84 -7.12 34.40
CA ILE D 243 50.60 -8.54 34.59
C ILE D 243 49.64 -8.76 35.76
N LEU D 244 49.83 -8.04 36.86
CA LEU D 244 48.97 -8.19 38.03
C LEU D 244 47.52 -7.86 37.69
N SER D 245 47.30 -6.81 36.92
CA SER D 245 45.93 -6.43 36.58
C SER D 245 45.21 -7.55 35.84
N SER D 246 45.92 -8.27 34.98
CA SER D 246 45.28 -9.35 34.24
C SER D 246 45.10 -10.60 35.09
N GLN D 247 46.03 -10.86 36.02
CA GLN D 247 45.92 -12.04 36.87
C GLN D 247 44.57 -12.16 37.55
N SER D 248 43.83 -11.08 37.76
CA SER D 248 42.50 -11.24 38.33
C SER D 248 41.41 -11.37 37.30
N LEU D 249 41.64 -10.92 36.05
CA LEU D 249 40.82 -11.41 34.94
C LEU D 249 40.76 -12.93 34.95
N ILE D 250 41.81 -13.56 35.48
CA ILE D 250 41.81 -15.00 35.70
C ILE D 250 40.77 -15.40 36.73
N GLN D 251 40.61 -14.61 37.79
CA GLN D 251 39.65 -14.96 38.83
C GLN D 251 38.22 -14.95 38.27
N THR D 252 37.93 -13.99 37.40
CA THR D 252 36.63 -13.99 36.71
C THR D 252 36.50 -15.22 35.82
N ILE D 253 37.54 -15.55 35.07
CA ILE D 253 37.54 -16.77 34.26
C ILE D 253 37.22 -17.97 35.14
N LYS D 254 37.88 -18.07 36.28
CA LYS D 254 37.60 -19.16 37.21
C LYS D 254 36.12 -19.19 37.58
N ASN D 255 35.52 -18.03 37.82
CA ASN D 255 34.10 -17.99 38.17
C ASN D 255 33.23 -18.41 37.00
N ASP D 256 33.48 -17.84 35.82
CA ASP D 256 32.70 -18.19 34.64
C ASP D 256 32.74 -19.69 34.38
N ILE D 257 33.94 -20.29 34.50
CA ILE D 257 34.07 -21.72 34.25
C ILE D 257 33.28 -22.52 35.29
N VAL D 258 33.29 -22.07 36.55
CA VAL D 258 32.47 -22.72 37.56
C VAL D 258 30.99 -22.60 37.21
N GLY D 259 30.58 -21.45 36.68
CA GLY D 259 29.20 -21.30 36.23
C GLY D 259 28.89 -22.23 35.07
N LEU D 260 29.82 -22.36 34.13
CA LEU D 260 29.61 -23.27 33.01
C LEU D 260 29.45 -24.72 33.49
N LYS D 261 30.18 -25.10 34.54
CA LYS D 261 30.07 -26.46 35.04
C LYS D 261 28.70 -26.72 35.65
N ALA D 262 28.23 -25.81 36.51
CA ALA D 262 26.88 -25.92 37.05
C ALA D 262 25.83 -25.99 35.95
N GLY D 263 25.99 -25.19 34.90
CA GLY D 263 25.08 -25.27 33.77
C GLY D 263 25.11 -26.62 33.11
N MET D 264 26.32 -27.13 32.83
CA MET D 264 26.43 -28.39 32.11
C MET D 264 25.79 -29.53 32.90
N ALA D 265 25.95 -29.50 34.22
CA ALA D 265 25.22 -30.45 35.07
C ALA D 265 23.73 -30.25 34.95
N THR D 266 23.28 -29.00 34.79
CA THR D 266 21.85 -28.75 34.60
C THR D 266 21.36 -29.39 33.31
N LEU D 267 22.13 -29.28 32.22
CA LEU D 267 21.76 -29.93 30.98
C LEU D 267 21.62 -31.44 31.17
N GLU D 268 22.59 -32.05 31.84
CA GLU D 268 22.54 -33.49 32.08
C GLU D 268 21.40 -33.86 33.01
N GLY D 269 21.15 -33.04 34.04
CA GLY D 269 20.04 -33.31 34.94
C GLY D 269 18.70 -33.26 34.24
N MET D 270 18.53 -32.29 33.35
CA MET D 270 17.32 -32.25 32.52
C MET D 270 17.26 -33.39 31.53
N ILE D 271 18.36 -34.09 31.30
CA ILE D 271 18.39 -35.26 30.44
C ILE D 271 18.21 -34.86 28.97
N PRO E 199 110.64 22.34 51.08
CA PRO E 199 109.68 21.74 52.03
C PRO E 199 108.24 21.82 51.54
N LEU E 200 107.57 20.68 51.54
CA LEU E 200 106.20 20.65 51.10
C LEU E 200 105.35 21.57 51.97
N GLN E 201 104.37 22.21 51.33
CA GLN E 201 103.45 23.15 51.95
C GLN E 201 102.04 22.54 51.98
N GLN E 202 101.19 23.08 52.86
CA GLN E 202 99.81 22.60 52.93
C GLN E 202 99.14 22.64 51.56
N GLY E 203 99.38 23.69 50.78
CA GLY E 203 98.74 23.81 49.49
C GLY E 203 99.15 22.73 48.51
N ASP E 204 100.28 22.07 48.76
CA ASP E 204 100.70 20.98 47.89
C ASP E 204 99.78 19.77 47.97
N LEU E 205 98.95 19.70 49.02
CA LEU E 205 97.99 18.62 49.18
C LEU E 205 96.62 18.95 48.59
N ASN E 206 96.42 20.17 48.10
CA ASN E 206 95.09 20.60 47.67
C ASN E 206 94.51 19.66 46.61
N ALA E 207 95.30 19.29 45.60
CA ALA E 207 94.72 18.47 44.53
C ALA E 207 94.23 17.14 45.08
N LEU E 208 94.97 16.55 46.02
CA LEU E 208 94.54 15.29 46.61
C LEU E 208 93.28 15.49 47.44
N VAL E 209 93.20 16.56 48.23
CA VAL E 209 92.00 16.81 49.03
C VAL E 209 90.78 16.94 48.12
N THR E 210 90.91 17.73 47.05
CA THR E 210 89.80 17.93 46.12
C THR E 210 89.39 16.61 45.45
N SER E 211 90.37 15.81 45.03
N SER E 211 90.37 15.80 45.05
CA SER E 211 90.05 14.54 44.39
CA SER E 211 90.05 14.54 44.39
C SER E 211 89.26 13.63 45.32
C SER E 211 89.27 13.61 45.32
N VAL E 212 89.62 13.60 46.61
CA VAL E 212 88.89 12.78 47.56
C VAL E 212 87.49 13.34 47.83
N GLN E 213 87.35 14.68 47.90
CA GLN E 213 86.03 15.30 48.02
C GLN E 213 85.13 14.90 46.85
N SER E 214 85.67 14.92 45.64
CA SER E 214 84.86 14.55 44.48
C SER E 214 84.50 13.07 44.52
N LEU E 215 85.48 12.20 44.85
CA LEU E 215 85.16 10.78 45.00
C LEU E 215 84.04 10.58 46.02
N ALA E 216 84.09 11.30 47.13
CA ALA E 216 83.07 11.14 48.18
C ALA E 216 81.69 11.61 47.70
N LEU E 217 81.63 12.72 46.95
CA LEU E 217 80.36 13.19 46.40
CA LEU E 217 80.35 13.19 46.40
C LEU E 217 79.74 12.14 45.47
N ASN E 218 80.56 11.54 44.61
CA ASN E 218 80.03 10.56 43.66
C ASN E 218 79.65 9.26 44.36
N VAL E 219 80.45 8.81 45.32
CA VAL E 219 80.07 7.64 46.11
C VAL E 219 78.75 7.89 46.85
N ASN E 220 78.55 9.09 47.37
CA ASN E 220 77.30 9.41 48.06
CA ASN E 220 77.29 9.40 48.06
C ASN E 220 76.10 9.27 47.12
N GLU E 221 76.27 9.66 45.86
CA GLU E 221 75.17 9.53 44.91
C GLU E 221 74.92 8.06 44.55
N ILE E 222 75.97 7.24 44.48
CA ILE E 222 75.75 5.80 44.34
C ILE E 222 74.93 5.27 45.50
N LEU E 223 75.31 5.66 46.73
CA LEU E 223 74.60 5.21 47.93
C LEU E 223 73.12 5.58 47.85
N ASN E 224 72.82 6.84 47.49
CA ASN E 224 71.43 7.26 47.35
C ASN E 224 70.71 6.38 46.36
N THR E 225 71.36 6.07 45.22
CA THR E 225 70.69 5.29 44.19
C THR E 225 70.48 3.84 44.62
N VAL E 226 71.49 3.21 45.24
CA VAL E 226 71.34 1.82 45.64
C VAL E 226 70.33 1.64 46.76
N ARG E 227 70.20 2.62 47.66
CA ARG E 227 69.12 2.56 48.65
C ARG E 227 67.76 2.60 47.95
N ASN E 228 67.65 3.38 46.88
N ASN E 228 67.65 3.38 46.88
CA ASN E 228 66.41 3.38 46.11
CA ASN E 228 66.41 3.38 46.10
C ASN E 228 66.19 2.05 45.40
C ASN E 228 66.18 2.05 45.39
N LEU E 229 67.25 1.44 44.86
CA LEU E 229 67.09 0.12 44.23
C LEU E 229 66.60 -0.91 45.24
N ASP E 230 67.11 -0.85 46.47
CA ASP E 230 66.65 -1.74 47.53
C ASP E 230 65.15 -1.60 47.76
N SER E 231 64.67 -0.35 47.84
CA SER E 231 63.25 -0.11 48.04
C SER E 231 62.45 -0.60 46.86
N ARG E 232 62.92 -0.33 45.64
CA ARG E 232 62.23 -0.81 44.45
C ARG E 232 62.15 -2.34 44.45
N MET E 233 63.22 -3.01 44.87
CA MET E 233 63.23 -4.47 44.87
C MET E 233 62.20 -5.03 45.85
N ASN E 234 62.01 -4.37 47.00
CA ASN E 234 60.92 -4.76 47.90
C ASN E 234 59.60 -4.77 47.16
N GLN E 235 59.33 -3.70 46.41
CA GLN E 235 58.06 -3.58 45.70
C GLN E 235 57.92 -4.67 44.64
N LEU E 236 58.98 -4.91 43.87
CA LEU E 236 58.94 -5.94 42.83
C LEU E 236 58.70 -7.31 43.45
N GLU E 237 59.38 -7.61 44.55
CA GLU E 237 59.23 -8.92 45.17
C GLU E 237 57.82 -9.14 45.64
N THR E 238 57.20 -8.13 46.27
CA THR E 238 55.84 -8.27 46.76
C THR E 238 54.88 -8.50 45.59
N LYS E 239 55.07 -7.79 44.49
CA LYS E 239 54.14 -7.90 43.37
C LYS E 239 54.32 -9.21 42.61
N VAL E 240 55.55 -9.70 42.48
CA VAL E 240 55.77 -10.99 41.85
C VAL E 240 55.20 -12.12 42.69
N ASP E 241 55.32 -12.00 44.02
CA ASP E 241 54.70 -12.99 44.91
C ASP E 241 53.19 -13.00 44.72
N ARG E 242 52.59 -11.82 44.52
CA ARG E 242 51.15 -11.76 44.24
C ARG E 242 50.82 -12.50 42.96
N ILE E 243 51.56 -12.23 41.89
CA ILE E 243 51.33 -12.94 40.62
C ILE E 243 51.44 -14.44 40.83
N LEU E 244 52.49 -14.88 41.52
CA LEU E 244 52.74 -16.30 41.72
C LEU E 244 51.60 -16.96 42.47
N SER E 245 50.95 -16.24 43.39
CA SER E 245 49.87 -16.81 44.15
C SER E 245 48.65 -17.09 43.28
N SER E 246 48.35 -16.19 42.33
CA SER E 246 47.20 -16.37 41.46
C SER E 246 47.37 -17.57 40.53
N GLN E 247 48.59 -18.08 40.39
CA GLN E 247 48.79 -19.28 39.58
C GLN E 247 48.00 -20.46 40.10
N SER E 248 47.43 -20.37 41.31
CA SER E 248 46.54 -21.41 41.79
C SER E 248 45.23 -21.44 41.02
N LEU E 249 44.75 -20.27 40.60
CA LEU E 249 43.53 -20.23 39.78
C LEU E 249 43.71 -20.99 38.48
N ILE E 250 44.91 -20.91 37.90
CA ILE E 250 45.13 -21.51 36.58
C ILE E 250 44.88 -23.00 36.62
N GLN E 251 45.43 -23.70 37.61
CA GLN E 251 45.23 -25.14 37.65
C GLN E 251 43.81 -25.51 38.09
N THR E 252 43.18 -24.66 38.91
CA THR E 252 41.76 -24.87 39.21
C THR E 252 40.93 -24.78 37.92
N ILE E 253 41.14 -23.74 37.13
CA ILE E 253 40.57 -23.67 35.79
C ILE E 253 40.92 -24.93 35.01
N LYS E 254 42.16 -25.40 35.15
CA LYS E 254 42.61 -26.59 34.46
C LYS E 254 41.74 -27.81 34.81
N ASN E 255 41.55 -28.05 36.10
CA ASN E 255 40.79 -29.22 36.52
C ASN E 255 39.34 -29.11 36.07
N ASP E 256 38.72 -27.96 36.32
CA ASP E 256 37.31 -27.79 35.93
C ASP E 256 37.12 -28.05 34.44
N ILE E 257 38.04 -27.53 33.61
CA ILE E 257 37.91 -27.72 32.17
C ILE E 257 37.95 -29.21 31.81
N VAL E 258 38.76 -29.98 32.54
CA VAL E 258 38.76 -31.43 32.35
C VAL E 258 37.36 -31.99 32.56
N GLY E 259 36.68 -31.56 33.63
CA GLY E 259 35.31 -32.01 33.85
C GLY E 259 34.36 -31.53 32.77
N LEU E 260 34.54 -30.29 32.32
CA LEU E 260 33.70 -29.78 31.24
C LEU E 260 33.89 -30.60 29.97
N LYS E 261 35.11 -31.06 29.73
CA LYS E 261 35.38 -31.89 28.56
C LYS E 261 34.63 -33.20 28.63
N ALA E 262 34.72 -33.88 29.78
CA ALA E 262 34.05 -35.17 29.93
C ALA E 262 32.54 -34.99 29.92
N GLY E 263 32.04 -34.03 30.68
CA GLY E 263 30.62 -33.76 30.69
C GLY E 263 30.06 -33.47 29.31
N MET E 264 30.84 -32.82 28.45
CA MET E 264 30.35 -32.49 27.12
C MET E 264 30.30 -33.69 26.21
N ALA E 265 31.31 -34.57 26.34
CA ALA E 265 31.24 -35.86 25.66
C ALA E 265 29.95 -36.60 26.01
N THR E 266 29.54 -36.52 27.27
CA THR E 266 28.28 -37.11 27.69
C THR E 266 27.10 -36.53 26.91
N LEU E 267 27.01 -35.20 26.86
CA LEU E 267 25.92 -34.56 26.15
C LEU E 267 25.92 -34.92 24.67
N GLU E 268 27.11 -34.96 24.06
CA GLU E 268 27.19 -35.28 22.63
C GLU E 268 26.65 -36.67 22.35
N GLY E 269 26.94 -37.64 23.22
CA GLY E 269 26.33 -38.95 23.09
C GLY E 269 24.83 -38.89 23.18
N MET E 270 24.31 -38.09 24.11
CA MET E 270 22.88 -37.88 24.23
C MET E 270 22.39 -36.96 23.12
N SER F 198 102.18 27.53 54.88
CA SER F 198 102.27 26.69 56.06
C SER F 198 102.86 25.36 55.66
N PRO F 199 103.90 24.91 56.35
CA PRO F 199 104.51 23.62 56.03
C PRO F 199 103.51 22.49 56.18
N LEU F 200 103.58 21.53 55.25
CA LEU F 200 102.76 20.33 55.36
C LEU F 200 103.16 19.54 56.60
N GLN F 201 102.17 19.05 57.35
CA GLN F 201 102.42 18.33 58.59
C GLN F 201 101.81 16.92 58.53
N GLN F 202 102.29 16.05 59.40
CA GLN F 202 101.71 14.69 59.47
C GLN F 202 100.20 14.75 59.68
N GLY F 203 99.72 15.70 60.49
CA GLY F 203 98.29 15.81 60.72
C GLY F 203 97.50 16.06 59.46
N ASP F 204 98.09 16.75 58.48
CA ASP F 204 97.43 16.95 57.19
C ASP F 204 97.23 15.64 56.43
N LEU F 205 98.25 14.77 56.44
CA LEU F 205 98.10 13.45 55.84
C LEU F 205 97.11 12.60 56.61
N ASN F 206 97.18 12.65 57.94
CA ASN F 206 96.27 11.87 58.77
C ASN F 206 94.82 12.27 58.53
N ALA F 207 94.55 13.57 58.27
CA ALA F 207 93.20 14.01 57.97
C ALA F 207 92.66 13.31 56.72
N LEU F 208 93.50 13.16 55.69
CA LEU F 208 93.07 12.46 54.48
C LEU F 208 92.84 10.98 54.74
N VAL F 209 93.69 10.34 55.57
CA VAL F 209 93.46 8.95 55.92
C VAL F 209 92.07 8.77 56.53
N THR F 210 91.72 9.57 57.53
CA THR F 210 90.42 9.41 58.17
C THR F 210 89.29 9.70 57.18
N SER F 211 89.46 10.70 56.30
CA SER F 211 88.46 10.97 55.27
CA SER F 211 88.45 10.95 55.28
C SER F 211 88.24 9.74 54.38
N VAL F 212 89.34 9.11 53.93
CA VAL F 212 89.23 7.94 53.08
C VAL F 212 88.58 6.78 53.82
N GLN F 213 88.95 6.58 55.09
CA GLN F 213 88.37 5.49 55.89
C GLN F 213 86.89 5.73 56.15
N SER F 214 86.48 6.99 56.26
CA SER F 214 85.07 7.32 56.42
C SER F 214 84.32 7.03 55.12
N LEU F 215 84.90 7.44 54.00
CA LEU F 215 84.37 7.10 52.70
C LEU F 215 84.23 5.58 52.51
N ALA F 216 85.21 4.83 53.02
CA ALA F 216 85.19 3.37 52.93
C ALA F 216 83.96 2.77 53.60
N LEU F 217 83.44 3.38 54.67
CA LEU F 217 82.22 2.87 55.29
C LEU F 217 81.02 3.01 54.34
N ASN F 218 80.96 4.10 53.58
CA ASN F 218 79.90 4.25 52.58
C ASN F 218 80.07 3.22 51.47
N VAL F 219 81.29 3.04 50.98
CA VAL F 219 81.58 1.98 50.02
C VAL F 219 81.16 0.61 50.56
N ASN F 220 81.43 0.35 51.84
N ASN F 220 81.39 0.36 51.85
CA ASN F 220 81.00 -0.90 52.46
CA ASN F 220 81.00 -0.93 52.42
C ASN F 220 79.49 -1.09 52.32
C ASN F 220 79.49 -1.12 52.41
N GLU F 221 78.71 -0.08 52.72
CA GLU F 221 77.26 -0.20 52.63
C GLU F 221 76.83 -0.47 51.20
N ILE F 222 77.41 0.24 50.23
CA ILE F 222 77.07 -0.02 48.83
C ILE F 222 77.32 -1.48 48.48
N LEU F 223 78.50 -1.98 48.83
CA LEU F 223 78.88 -3.36 48.47
C LEU F 223 77.94 -4.37 49.11
N ASN F 224 77.66 -4.21 50.41
CA ASN F 224 76.71 -5.11 51.06
C ASN F 224 75.37 -5.07 50.36
N THR F 225 74.90 -3.87 50.00
CA THR F 225 73.58 -3.76 49.38
C THR F 225 73.55 -4.34 47.97
N VAL F 226 74.57 -4.10 47.14
CA VAL F 226 74.53 -4.68 45.79
C VAL F 226 74.67 -6.20 45.82
N ARG F 227 75.42 -6.76 46.77
CA ARG F 227 75.45 -8.22 46.90
C ARG F 227 74.07 -8.74 47.28
N ASN F 228 73.37 -8.04 48.19
CA ASN F 228 72.03 -8.45 48.58
C ASN F 228 71.09 -8.36 47.38
N LEU F 229 71.20 -7.28 46.60
CA LEU F 229 70.38 -7.16 45.39
C LEU F 229 70.67 -8.29 44.40
N ASP F 230 71.94 -8.71 44.29
CA ASP F 230 72.31 -9.80 43.39
C ASP F 230 71.60 -11.08 43.80
N SER F 231 71.63 -11.41 45.09
N SER F 231 71.63 -11.42 45.09
CA SER F 231 70.93 -12.59 45.57
CA SER F 231 70.92 -12.60 45.54
C SER F 231 69.43 -12.49 45.33
C SER F 231 69.43 -12.48 45.29
N ARG F 232 68.86 -11.31 45.60
CA ARG F 232 67.42 -11.14 45.46
C ARG F 232 66.97 -11.15 44.01
N MET F 233 67.79 -10.64 43.08
CA MET F 233 67.42 -10.71 41.67
C MET F 233 67.49 -12.15 41.16
N ASN F 234 68.43 -12.93 41.68
CA ASN F 234 68.48 -14.35 41.36
C ASN F 234 67.19 -15.05 41.81
N GLN F 235 66.76 -14.78 43.06
CA GLN F 235 65.53 -15.40 43.55
CA GLN F 235 65.53 -15.40 43.55
C GLN F 235 64.32 -14.91 42.76
N LEU F 236 64.30 -13.63 42.39
CA LEU F 236 63.21 -13.10 41.60
C LEU F 236 63.12 -13.79 40.25
N GLU F 237 64.26 -14.05 39.61
CA GLU F 237 64.25 -14.70 38.32
C GLU F 237 63.68 -16.11 38.43
N THR F 238 64.00 -16.82 39.52
CA THR F 238 63.45 -18.16 39.71
C THR F 238 61.92 -18.09 39.78
N LYS F 239 61.39 -17.09 40.48
CA LYS F 239 59.95 -16.96 40.58
C LYS F 239 59.34 -16.55 39.24
N VAL F 240 60.02 -15.69 38.49
CA VAL F 240 59.56 -15.34 37.16
C VAL F 240 59.54 -16.58 36.25
N ASP F 241 60.53 -17.46 36.45
CA ASP F 241 60.54 -18.73 35.72
C ASP F 241 59.28 -19.54 36.03
N ARG F 242 58.92 -19.62 37.31
CA ARG F 242 57.71 -20.35 37.68
C ARG F 242 56.47 -19.76 37.01
N ILE F 243 56.38 -18.43 36.96
CA ILE F 243 55.25 -17.78 36.29
C ILE F 243 55.24 -18.11 34.81
N LEU F 244 56.41 -18.06 34.17
CA LEU F 244 56.50 -18.35 32.74
C LEU F 244 56.02 -19.76 32.42
N SER F 245 56.40 -20.73 33.26
CA SER F 245 56.01 -22.11 32.99
C SER F 245 54.49 -22.25 32.98
N SER F 246 53.80 -21.52 33.84
CA SER F 246 52.34 -21.62 33.89
C SER F 246 51.69 -20.86 32.76
N GLN F 247 52.28 -19.74 32.34
CA GLN F 247 51.70 -18.94 31.26
C GLN F 247 51.39 -19.76 30.02
N SER F 248 52.06 -20.88 29.79
CA SER F 248 51.67 -21.69 28.64
C SER F 248 50.64 -22.76 28.96
N LEU F 249 50.51 -23.15 30.24
CA LEU F 249 49.29 -23.82 30.67
C LEU F 249 48.06 -23.03 30.22
N ILE F 250 48.23 -21.71 30.09
CA ILE F 250 47.19 -20.86 29.55
C ILE F 250 46.94 -21.18 28.08
N GLN F 251 48.01 -21.46 27.32
CA GLN F 251 47.83 -21.75 25.89
C GLN F 251 47.02 -23.03 25.70
N THR F 252 47.25 -24.03 26.56
CA THR F 252 46.41 -25.23 26.52
C THR F 252 44.96 -24.89 26.88
N ILE F 253 44.77 -24.08 27.92
CA ILE F 253 43.43 -23.63 28.28
C ILE F 253 42.76 -22.99 27.07
N LYS F 254 43.48 -22.10 26.38
CA LYS F 254 42.94 -21.47 25.18
C LYS F 254 42.50 -22.52 24.17
N ASN F 255 43.30 -23.58 23.99
CA ASN F 255 42.94 -24.63 23.04
C ASN F 255 41.71 -25.40 23.51
N ASP F 256 41.71 -25.83 24.77
CA ASP F 256 40.57 -26.56 25.31
C ASP F 256 39.28 -25.76 25.16
N ILE F 257 39.34 -24.46 25.45
CA ILE F 257 38.14 -23.63 25.34
C ILE F 257 37.68 -23.54 23.88
N VAL F 258 38.63 -23.44 22.95
CA VAL F 258 38.27 -23.47 21.54
C VAL F 258 37.61 -24.79 21.18
N GLY F 259 38.11 -25.89 21.72
CA GLY F 259 37.47 -27.17 21.50
C GLY F 259 36.07 -27.22 22.08
N LEU F 260 35.89 -26.67 23.29
CA LEU F 260 34.57 -26.62 23.89
C LEU F 260 33.59 -25.82 23.03
N LYS F 261 34.07 -24.76 22.38
CA LYS F 261 33.18 -23.95 21.54
C LYS F 261 32.72 -24.73 20.33
N ALA F 262 33.65 -25.38 19.62
CA ALA F 262 33.29 -26.23 18.50
C ALA F 262 32.29 -27.32 18.92
N GLY F 263 32.51 -27.91 20.09
CA GLY F 263 31.56 -28.89 20.59
C GLY F 263 30.18 -28.29 20.80
N MET F 264 30.13 -27.14 21.47
CA MET F 264 28.83 -26.54 21.79
C MET F 264 28.06 -26.21 20.53
N ALA F 265 28.77 -25.75 19.50
CA ALA F 265 28.13 -25.57 18.20
C ALA F 265 27.63 -26.90 17.64
N THR F 266 28.37 -27.98 17.90
CA THR F 266 27.92 -29.30 17.47
C THR F 266 26.60 -29.67 18.15
N LEU F 267 26.50 -29.42 19.45
CA LEU F 267 25.24 -29.68 20.16
C LEU F 267 24.09 -28.90 19.53
N GLU F 268 24.31 -27.61 19.25
CA GLU F 268 23.27 -26.80 18.65
C GLU F 268 22.96 -27.24 17.22
N GLY F 269 23.99 -27.63 16.46
CA GLY F 269 23.75 -28.11 15.11
C GLY F 269 22.94 -29.39 15.09
N MET F 270 23.24 -30.28 16.03
CA MET F 270 22.55 -31.60 16.13
C MET F 270 21.42 -31.50 17.16
N ILE F 271 20.36 -30.74 16.85
CA ILE F 271 19.20 -30.57 17.76
C ILE F 271 19.72 -30.14 19.15
ZN ZN G . -12.93 17.22 -29.77
ZN ZN H . -26.13 19.73 -17.28
#